data_1FZQ
# 
_entry.id   1FZQ 
# 
_audit_conform.dict_name       mmcif_pdbx.dic 
_audit_conform.dict_version    5.376 
_audit_conform.dict_location   http://mmcif.pdb.org/dictionaries/ascii/mmcif_pdbx.dic 
# 
loop_
_database_2.database_id 
_database_2.database_code 
_database_2.pdbx_database_accession 
_database_2.pdbx_DOI 
PDB   1FZQ         pdb_00001fzq 10.2210/pdb1fzq/pdb 
RCSB  RCSB012052   ?            ?                   
WWPDB D_1000012052 ?            ?                   
# 
_pdbx_database_status.status_code                     REL 
_pdbx_database_status.entry_id                        1FZQ 
_pdbx_database_status.recvd_initial_deposition_date   2000-10-04 
_pdbx_database_status.deposit_site                    RCSB 
_pdbx_database_status.process_site                    RCSB 
_pdbx_database_status.status_code_sf                  REL 
_pdbx_database_status.SG_entry                        . 
_pdbx_database_status.pdb_format_compatible           Y 
_pdbx_database_status.status_code_mr                  ? 
_pdbx_database_status.status_code_cs                  ? 
_pdbx_database_status.status_code_nmr_data            ? 
_pdbx_database_status.methods_development_category    ? 
# 
loop_
_audit_author.name 
_audit_author.pdbx_ordinal 
'Hillig, R.C.'     1 
'Hanzal-Bayer, M.' 2 
'Linari, M.'       3 
'Becker, J.'       4 
'Wittinghofer, A.' 5 
'Renault, L.'      6 
# 
loop_
_citation.id 
_citation.title 
_citation.journal_abbrev 
_citation.journal_volume 
_citation.page_first 
_citation.page_last 
_citation.year 
_citation.journal_id_ASTM 
_citation.country 
_citation.journal_id_ISSN 
_citation.journal_id_CSD 
_citation.book_publisher 
_citation.pdbx_database_id_PubMed 
_citation.pdbx_database_id_DOI 
primary 'Structural and biochemical properties show ARL3-GDP as a distinct GTP binding protein.' 'Structure Fold.Des.' 8   1239 
1245 2000 FODEFH UK 0969-2126 1263 ? 11188688 '10.1016/S0969-2126(00)00531-1' 
1       
;The Delta Subunit of Rod Specific Cyclic GMP Phophodiesterase, PDE Delta, Interacts with the Arf-like Protein Arl3 in a GTP Specific Manner
;
'FEBS Lett.'          458 55   59   1999 FEBLAL NE 0014-5793 0165 ? ?        '10.1016/S0014-5793(99)01117-5' 
# 
loop_
_citation_author.citation_id 
_citation_author.name 
_citation_author.ordinal 
_citation_author.identifier_ORCID 
primary 'Hillig, R.C.'     1 ? 
primary 'Hanzal-Bayer, M.' 2 ? 
primary 'Linari, M.'       3 ? 
primary 'Becker, J.'       4 ? 
primary 'Wittinghofer, A.' 5 ? 
primary 'Renault, L.'      6 ? 
1       'Linari, M.'       7 ? 
1       'Hanzal-Bayer, M.' 8 ? 
1       'Becker, J.'       9 ? 
# 
_cell.entry_id           1FZQ 
_cell.length_a           74.421 
_cell.length_b           64.583 
_cell.length_c           40.386 
_cell.angle_alpha        90.00 
_cell.angle_beta         90.00 
_cell.angle_gamma        90.00 
_cell.Z_PDB              4 
_cell.pdbx_unique_axis   ? 
# 
_symmetry.entry_id                         1FZQ 
_symmetry.space_group_name_H-M             'P 21 21 2' 
_symmetry.pdbx_full_space_group_name_H-M   ? 
_symmetry.cell_setting                     ? 
_symmetry.Int_Tables_number                18 
# 
loop_
_entity.id 
_entity.type 
_entity.src_method 
_entity.pdbx_description 
_entity.formula_weight 
_entity.pdbx_number_of_molecules 
_entity.pdbx_ec 
_entity.pdbx_mutation 
_entity.pdbx_fragment 
_entity.details 
1 polymer     man 'ADP-RIBOSYLATION FACTOR-LIKE PROTEIN 3' 20380.307 1   ? ? ? ? 
2 non-polymer syn 'SULFATE ION'                            96.063    2   ? ? ? ? 
3 non-polymer syn 'AMMONIUM ION'                           18.038    1   ? ? ? ? 
4 non-polymer syn '2-(N-MORPHOLINO)-ETHANESULFONIC ACID'   195.237   1   ? ? ? ? 
5 non-polymer syn "GUANOSINE-5'-DIPHOSPHATE"               443.201   1   ? ? ? ? 
6 water       nat water                                    18.015    163 ? ? ? ? 
# 
_entity_name_com.entity_id   1 
_entity_name_com.name        'ARF-LIKE PROTEIN 3, ARL3' 
# 
_entity_poly.entity_id                      1 
_entity_poly.type                           'polypeptide(L)' 
_entity_poly.nstd_linkage                   no 
_entity_poly.nstd_monomer                   no 
_entity_poly.pdbx_seq_one_letter_code       
;GLLSILRKLKSAPDQEVRILLLGLDNAGKTTLLKQLASEDISHITPTQGFNIKSVQSQGFKLNVWDIGGQRKIRPYWRSY
FENTDILIYVIDSADRKRFEETGQELTELLEEEKLSCVPVLIFANKQDLLTAAPASEIAEGLNLHTIRDRVWQIQSCSAL
TGEGVQDGMNWVCKNVNAKKK
;
_entity_poly.pdbx_seq_one_letter_code_can   
;GLLSILRKLKSAPDQEVRILLLGLDNAGKTTLLKQLASEDISHITPTQGFNIKSVQSQGFKLNVWDIGGQRKIRPYWRSY
FENTDILIYVIDSADRKRFEETGQELTELLEEEKLSCVPVLIFANKQDLLTAAPASEIAEGLNLHTIRDRVWQIQSCSAL
TGEGVQDGMNWVCKNVNAKKK
;
_entity_poly.pdbx_strand_id                 A 
_entity_poly.pdbx_target_identifier         ? 
# 
loop_
_entity_poly_seq.entity_id 
_entity_poly_seq.num 
_entity_poly_seq.mon_id 
_entity_poly_seq.hetero 
1 1   GLY n 
1 2   LEU n 
1 3   LEU n 
1 4   SER n 
1 5   ILE n 
1 6   LEU n 
1 7   ARG n 
1 8   LYS n 
1 9   LEU n 
1 10  LYS n 
1 11  SER n 
1 12  ALA n 
1 13  PRO n 
1 14  ASP n 
1 15  GLN n 
1 16  GLU n 
1 17  VAL n 
1 18  ARG n 
1 19  ILE n 
1 20  LEU n 
1 21  LEU n 
1 22  LEU n 
1 23  GLY n 
1 24  LEU n 
1 25  ASP n 
1 26  ASN n 
1 27  ALA n 
1 28  GLY n 
1 29  LYS n 
1 30  THR n 
1 31  THR n 
1 32  LEU n 
1 33  LEU n 
1 34  LYS n 
1 35  GLN n 
1 36  LEU n 
1 37  ALA n 
1 38  SER n 
1 39  GLU n 
1 40  ASP n 
1 41  ILE n 
1 42  SER n 
1 43  HIS n 
1 44  ILE n 
1 45  THR n 
1 46  PRO n 
1 47  THR n 
1 48  GLN n 
1 49  GLY n 
1 50  PHE n 
1 51  ASN n 
1 52  ILE n 
1 53  LYS n 
1 54  SER n 
1 55  VAL n 
1 56  GLN n 
1 57  SER n 
1 58  GLN n 
1 59  GLY n 
1 60  PHE n 
1 61  LYS n 
1 62  LEU n 
1 63  ASN n 
1 64  VAL n 
1 65  TRP n 
1 66  ASP n 
1 67  ILE n 
1 68  GLY n 
1 69  GLY n 
1 70  GLN n 
1 71  ARG n 
1 72  LYS n 
1 73  ILE n 
1 74  ARG n 
1 75  PRO n 
1 76  TYR n 
1 77  TRP n 
1 78  ARG n 
1 79  SER n 
1 80  TYR n 
1 81  PHE n 
1 82  GLU n 
1 83  ASN n 
1 84  THR n 
1 85  ASP n 
1 86  ILE n 
1 87  LEU n 
1 88  ILE n 
1 89  TYR n 
1 90  VAL n 
1 91  ILE n 
1 92  ASP n 
1 93  SER n 
1 94  ALA n 
1 95  ASP n 
1 96  ARG n 
1 97  LYS n 
1 98  ARG n 
1 99  PHE n 
1 100 GLU n 
1 101 GLU n 
1 102 THR n 
1 103 GLY n 
1 104 GLN n 
1 105 GLU n 
1 106 LEU n 
1 107 THR n 
1 108 GLU n 
1 109 LEU n 
1 110 LEU n 
1 111 GLU n 
1 112 GLU n 
1 113 GLU n 
1 114 LYS n 
1 115 LEU n 
1 116 SER n 
1 117 CYS n 
1 118 VAL n 
1 119 PRO n 
1 120 VAL n 
1 121 LEU n 
1 122 ILE n 
1 123 PHE n 
1 124 ALA n 
1 125 ASN n 
1 126 LYS n 
1 127 GLN n 
1 128 ASP n 
1 129 LEU n 
1 130 LEU n 
1 131 THR n 
1 132 ALA n 
1 133 ALA n 
1 134 PRO n 
1 135 ALA n 
1 136 SER n 
1 137 GLU n 
1 138 ILE n 
1 139 ALA n 
1 140 GLU n 
1 141 GLY n 
1 142 LEU n 
1 143 ASN n 
1 144 LEU n 
1 145 HIS n 
1 146 THR n 
1 147 ILE n 
1 148 ARG n 
1 149 ASP n 
1 150 ARG n 
1 151 VAL n 
1 152 TRP n 
1 153 GLN n 
1 154 ILE n 
1 155 GLN n 
1 156 SER n 
1 157 CYS n 
1 158 SER n 
1 159 ALA n 
1 160 LEU n 
1 161 THR n 
1 162 GLY n 
1 163 GLU n 
1 164 GLY n 
1 165 VAL n 
1 166 GLN n 
1 167 ASP n 
1 168 GLY n 
1 169 MET n 
1 170 ASN n 
1 171 TRP n 
1 172 VAL n 
1 173 CYS n 
1 174 LYS n 
1 175 ASN n 
1 176 VAL n 
1 177 ASN n 
1 178 ALA n 
1 179 LYS n 
1 180 LYS n 
1 181 LYS n 
# 
_entity_src_gen.entity_id                          1 
_entity_src_gen.pdbx_src_id                        1 
_entity_src_gen.pdbx_alt_source_flag               sample 
_entity_src_gen.pdbx_seq_type                      ? 
_entity_src_gen.pdbx_beg_seq_num                   ? 
_entity_src_gen.pdbx_end_seq_num                   ? 
_entity_src_gen.gene_src_common_name               'house mouse' 
_entity_src_gen.gene_src_genus                     Mus 
_entity_src_gen.pdbx_gene_src_gene                 ? 
_entity_src_gen.gene_src_species                   ? 
_entity_src_gen.gene_src_strain                    ? 
_entity_src_gen.gene_src_tissue                    ? 
_entity_src_gen.gene_src_tissue_fraction           ? 
_entity_src_gen.gene_src_details                   ? 
_entity_src_gen.pdbx_gene_src_fragment             ? 
_entity_src_gen.pdbx_gene_src_scientific_name      'Mus musculus' 
_entity_src_gen.pdbx_gene_src_ncbi_taxonomy_id     10090 
_entity_src_gen.pdbx_gene_src_variant              ? 
_entity_src_gen.pdbx_gene_src_cell_line            ? 
_entity_src_gen.pdbx_gene_src_atcc                 ? 
_entity_src_gen.pdbx_gene_src_organ                ? 
_entity_src_gen.pdbx_gene_src_organelle            ? 
_entity_src_gen.pdbx_gene_src_cell                 ? 
_entity_src_gen.pdbx_gene_src_cellular_location    ? 
_entity_src_gen.host_org_common_name               ? 
_entity_src_gen.pdbx_host_org_scientific_name      'Escherichia coli' 
_entity_src_gen.pdbx_host_org_ncbi_taxonomy_id     562 
_entity_src_gen.host_org_genus                     Escherichia 
_entity_src_gen.pdbx_host_org_gene                 ? 
_entity_src_gen.pdbx_host_org_organ                ? 
_entity_src_gen.host_org_species                   ? 
_entity_src_gen.pdbx_host_org_tissue               ? 
_entity_src_gen.pdbx_host_org_tissue_fraction      ? 
_entity_src_gen.pdbx_host_org_strain               ? 
_entity_src_gen.pdbx_host_org_variant              ? 
_entity_src_gen.pdbx_host_org_cell_line            ? 
_entity_src_gen.pdbx_host_org_atcc                 ? 
_entity_src_gen.pdbx_host_org_culture_collection   ? 
_entity_src_gen.pdbx_host_org_cell                 ? 
_entity_src_gen.pdbx_host_org_organelle            ? 
_entity_src_gen.pdbx_host_org_cellular_location    ? 
_entity_src_gen.pdbx_host_org_vector_type          ? 
_entity_src_gen.pdbx_host_org_vector               ? 
_entity_src_gen.host_org_details                   ? 
_entity_src_gen.expression_system_id               ? 
_entity_src_gen.plasmid_name                       PET21D 
_entity_src_gen.plasmid_details                    ? 
_entity_src_gen.pdbx_description                   ? 
# 
_struct_ref.id                         1 
_struct_ref.db_code                    ARL3_MOUSE 
_struct_ref.db_name                    UNP 
_struct_ref.entity_id                  1 
_struct_ref.pdbx_db_accession          Q9WUL7 
_struct_ref.pdbx_align_begin           2 
_struct_ref.pdbx_seq_one_letter_code   
;GLLSILRKLKSAPDQEVRILLLGLDNAGKTTLLKQLASEDISHITPTQGFNIKSVQSQGFKLNVWDIGGQRKIRPYWRSY
FENTDILIYVIDSADRKRFEETGQELTELLEEEKLSCVPVLIFANKQDLLTAAPASEIAEGLNLHTIRDRVWQIQSCSAL
TGEGVQDGMNWVCKNVNAKKK
;
_struct_ref.pdbx_db_isoform            ? 
# 
_struct_ref_seq.align_id                      1 
_struct_ref_seq.ref_id                        1 
_struct_ref_seq.pdbx_PDB_id_code              1FZQ 
_struct_ref_seq.pdbx_strand_id                A 
_struct_ref_seq.seq_align_beg                 1 
_struct_ref_seq.pdbx_seq_align_beg_ins_code   ? 
_struct_ref_seq.seq_align_end                 181 
_struct_ref_seq.pdbx_seq_align_end_ins_code   ? 
_struct_ref_seq.pdbx_db_accession             Q9WUL7 
_struct_ref_seq.db_align_beg                  2 
_struct_ref_seq.pdbx_db_align_beg_ins_code    ? 
_struct_ref_seq.db_align_end                  182 
_struct_ref_seq.pdbx_db_align_end_ins_code    ? 
_struct_ref_seq.pdbx_auth_seq_align_beg       2 
_struct_ref_seq.pdbx_auth_seq_align_end       182 
# 
loop_
_chem_comp.id 
_chem_comp.type 
_chem_comp.mon_nstd_flag 
_chem_comp.name 
_chem_comp.pdbx_synonyms 
_chem_comp.formula 
_chem_comp.formula_weight 
ALA 'L-peptide linking' y ALANINE                                ? 'C3 H7 N O2'        89.093  
ARG 'L-peptide linking' y ARGININE                               ? 'C6 H15 N4 O2 1'    175.209 
ASN 'L-peptide linking' y ASPARAGINE                             ? 'C4 H8 N2 O3'       132.118 
ASP 'L-peptide linking' y 'ASPARTIC ACID'                        ? 'C4 H7 N O4'        133.103 
CYS 'L-peptide linking' y CYSTEINE                               ? 'C3 H7 N O2 S'      121.158 
GDP 'RNA linking'       n "GUANOSINE-5'-DIPHOSPHATE"             ? 'C10 H15 N5 O11 P2' 443.201 
GLN 'L-peptide linking' y GLUTAMINE                              ? 'C5 H10 N2 O3'      146.144 
GLU 'L-peptide linking' y 'GLUTAMIC ACID'                        ? 'C5 H9 N O4'        147.129 
GLY 'peptide linking'   y GLYCINE                                ? 'C2 H5 N O2'        75.067  
HIS 'L-peptide linking' y HISTIDINE                              ? 'C6 H10 N3 O2 1'    156.162 
HOH non-polymer         . WATER                                  ? 'H2 O'              18.015  
ILE 'L-peptide linking' y ISOLEUCINE                             ? 'C6 H13 N O2'       131.173 
LEU 'L-peptide linking' y LEUCINE                                ? 'C6 H13 N O2'       131.173 
LYS 'L-peptide linking' y LYSINE                                 ? 'C6 H15 N2 O2 1'    147.195 
MES non-polymer         . '2-(N-MORPHOLINO)-ETHANESULFONIC ACID' ? 'C6 H13 N O4 S'     195.237 
MET 'L-peptide linking' y METHIONINE                             ? 'C5 H11 N O2 S'     149.211 
NH4 non-polymer         . 'AMMONIUM ION'                         ? 'H4 N 1'            18.038  
PHE 'L-peptide linking' y PHENYLALANINE                          ? 'C9 H11 N O2'       165.189 
PRO 'L-peptide linking' y PROLINE                                ? 'C5 H9 N O2'        115.130 
SER 'L-peptide linking' y SERINE                                 ? 'C3 H7 N O3'        105.093 
SO4 non-polymer         . 'SULFATE ION'                          ? 'O4 S -2'           96.063  
THR 'L-peptide linking' y THREONINE                              ? 'C4 H9 N O3'        119.119 
TRP 'L-peptide linking' y TRYPTOPHAN                             ? 'C11 H12 N2 O2'     204.225 
TYR 'L-peptide linking' y TYROSINE                               ? 'C9 H11 N O3'       181.189 
VAL 'L-peptide linking' y VALINE                                 ? 'C5 H11 N O2'       117.146 
# 
_exptl.entry_id          1FZQ 
_exptl.method            'X-RAY DIFFRACTION' 
_exptl.crystals_number   2 
# 
_exptl_crystal.id                    1 
_exptl_crystal.density_meas          ? 
_exptl_crystal.density_percent_sol   48.33 
_exptl_crystal.density_Matthews      2.38 
_exptl_crystal.description           ? 
# 
_exptl_crystal_grow.crystal_id      1 
_exptl_crystal_grow.method          'VAPOR DIFFUSION, HANGING DROP' 
_exptl_crystal_grow.pH              6.0 
_exptl_crystal_grow.temp            293.0 
_exptl_crystal_grow.temp_details    ? 
_exptl_crystal_grow.pdbx_details    
'ammonium sulphate, MES, magnesium chloride, DTE, pH 6.0, VAPOR DIFFUSION, HANGING DROP, temperature 293.0K' 
_exptl_crystal_grow.pdbx_pH_range   . 
# 
_diffrn.id                     1 
_diffrn.ambient_temp           100 
_diffrn.ambient_temp_details   ? 
_diffrn.crystal_id             1 
# 
_diffrn_detector.diffrn_id              1 
_diffrn_detector.detector               CCD 
_diffrn_detector.type                   MARRESEARCH 
_diffrn_detector.pdbx_collection_date   1999-09-12 
_diffrn_detector.details                ? 
# 
_diffrn_radiation.diffrn_id                        1 
_diffrn_radiation.wavelength_id                    1 
_diffrn_radiation.monochromator                    ? 
_diffrn_radiation.pdbx_monochromatic_or_laue_m_l   M 
_diffrn_radiation.pdbx_diffrn_protocol             'SINGLE WAVELENGTH' 
_diffrn_radiation.pdbx_scattering_type             x-ray 
# 
_diffrn_radiation_wavelength.id           1 
_diffrn_radiation_wavelength.wavelength   0.782 
_diffrn_radiation_wavelength.wt           1.0 
# 
_diffrn_source.diffrn_id                   1 
_diffrn_source.source                      SYNCHROTRON 
_diffrn_source.type                        'ESRF BEAMLINE ID13' 
_diffrn_source.pdbx_wavelength             0.782 
_diffrn_source.pdbx_synchrotron_site       ESRF 
_diffrn_source.pdbx_synchrotron_beamline   ID13 
_diffrn_source.pdbx_wavelength_list        ? 
# 
_reflns.entry_id                     1FZQ 
_reflns.observed_criterion_sigma_I   0.0 
_reflns.observed_criterion_sigma_F   0.0 
_reflns.d_resolution_low             29.62 
_reflns.d_resolution_high            1.70 
_reflns.number_obs                   22047 
_reflns.number_all                   22084 
_reflns.percent_possible_obs         99.7 
_reflns.pdbx_Rmerge_I_obs            0.0910000 
_reflns.pdbx_Rsym_value              ? 
_reflns.pdbx_netI_over_sigmaI        22.2 
_reflns.B_iso_Wilson_estimate        18.9 
_reflns.pdbx_redundancy              17.1 
_reflns.R_free_details               ? 
_reflns.limit_h_max                  ? 
_reflns.limit_h_min                  ? 
_reflns.limit_k_max                  ? 
_reflns.limit_k_min                  ? 
_reflns.limit_l_max                  ? 
_reflns.limit_l_min                  ? 
_reflns.observed_criterion_F_max     ? 
_reflns.observed_criterion_F_min     ? 
_reflns.pdbx_diffrn_id               1 
_reflns.pdbx_ordinal                 1 
# 
_reflns_shell.d_res_high             1.70 
_reflns_shell.d_res_low              1.73 
_reflns_shell.percent_possible_obs   ? 
_reflns_shell.percent_possible_all   98.7 
_reflns_shell.Rmerge_I_obs           0.2990000 
_reflns_shell.meanI_over_sigI_obs    6.7 
_reflns_shell.pdbx_Rsym_value        ? 
_reflns_shell.pdbx_redundancy        15.1 
_reflns_shell.number_unique_all      1098 
_reflns_shell.pdbx_diffrn_id         ? 
_reflns_shell.pdbx_ordinal           1 
# 
_refine.entry_id                                 1FZQ 
_refine.ls_number_reflns_obs                     22047 
_refine.ls_number_reflns_all                     22047 
_refine.pdbx_ls_sigma_I                          0.0 
_refine.pdbx_ls_sigma_F                          0.0 
_refine.pdbx_data_cutoff_high_absF               114931615.66 
_refine.pdbx_data_cutoff_low_absF                0.00 
_refine.ls_d_res_low                             29.62 
_refine.ls_d_res_high                            1.70 
_refine.ls_percent_reflns_obs                    99.7 
_refine.ls_R_factor_obs                          0.2150000 
_refine.ls_R_factor_all                          0.2150000 
_refine.ls_R_factor_R_work                       0.2130000 
_refine.ls_R_factor_R_free                       0.2350000 
_refine.ls_R_factor_R_free_error                 0.005 
_refine.ls_R_factor_R_free_error_details         ? 
_refine.ls_percent_reflns_R_free                 9.1 
_refine.ls_number_reflns_R_free                  2005 
_refine.ls_number_parameters                     ? 
_refine.ls_number_restraints                     ? 
_refine.occupancy_min                            ? 
_refine.occupancy_max                            ? 
_refine.B_iso_mean                               23.8 
_refine.aniso_B[1][1]                            -2.43 
_refine.aniso_B[2][2]                            0.60 
_refine.aniso_B[3][3]                            1.82 
_refine.aniso_B[1][2]                            0.00 
_refine.aniso_B[1][3]                            0.00 
_refine.aniso_B[2][3]                            0.00 
_refine.solvent_model_details                    'FLAT MODEL' 
_refine.solvent_model_param_ksol                 0.366 
_refine.solvent_model_param_bsol                 45.72 
_refine.pdbx_ls_cross_valid_method               THROUGHOUT 
_refine.details                                  ? 
_refine.pdbx_starting_model                      'human ARF1-GDP, PDB ENTRY 1HUR' 
_refine.pdbx_method_to_determine_struct          'MOLECULAR REPLACEMENT' 
_refine.pdbx_isotropic_thermal_model             RESTRAINED 
_refine.pdbx_stereochemistry_target_values       'Engh & Huber' 
_refine.pdbx_stereochem_target_val_spec_case     ? 
_refine.pdbx_R_Free_selection_details            RANDOM 
_refine.pdbx_overall_ESU_R_Free                  ? 
_refine.overall_SU_B                             ? 
_refine.ls_redundancy_reflns_obs                 ? 
_refine.B_iso_min                                ? 
_refine.B_iso_max                                ? 
_refine.overall_SU_ML                            ? 
_refine.pdbx_overall_ESU_R                       ? 
_refine.pdbx_data_cutoff_high_rms_absF           ? 
_refine.pdbx_refine_id                           'X-RAY DIFFRACTION' 
_refine.pdbx_diffrn_id                           1 
_refine.pdbx_TLS_residual_ADP_flag               ? 
_refine.correlation_coeff_Fo_to_Fc               ? 
_refine.correlation_coeff_Fo_to_Fc_free          ? 
_refine.pdbx_solvent_vdw_probe_radii             ? 
_refine.pdbx_solvent_ion_probe_radii             ? 
_refine.pdbx_solvent_shrinkage_radii             ? 
_refine.pdbx_overall_phase_error                 ? 
_refine.overall_SU_R_Cruickshank_DPI             ? 
_refine.pdbx_overall_SU_R_free_Cruickshank_DPI   ? 
_refine.pdbx_overall_SU_R_Blow_DPI               ? 
_refine.pdbx_overall_SU_R_free_Blow_DPI          ? 
# 
_refine_analyze.entry_id                        1FZQ 
_refine_analyze.Luzzati_coordinate_error_obs    0.21 
_refine_analyze.Luzzati_sigma_a_obs             0.11 
_refine_analyze.Luzzati_d_res_low_obs           5.00 
_refine_analyze.Luzzati_coordinate_error_free   0.24 
_refine_analyze.Luzzati_sigma_a_free            0.16 
_refine_analyze.Luzzati_d_res_low_free          ? 
_refine_analyze.number_disordered_residues      ? 
_refine_analyze.occupancy_sum_hydrogen          ? 
_refine_analyze.occupancy_sum_non_hydrogen      ? 
_refine_analyze.pdbx_Luzzati_d_res_high_obs     ? 
_refine_analyze.pdbx_refine_id                  'X-RAY DIFFRACTION' 
# 
_refine_hist.pdbx_refine_id                   'X-RAY DIFFRACTION' 
_refine_hist.cycle_id                         LAST 
_refine_hist.pdbx_number_atoms_protein        1414 
_refine_hist.pdbx_number_atoms_nucleic_acid   0 
_refine_hist.pdbx_number_atoms_ligand         51 
_refine_hist.number_atoms_solvent             163 
_refine_hist.number_atoms_total               1628 
_refine_hist.d_res_high                       1.70 
_refine_hist.d_res_low                        29.62 
# 
loop_
_refine_ls_restr.type 
_refine_ls_restr.dev_ideal 
_refine_ls_restr.dev_ideal_target 
_refine_ls_restr.weight 
_refine_ls_restr.number 
_refine_ls_restr.pdbx_refine_id 
_refine_ls_restr.pdbx_restraint_function 
c_bond_d           0.006 ?    ? ? 'X-RAY DIFFRACTION' ? 
c_angle_deg        1.4   ?    ? ? 'X-RAY DIFFRACTION' ? 
c_dihedral_angle_d 23.3  ?    ? ? 'X-RAY DIFFRACTION' ? 
c_improper_angle_d 0.80  ?    ? ? 'X-RAY DIFFRACTION' ? 
c_mcbond_it        1.53  1.50 ? ? 'X-RAY DIFFRACTION' ? 
c_mcangle_it       2.55  2.00 ? ? 'X-RAY DIFFRACTION' ? 
c_scbond_it        2.02  2.00 ? ? 'X-RAY DIFFRACTION' ? 
c_scangle_it       3.12  2.50 ? ? 'X-RAY DIFFRACTION' ? 
# 
_refine_ls_shell.pdbx_total_number_of_bins_used   6 
_refine_ls_shell.d_res_high                       1.70 
_refine_ls_shell.d_res_low                        1.81 
_refine_ls_shell.number_reflns_R_work             3271 
_refine_ls_shell.R_factor_R_work                  0.2360000 
_refine_ls_shell.percent_reflns_obs               100.0 
_refine_ls_shell.R_factor_R_free                  0.2630000 
_refine_ls_shell.R_factor_R_free_error            0.015 
_refine_ls_shell.percent_reflns_R_free            9.1 
_refine_ls_shell.number_reflns_R_free             326 
_refine_ls_shell.redundancy_reflns_obs            ? 
_refine_ls_shell.number_reflns_all                ? 
_refine_ls_shell.number_reflns_obs                ? 
_refine_ls_shell.pdbx_refine_id                   'X-RAY DIFFRACTION' 
_refine_ls_shell.R_factor_all                     ? 
# 
loop_
_pdbx_xplor_file.serial_no 
_pdbx_xplor_file.param_file 
_pdbx_xplor_file.topol_file 
_pdbx_xplor_file.pdbx_refine_id 
1 PROTEIN_REP.PARAM PROTEIN.TOP 'X-RAY DIFFRACTION' 
2 WATER_REP.PARAM   WATER.TOP   'X-RAY DIFFRACTION' 
3 GDP.PARAM         GDP.TOP     'X-RAY DIFFRACTION' 
4 ION.PARAM         ION.TOP     'X-RAY DIFFRACTION' 
5 MES.PARAM         MES.TOP     'X-RAY DIFFRACTION' 
# 
_struct.entry_id                  1FZQ 
_struct.title                     'CRYSTAL STRUCTURE OF MURINE ARL3-GDP' 
_struct.pdbx_model_details        ? 
_struct.pdbx_CASP_flag            ? 
_struct.pdbx_model_type_details   ? 
# 
_struct_keywords.entry_id        1FZQ 
_struct_keywords.pdbx_keywords   'SIGNALING PROTEIN' 
_struct_keywords.text            'Protein-GDP complex without magnesium, ARF family, Ras Superfamily, G-domain, SIGNALING PROTEIN' 
# 
loop_
_struct_asym.id 
_struct_asym.pdbx_blank_PDB_chainid_flag 
_struct_asym.pdbx_modified 
_struct_asym.entity_id 
_struct_asym.details 
A N N 1 ? 
B N N 2 ? 
C N N 2 ? 
D N N 3 ? 
E N N 4 ? 
F N N 5 ? 
G N N 6 ? 
# 
_struct_biol.id                    1 
_struct_biol.details               
;The biological active unit is most probably a monomer. The electron density map showed a disulphide bridge between Cys 118 and a symmetry-related Cys 118 of a crystal neighbour. This is considered to be a crystallization artefact and was not included in the model.
;
_struct_biol.pdbx_parent_biol_id   ? 
# 
loop_
_struct_conf.conf_type_id 
_struct_conf.id 
_struct_conf.pdbx_PDB_helix_id 
_struct_conf.beg_label_comp_id 
_struct_conf.beg_label_asym_id 
_struct_conf.beg_label_seq_id 
_struct_conf.pdbx_beg_PDB_ins_code 
_struct_conf.end_label_comp_id 
_struct_conf.end_label_asym_id 
_struct_conf.end_label_seq_id 
_struct_conf.pdbx_end_PDB_ins_code 
_struct_conf.beg_auth_comp_id 
_struct_conf.beg_auth_asym_id 
_struct_conf.beg_auth_seq_id 
_struct_conf.end_auth_comp_id 
_struct_conf.end_auth_asym_id 
_struct_conf.end_auth_seq_id 
_struct_conf.pdbx_PDB_helix_class 
_struct_conf.details 
_struct_conf.pdbx_PDB_helix_length 
HELX_P HELX_P1  1  SER A 4   ? LEU A 9   ? SER A 5   LEU A 10  1 ? 6  
HELX_P HELX_P2  2  GLY A 28  ? ALA A 37  ? GLY A 29  ALA A 38  1 ? 10 
HELX_P HELX_P3  3  GLN A 70  ? LYS A 72  ? GLN A 71  LYS A 73  5 ? 3  
HELX_P HELX_P4  4  ILE A 73  ? GLU A 82  ? ILE A 74  GLU A 83  1 ? 10 
HELX_P HELX_P5  5  ASP A 95  ? LYS A 97  ? ASP A 96  LYS A 98  5 ? 3  
HELX_P HELX_P6  6  ARG A 98  ? LEU A 110 ? ARG A 99  LEU A 111 1 ? 13 
HELX_P HELX_P7  7  GLU A 111 ? SER A 116 ? GLU A 112 SER A 117 5 ? 6  
HELX_P HELX_P8  8  PRO A 134 ? LEU A 142 ? PRO A 135 LEU A 143 1 ? 9  
HELX_P HELX_P9  9  ASN A 143 ? ILE A 147 ? ASN A 144 ILE A 148 5 ? 5  
HELX_P HELX_P10 10 GLY A 164 ? ASN A 175 ? GLY A 165 ASN A 176 1 ? 12 
# 
_struct_conf_type.id          HELX_P 
_struct_conf_type.criteria    ? 
_struct_conf_type.reference   ? 
# 
_struct_sheet.id               A 
_struct_sheet.type             ? 
_struct_sheet.number_strands   7 
_struct_sheet.details          ? 
# 
loop_
_struct_sheet_order.sheet_id 
_struct_sheet_order.range_id_1 
_struct_sheet_order.range_id_2 
_struct_sheet_order.offset 
_struct_sheet_order.sense 
A 1 2 ? anti-parallel 
A 2 3 ? anti-parallel 
A 3 4 ? parallel      
A 4 5 ? parallel      
A 5 6 ? parallel      
A 6 7 ? parallel      
# 
loop_
_struct_sheet_range.sheet_id 
_struct_sheet_range.id 
_struct_sheet_range.beg_label_comp_id 
_struct_sheet_range.beg_label_asym_id 
_struct_sheet_range.beg_label_seq_id 
_struct_sheet_range.pdbx_beg_PDB_ins_code 
_struct_sheet_range.end_label_comp_id 
_struct_sheet_range.end_label_asym_id 
_struct_sheet_range.end_label_seq_id 
_struct_sheet_range.pdbx_end_PDB_ins_code 
_struct_sheet_range.beg_auth_comp_id 
_struct_sheet_range.beg_auth_asym_id 
_struct_sheet_range.beg_auth_seq_id 
_struct_sheet_range.end_auth_comp_id 
_struct_sheet_range.end_auth_asym_id 
_struct_sheet_range.end_auth_seq_id 
A 1 SER A 42  ? THR A 47  ? SER A 43  THR A 48  
A 2 PHE A 50  ? SER A 57  ? PHE A 51  SER A 58  
A 3 PHE A 60  ? ASP A 66  ? PHE A 61  ASP A 67  
A 4 VAL A 17  ? GLY A 23  ? VAL A 18  GLY A 24  
A 5 ILE A 86  ? ASP A 92  ? ILE A 87  ASP A 93  
A 6 VAL A 120 ? ASN A 125 ? VAL A 121 ASN A 126 
A 7 TRP A 152 ? SER A 156 ? TRP A 153 SER A 157 
# 
loop_
_pdbx_struct_sheet_hbond.sheet_id 
_pdbx_struct_sheet_hbond.range_id_1 
_pdbx_struct_sheet_hbond.range_id_2 
_pdbx_struct_sheet_hbond.range_1_label_atom_id 
_pdbx_struct_sheet_hbond.range_1_label_comp_id 
_pdbx_struct_sheet_hbond.range_1_label_asym_id 
_pdbx_struct_sheet_hbond.range_1_label_seq_id 
_pdbx_struct_sheet_hbond.range_1_PDB_ins_code 
_pdbx_struct_sheet_hbond.range_1_auth_atom_id 
_pdbx_struct_sheet_hbond.range_1_auth_comp_id 
_pdbx_struct_sheet_hbond.range_1_auth_asym_id 
_pdbx_struct_sheet_hbond.range_1_auth_seq_id 
_pdbx_struct_sheet_hbond.range_2_label_atom_id 
_pdbx_struct_sheet_hbond.range_2_label_comp_id 
_pdbx_struct_sheet_hbond.range_2_label_asym_id 
_pdbx_struct_sheet_hbond.range_2_label_seq_id 
_pdbx_struct_sheet_hbond.range_2_PDB_ins_code 
_pdbx_struct_sheet_hbond.range_2_auth_atom_id 
_pdbx_struct_sheet_hbond.range_2_auth_comp_id 
_pdbx_struct_sheet_hbond.range_2_auth_asym_id 
_pdbx_struct_sheet_hbond.range_2_auth_seq_id 
A 1 2 O THR A 47  ? O THR A 48  N PHE A 50  ? N PHE A 51  
A 2 3 N SER A 57  ? N SER A 58  O PHE A 60  ? O PHE A 61  
A 3 4 N LYS A 61  ? N LYS A 62  O VAL A 17  ? O VAL A 18  
A 4 5 N LEU A 20  ? N LEU A 21  O ILE A 86  ? O ILE A 87  
A 5 6 N TYR A 89  ? N TYR A 90  O LEU A 121 ? O LEU A 122 
A 6 7 N ILE A 122 ? N ILE A 123 O GLN A 153 ? O GLN A 154 
# 
loop_
_struct_site.id 
_struct_site.pdbx_evidence_code 
_struct_site.pdbx_auth_asym_id 
_struct_site.pdbx_auth_comp_id 
_struct_site.pdbx_auth_seq_id 
_struct_site.pdbx_auth_ins_code 
_struct_site.pdbx_num_residues 
_struct_site.details 
AC1 Software A SO4 401 ? 4  'BINDING SITE FOR RESIDUE SO4 A 401' 
AC2 Software A SO4 402 ? 6  'BINDING SITE FOR RESIDUE SO4 A 402' 
AC3 Software A NH4 501 ? 2  'BINDING SITE FOR RESIDUE NH4 A 501' 
AC4 Software A MES 201 ? 6  'BINDING SITE FOR RESIDUE MES A 201' 
AC5 Software A GDP 301 ? 24 'BINDING SITE FOR RESIDUE GDP A 301' 
# 
loop_
_struct_site_gen.id 
_struct_site_gen.site_id 
_struct_site_gen.pdbx_num_res 
_struct_site_gen.label_comp_id 
_struct_site_gen.label_asym_id 
_struct_site_gen.label_seq_id 
_struct_site_gen.pdbx_auth_ins_code 
_struct_site_gen.auth_comp_id 
_struct_site_gen.auth_asym_id 
_struct_site_gen.auth_seq_id 
_struct_site_gen.label_atom_id 
_struct_site_gen.label_alt_id 
_struct_site_gen.symmetry 
_struct_site_gen.details 
1  AC1 4  LEU A 3   ? LEU A 4   . ? 1_555 ? 
2  AC1 4  SER A 4   ? SER A 5   . ? 1_555 ? 
3  AC1 4  ARG A 7   ? ARG A 8   . ? 1_555 ? 
4  AC1 4  SER A 38  ? SER A 39  . ? 1_555 ? 
5  AC2 6  THR A 30  ? THR A 31  . ? 1_555 ? 
6  AC2 6  LYS A 34  ? LYS A 35  . ? 1_555 ? 
7  AC2 6  HIS A 43  ? HIS A 44  . ? 1_555 ? 
8  AC2 6  LYS A 53  ? LYS A 54  . ? 1_555 ? 
9  AC2 6  ARG A 148 ? ARG A 149 . ? 4_556 ? 
10 AC2 6  HOH G .   ? HOH A 642 . ? 1_555 ? 
11 AC3 2  HIS A 43  ? HIS A 44  . ? 4_456 ? 
12 AC3 2  GLU A 140 ? GLU A 141 . ? 1_555 ? 
13 AC4 6  ASN A 51  ? ASN A 52  . ? 4_456 ? 
14 AC4 6  HIS A 145 ? HIS A 146 . ? 1_555 ? 
15 AC4 6  VAL A 151 ? VAL A 152 . ? 1_555 ? 
16 AC4 6  TRP A 152 ? TRP A 153 . ? 1_555 ? 
17 AC4 6  GLN A 153 ? GLN A 154 . ? 1_555 ? 
18 AC4 6  HOH G .   ? HOH A 615 . ? 1_555 ? 
19 AC5 24 ASN A 26  ? ASN A 27  . ? 1_555 ? 
20 AC5 24 ALA A 27  ? ALA A 28  . ? 1_555 ? 
21 AC5 24 GLY A 28  ? GLY A 29  . ? 1_555 ? 
22 AC5 24 LYS A 29  ? LYS A 30  . ? 1_555 ? 
23 AC5 24 THR A 30  ? THR A 31  . ? 1_555 ? 
24 AC5 24 THR A 31  ? THR A 32  . ? 1_555 ? 
25 AC5 24 TYR A 76  ? TYR A 77  . ? 3_546 ? 
26 AC5 24 SER A 79  ? SER A 80  . ? 3_546 ? 
27 AC5 24 GLU A 82  ? GLU A 83  . ? 3_546 ? 
28 AC5 24 ASN A 125 ? ASN A 126 . ? 1_555 ? 
29 AC5 24 LYS A 126 ? LYS A 127 . ? 1_555 ? 
30 AC5 24 ASP A 128 ? ASP A 129 . ? 1_555 ? 
31 AC5 24 LEU A 129 ? LEU A 130 . ? 1_555 ? 
32 AC5 24 SER A 158 ? SER A 159 . ? 1_555 ? 
33 AC5 24 ALA A 159 ? ALA A 160 . ? 1_555 ? 
34 AC5 24 LEU A 160 ? LEU A 161 . ? 1_555 ? 
35 AC5 24 HOH G .   ? HOH A 524 . ? 1_555 ? 
36 AC5 24 HOH G .   ? HOH A 529 . ? 3_546 ? 
37 AC5 24 HOH G .   ? HOH A 536 . ? 1_555 ? 
38 AC5 24 HOH G .   ? HOH A 545 . ? 1_555 ? 
39 AC5 24 HOH G .   ? HOH A 553 . ? 1_555 ? 
40 AC5 24 HOH G .   ? HOH A 631 . ? 1_555 ? 
41 AC5 24 HOH G .   ? HOH A 649 . ? 3_546 ? 
42 AC5 24 HOH G .   ? HOH A 660 . ? 1_555 ? 
# 
_atom_sites.entry_id                    1FZQ 
_atom_sites.fract_transf_matrix[1][1]   -0.00056980 
_atom_sites.fract_transf_matrix[1][2]   -0.01201895 
_atom_sites.fract_transf_matrix[1][3]   -0.00598107 
_atom_sites.fract_transf_matrix[2][1]   0.00705960 
_atom_sites.fract_transf_matrix[2][2]   -0.00640652 
_atom_sites.fract_transf_matrix[2][3]   0.01220135 
_atom_sites.fract_transf_matrix[3][1]   -0.02201267 
_atom_sites.fract_transf_matrix[3][2]   -0.00419767 
_atom_sites.fract_transf_matrix[3][3]   0.01053229 
_atom_sites.fract_transf_vector[1]      0.135139 
_atom_sites.fract_transf_vector[2]      0.271980 
_atom_sites.fract_transf_vector[3]      0.430556 
# 
loop_
_atom_type.symbol 
C 
N 
O 
P 
S 
# 
loop_
_atom_site.group_PDB 
_atom_site.id 
_atom_site.type_symbol 
_atom_site.label_atom_id 
_atom_site.label_alt_id 
_atom_site.label_comp_id 
_atom_site.label_asym_id 
_atom_site.label_entity_id 
_atom_site.label_seq_id 
_atom_site.pdbx_PDB_ins_code 
_atom_site.Cartn_x 
_atom_site.Cartn_y 
_atom_site.Cartn_z 
_atom_site.occupancy 
_atom_site.B_iso_or_equiv 
_atom_site.pdbx_formal_charge 
_atom_site.auth_seq_id 
_atom_site.auth_comp_id 
_atom_site.auth_asym_id 
_atom_site.auth_atom_id 
_atom_site.pdbx_PDB_model_num 
ATOM   1    N N     . GLY A 1 1   ? 17.189  0.084   -18.818 1.00 50.22 ? 2   GLY A N     1 
ATOM   2    C CA    . GLY A 1 1   ? 17.440  1.403   -18.194 1.00 50.30 ? 2   GLY A CA    1 
ATOM   3    C C     . GLY A 1 1   ? 16.312  2.402   -18.379 1.00 49.65 ? 2   GLY A C     1 
ATOM   4    O O     . GLY A 1 1   ? 16.068  2.892   -19.481 1.00 51.09 ? 2   GLY A O     1 
ATOM   5    N N     . LEU A 1 2   ? 15.608  2.690   -17.286 1.00 48.67 ? 3   LEU A N     1 
ATOM   6    C CA    . LEU A 1 2   ? 14.465  3.651   -17.264 1.00 46.70 ? 3   LEU A CA    1 
ATOM   7    C C     . LEU A 1 2   ? 13.857  3.360   -15.925 1.00 44.71 ? 3   LEU A C     1 
ATOM   8    O O     . LEU A 1 2   ? 12.723  2.961   -15.754 1.00 45.68 ? 3   LEU A O     1 
ATOM   9    C CB    . LEU A 1 2   ? 13.490  3.410   -18.359 1.00 47.50 ? 3   LEU A CB    1 
ATOM   10   C CG    . LEU A 1 2   ? 13.261  4.681   -19.177 1.00 48.50 ? 3   LEU A CG    1 
ATOM   11   C CD1   . LEU A 1 2   ? 12.053  4.479   -20.061 1.00 48.35 ? 3   LEU A CD1   1 
ATOM   12   C CD2   . LEU A 1 2   ? 13.039  5.896   -18.270 1.00 48.66 ? 3   LEU A CD2   1 
ATOM   13   N N     . LEU A 1 3   ? 14.719  3.701   -15.014 1.00 41.12 ? 4   LEU A N     1 
ATOM   14   C CA    . LEU A 1 3   ? 14.629  3.489   -13.609 1.00 37.20 ? 4   LEU A CA    1 
ATOM   15   C C     . LEU A 1 3   ? 13.386  3.481   -12.722 1.00 33.07 ? 4   LEU A C     1 
ATOM   16   O O     . LEU A 1 3   ? 12.646  4.458   -12.668 1.00 32.47 ? 4   LEU A O     1 
ATOM   17   C CB    . LEU A 1 3   ? 15.728  4.382   -13.035 1.00 38.22 ? 4   LEU A CB    1 
ATOM   18   C CG    . LEU A 1 3   ? 17.136  4.359   -13.685 1.00 39.58 ? 4   LEU A CG    1 
ATOM   19   C CD1   . LEU A 1 3   ? 18.044  5.365   -12.996 1.00 40.72 ? 4   LEU A CD1   1 
ATOM   20   C CD2   . LEU A 1 3   ? 17.725  2.960   -13.595 1.00 40.47 ? 4   LEU A CD2   1 
ATOM   21   N N     . SER A 1 4   ? 13.321  2.406   -11.928 1.00 29.27 ? 5   SER A N     1 
ATOM   22   C CA    . SER A 1 4   ? 12.251  2.126   -10.961 1.00 25.66 ? 5   SER A CA    1 
ATOM   23   C C     . SER A 1 4   ? 12.481  3.048   -9.780  1.00 24.65 ? 5   SER A C     1 
ATOM   24   O O     . SER A 1 4   ? 13.611  3.462   -9.523  1.00 22.51 ? 5   SER A O     1 
ATOM   25   C CB    . SER A 1 4   ? 12.331  0.657   -10.497 1.00 26.51 ? 5   SER A CB    1 
ATOM   26   O OG    A SER A 1 4   ? 13.536  0.434   -9.791  0.50 25.54 ? 5   SER A OG    1 
ATOM   27   O OG    B SER A 1 4   ? 12.349  -0.231  -11.605 0.50 26.95 ? 5   SER A OG    1 
ATOM   28   N N     . ILE A 1 5   ? 11.419  3.367   -9.061  1.00 21.98 ? 6   ILE A N     1 
ATOM   29   C CA    . ILE A 1 5   ? 11.515  4.304   -7.960  1.00 21.15 ? 6   ILE A CA    1 
ATOM   30   C C     . ILE A 1 5   ? 12.315  3.885   -6.726  1.00 21.24 ? 6   ILE A C     1 
ATOM   31   O O     . ILE A 1 5   ? 13.038  4.706   -6.159  1.00 20.61 ? 6   ILE A O     1 
ATOM   32   C CB    . ILE A 1 5   ? 10.094  4.762   -7.564  1.00 21.76 ? 6   ILE A CB    1 
ATOM   33   C CG1   . ILE A 1 5   ? 9.458   5.463   -8.770  1.00 23.40 ? 6   ILE A CG1   1 
ATOM   34   C CG2   . ILE A 1 5   ? 10.137  5.681   -6.343  1.00 21.83 ? 6   ILE A CG2   1 
ATOM   35   C CD1   . ILE A 1 5   ? 8.035   5.919   -8.555  1.00 26.52 ? 6   ILE A CD1   1 
ATOM   36   N N     . LEU A 1 6   ? 12.210  2.628   -6.306  1.00 20.85 ? 7   LEU A N     1 
ATOM   37   C CA    . LEU A 1 6   ? 12.947  2.191   -5.123  1.00 22.01 ? 7   LEU A CA    1 
ATOM   38   C C     . LEU A 1 6   ? 14.439  2.418   -5.300  1.00 25.03 ? 7   LEU A C     1 
ATOM   39   O O     . LEU A 1 6   ? 15.170  2.611   -4.329  1.00 25.83 ? 7   LEU A O     1 
ATOM   40   C CB    . LEU A 1 6   ? 12.679  0.711   -4.829  1.00 20.76 ? 7   LEU A CB    1 
ATOM   41   C CG    . LEU A 1 6   ? 11.239  0.403   -4.410  1.00 20.22 ? 7   LEU A CG    1 
ATOM   42   C CD1   . LEU A 1 6   ? 11.095  -1.083  -4.141  1.00 19.66 ? 7   LEU A CD1   1 
ATOM   43   C CD2   . LEU A 1 6   ? 10.875  1.210   -3.168  1.00 18.75 ? 7   LEU A CD2   1 
ATOM   44   N N     . ARG A 1 7   ? 14.880  2.414   -6.552  1.00 27.36 ? 8   ARG A N     1 
ATOM   45   C CA    . ARG A 1 7   ? 16.285  2.620   -6.863  1.00 31.85 ? 8   ARG A CA    1 
ATOM   46   C C     . ARG A 1 7   ? 16.658  4.107   -6.839  1.00 33.91 ? 8   ARG A C     1 
ATOM   47   O O     . ARG A 1 7   ? 17.741  4.473   -6.377  1.00 36.04 ? 8   ARG A O     1 
ATOM   48   C CB    . ARG A 1 7   ? 16.596  2.020   -8.231  1.00 30.62 ? 8   ARG A CB    1 
ATOM   49   C CG    . ARG A 1 7   ? 18.067  1.843   -8.500  1.00 32.41 ? 8   ARG A CG    1 
ATOM   50   C CD    . ARG A 1 7   ? 18.295  1.352   -9.911  1.00 31.44 ? 8   ARG A CD    1 
ATOM   51   N NE    . ARG A 1 7   ? 19.718  1.244   -10.206 1.00 31.82 ? 8   ARG A NE    1 
ATOM   52   C CZ    . ARG A 1 7   ? 20.213  0.977   -11.407 1.00 32.84 ? 8   ARG A CZ    1 
ATOM   53   N NH1   . ARG A 1 7   ? 19.401  0.787   -12.440 1.00 31.89 ? 8   ARG A NH1   1 
ATOM   54   N NH2   . ARG A 1 7   ? 21.524  0.898   -11.571 1.00 33.13 ? 8   ARG A NH2   1 
ATOM   55   N N     . LYS A 1 8   ? 15.762  4.960   -7.330  1.00 36.76 ? 9   LYS A N     1 
ATOM   56   C CA    . LYS A 1 8   ? 16.008  6.404   -7.361  1.00 38.82 ? 9   LYS A CA    1 
ATOM   57   C C     . LYS A 1 8   ? 16.110  7.007   -5.962  1.00 40.91 ? 9   LYS A C     1 
ATOM   58   O O     . LYS A 1 8   ? 16.780  8.020   -5.757  1.00 41.39 ? 9   LYS A O     1 
ATOM   59   C CB    . LYS A 1 8   ? 14.877  7.147   -8.080  1.00 39.12 ? 9   LYS A CB    1 
ATOM   60   C CG    . LYS A 1 8   ? 14.692  6.892   -9.563  1.00 39.90 ? 9   LYS A CG    1 
ATOM   61   C CD    . LYS A 1 8   ? 13.833  8.021   -10.139 1.00 41.31 ? 9   LYS A CD    1 
ATOM   62   C CE    . LYS A 1 8   ? 12.667  7.516   -10.971 1.00 42.19 ? 9   LYS A CE    1 
ATOM   63   N NZ    . LYS A 1 8   ? 12.993  7.387   -12.416 1.00 42.62 ? 9   LYS A NZ    1 
ATOM   64   N N     . LEU A 1 9   ? 15.418  6.392   -5.009  1.00 42.13 ? 10  LEU A N     1 
ATOM   65   C CA    . LEU A 1 9   ? 15.383  6.875   -3.635  1.00 43.65 ? 10  LEU A CA    1 
ATOM   66   C C     . LEU A 1 9   ? 16.698  7.337   -3.017  1.00 46.19 ? 10  LEU A C     1 
ATOM   67   O O     . LEU A 1 9   ? 17.696  6.615   -3.013  1.00 46.34 ? 10  LEU A O     1 
ATOM   68   C CB    . LEU A 1 9   ? 14.748  5.817   -2.729  1.00 41.25 ? 10  LEU A CB    1 
ATOM   69   C CG    . LEU A 1 9   ? 13.251  5.576   -2.939  1.00 39.41 ? 10  LEU A CG    1 
ATOM   70   C CD1   . LEU A 1 9   ? 12.762  4.520   -1.957  1.00 37.55 ? 10  LEU A CD1   1 
ATOM   71   C CD2   . LEU A 1 9   ? 12.489  6.881   -2.743  1.00 37.38 ? 10  LEU A CD2   1 
ATOM   72   N N     . LYS A 1 10  ? 16.671  8.558   -2.492  1.00 48.92 ? 11  LYS A N     1 
ATOM   73   C CA    . LYS A 1 10  ? 17.820  9.154   -1.824  1.00 52.01 ? 11  LYS A CA    1 
ATOM   74   C C     . LYS A 1 10  ? 17.544  9.026   -0.331  1.00 53.54 ? 11  LYS A C     1 
ATOM   75   O O     . LYS A 1 10  ? 16.396  9.133   0.101   1.00 54.32 ? 11  LYS A O     1 
ATOM   76   C CB    . LYS A 1 10  ? 17.950  10.633  -2.198  1.00 52.78 ? 11  LYS A CB    1 
ATOM   77   C CG    . LYS A 1 10  ? 18.243  10.895  -3.668  1.00 54.67 ? 11  LYS A CG    1 
ATOM   78   C CD    . LYS A 1 10  ? 19.599  10.337  -4.076  1.00 56.27 ? 11  LYS A CD    1 
ATOM   79   C CE    . LYS A 1 10  ? 19.908  10.654  -5.532  1.00 57.13 ? 11  LYS A CE    1 
ATOM   80   N NZ    . LYS A 1 10  ? 21.222  10.096  -5.956  1.00 57.82 ? 11  LYS A NZ    1 
ATOM   81   N N     . SER A 1 11  ? 18.589  8.800   0.458   1.00 55.16 ? 12  SER A N     1 
ATOM   82   C CA    . SER A 1 11  ? 18.425  8.647   1.900   1.00 56.49 ? 12  SER A CA    1 
ATOM   83   C C     . SER A 1 11  ? 17.573  7.412   2.180   1.00 57.14 ? 12  SER A C     1 
ATOM   84   O O     . SER A 1 11  ? 16.691  7.429   3.040   1.00 57.22 ? 12  SER A O     1 
ATOM   85   C CB    . SER A 1 11  ? 17.756  9.889   2.500   1.00 56.68 ? 12  SER A CB    1 
ATOM   86   O OG    . SER A 1 11  ? 17.614  9.767   3.905   1.00 56.99 ? 12  SER A OG    1 
ATOM   87   N N     . ALA A 1 12  ? 17.838  6.344   1.434   1.00 57.69 ? 13  ALA A N     1 
ATOM   88   C CA    . ALA A 1 12  ? 17.112  5.092   1.597   1.00 58.34 ? 13  ALA A CA    1 
ATOM   89   C C     . ALA A 1 12  ? 17.615  4.385   2.850   1.00 58.59 ? 13  ALA A C     1 
ATOM   90   O O     . ALA A 1 12  ? 18.804  4.440   3.167   1.00 58.50 ? 13  ALA A O     1 
ATOM   91   C CB    . ALA A 1 12  ? 17.317  4.205   0.375   1.00 58.47 ? 13  ALA A CB    1 
ATOM   92   N N     . PRO A 1 13  ? 16.711  3.714   3.584   1.00 58.74 ? 14  PRO A N     1 
ATOM   93   C CA    . PRO A 1 13  ? 17.051  2.991   4.812   1.00 58.92 ? 14  PRO A CA    1 
ATOM   94   C C     . PRO A 1 13  ? 18.332  2.161   4.754   1.00 58.68 ? 14  PRO A C     1 
ATOM   95   O O     . PRO A 1 13  ? 18.947  2.000   3.699   1.00 59.10 ? 14  PRO A O     1 
ATOM   96   C CB    . PRO A 1 13  ? 15.810  2.142   5.056   1.00 59.07 ? 14  PRO A CB    1 
ATOM   97   C CG    . PRO A 1 13  ? 14.724  3.072   4.628   1.00 59.12 ? 14  PRO A CG    1 
ATOM   98   C CD    . PRO A 1 13  ? 15.264  3.621   3.317   1.00 58.86 ? 14  PRO A CD    1 
ATOM   99   N N     . ASP A 1 14  ? 18.713  1.630   5.910   1.00 57.95 ? 15  ASP A N     1 
ATOM   100  C CA    . ASP A 1 14  ? 19.926  0.837   6.050   1.00 56.82 ? 15  ASP A CA    1 
ATOM   101  C C     . ASP A 1 14  ? 19.598  -0.646  6.193   1.00 55.25 ? 15  ASP A C     1 
ATOM   102  O O     . ASP A 1 14  ? 20.303  -1.504  5.658   1.00 55.21 ? 15  ASP A O     1 
ATOM   103  C CB    . ASP A 1 14  ? 20.681  1.328   7.279   1.00 58.66 ? 15  ASP A CB    1 
ATOM   104  C CG    . ASP A 1 14  ? 20.368  2.781   7.602   1.00 60.21 ? 15  ASP A CG    1 
ATOM   105  O OD1   . ASP A 1 14  ? 20.808  3.671   6.841   1.00 61.23 ? 15  ASP A OD1   1 
ATOM   106  O OD2   . ASP A 1 14  ? 19.666  3.031   8.605   1.00 60.87 ? 15  ASP A OD2   1 
ATOM   107  N N     . GLN A 1 15  ? 18.529  -0.940  6.925   1.00 52.75 ? 16  GLN A N     1 
ATOM   108  C CA    . GLN A 1 15  ? 18.098  -2.316  7.138   1.00 50.21 ? 16  GLN A CA    1 
ATOM   109  C C     . GLN A 1 15  ? 17.090  -2.668  6.051   1.00 47.31 ? 16  GLN A C     1 
ATOM   110  O O     . GLN A 1 15  ? 16.541  -1.777  5.403   1.00 46.86 ? 16  GLN A O     1 
ATOM   111  C CB    . GLN A 1 15  ? 17.440  -2.464  8.515   1.00 51.87 ? 16  GLN A CB    1 
ATOM   112  C CG    . GLN A 1 15  ? 16.061  -1.805  8.649   1.00 53.85 ? 16  GLN A CG    1 
ATOM   113  C CD    . GLN A 1 15  ? 16.120  -0.298  8.844   1.00 54.93 ? 16  GLN A CD    1 
ATOM   114  O OE1   . GLN A 1 15  ? 16.679  0.430   8.024   1.00 55.86 ? 16  GLN A OE1   1 
ATOM   115  N NE2   . GLN A 1 15  ? 15.529  0.176   9.936   1.00 55.13 ? 16  GLN A NE2   1 
ATOM   116  N N     . GLU A 1 16  ? 16.848  -3.957  5.842   1.00 43.23 ? 17  GLU A N     1 
ATOM   117  C CA    . GLU A 1 16  ? 15.879  -4.360  4.835   1.00 39.93 ? 17  GLU A CA    1 
ATOM   118  C C     . GLU A 1 16  ? 14.501  -3.951  5.338   1.00 36.12 ? 17  GLU A C     1 
ATOM   119  O O     . GLU A 1 16  ? 14.140  -4.234  6.480   1.00 36.37 ? 17  GLU A O     1 
ATOM   120  C CB    . GLU A 1 16  ? 15.915  -5.871  4.609   1.00 41.60 ? 17  GLU A CB    1 
ATOM   121  C CG    . GLU A 1 16  ? 15.017  -6.318  3.466   1.00 44.42 ? 17  GLU A CG    1 
ATOM   122  C CD    . GLU A 1 16  ? 15.079  -7.810  3.220   1.00 46.33 ? 17  GLU A CD    1 
ATOM   123  O OE1   . GLU A 1 16  ? 14.684  -8.578  4.124   1.00 47.38 ? 17  GLU A OE1   1 
ATOM   124  O OE2   . GLU A 1 16  ? 15.522  -8.213  2.124   1.00 47.31 ? 17  GLU A OE2   1 
ATOM   125  N N     . VAL A 1 17  ? 13.740  -3.275  4.486   1.00 30.74 ? 18  VAL A N     1 
ATOM   126  C CA    . VAL A 1 17  ? 12.410  -2.816  4.856   1.00 26.04 ? 18  VAL A CA    1 
ATOM   127  C C     . VAL A 1 17  ? 11.328  -3.726  4.283   1.00 22.49 ? 18  VAL A C     1 
ATOM   128  O O     . VAL A 1 17  ? 11.265  -3.941  3.075   1.00 23.21 ? 18  VAL A O     1 
ATOM   129  C CB    . VAL A 1 17  ? 12.176  -1.375  4.355   1.00 27.05 ? 18  VAL A CB    1 
ATOM   130  C CG1   . VAL A 1 17  ? 10.781  -0.906  4.729   1.00 26.26 ? 18  VAL A CG1   1 
ATOM   131  C CG2   . VAL A 1 17  ? 13.228  -0.444  4.951   1.00 27.95 ? 18  VAL A CG2   1 
ATOM   132  N N     . ARG A 1 18  ? 10.485  -4.261  5.161   1.00 20.08 ? 19  ARG A N     1 
ATOM   133  C CA    . ARG A 1 18  ? 9.393   -5.140  4.751   1.00 17.26 ? 19  ARG A CA    1 
ATOM   134  C C     . ARG A 1 18  ? 8.136   -4.305  4.543   1.00 16.31 ? 19  ARG A C     1 
ATOM   135  O O     . ARG A 1 18  ? 7.631   -3.692  5.480   1.00 14.42 ? 19  ARG A O     1 
ATOM   136  C CB    . ARG A 1 18  ? 9.147   -6.203  5.823   1.00 19.83 ? 19  ARG A CB    1 
ATOM   137  C CG    . ARG A 1 18  ? 10.331  -7.145  6.026   1.00 24.17 ? 19  ARG A CG    1 
ATOM   138  C CD    A ARG A 1 18  ? 10.179  -8.029  7.254   0.50 25.76 ? 19  ARG A CD    1 
ATOM   139  C CD    B ARG A 1 18  ? 10.008  -8.153  7.118   0.50 24.55 ? 19  ARG A CD    1 
ATOM   140  N NE    A ARG A 1 18  ? 11.313  -7.894  8.168   0.50 29.27 ? 19  ARG A NE    1 
ATOM   141  N NE    B ARG A 1 18  ? 10.912  -9.299  7.126   0.50 27.62 ? 19  ARG A NE    1 
ATOM   142  C CZ    A ARG A 1 18  ? 11.428  -6.948  9.097   0.50 29.73 ? 19  ARG A CZ    1 
ATOM   143  C CZ    B ARG A 1 18  ? 10.973  -10.209 6.159   0.50 28.13 ? 19  ARG A CZ    1 
ATOM   144  N NH1   A ARG A 1 18  ? 10.476  -6.041  9.250   0.50 31.05 ? 19  ARG A NH1   1 
ATOM   145  N NH1   B ARG A 1 18  ? 10.182  -10.108 5.098   0.50 28.41 ? 19  ARG A NH1   1 
ATOM   146  N NH2   A ARG A 1 18  ? 12.502  -6.910  9.877   0.50 30.89 ? 19  ARG A NH2   1 
ATOM   147  N NH2   B ARG A 1 18  ? 11.817  -11.227 6.257   0.50 30.89 ? 19  ARG A NH2   1 
ATOM   148  N N     . ILE A 1 19  ? 7.634   -4.291  3.310   1.00 15.24 ? 20  ILE A N     1 
ATOM   149  C CA    . ILE A 1 19  ? 6.454   -3.507  2.970   1.00 15.54 ? 20  ILE A CA    1 
ATOM   150  C C     . ILE A 1 19  ? 5.285   -4.366  2.534   1.00 13.60 ? 20  ILE A C     1 
ATOM   151  O O     . ILE A 1 19  ? 5.464   -5.354  1.825   1.00 13.91 ? 20  ILE A O     1 
ATOM   152  C CB    . ILE A 1 19  ? 6.734   -2.546  1.793   1.00 17.27 ? 20  ILE A CB    1 
ATOM   153  C CG1   . ILE A 1 19  ? 7.961   -1.683  2.090   1.00 19.71 ? 20  ILE A CG1   1 
ATOM   154  C CG2   . ILE A 1 19  ? 5.497   -1.691  1.514   1.00 18.60 ? 20  ILE A CG2   1 
ATOM   155  C CD1   . ILE A 1 19  ? 8.278   -0.678  0.995   1.00 20.81 ? 20  ILE A CD1   1 
ATOM   156  N N     . LEU A 1 20  ? 4.090   -3.991  2.974   1.00 12.51 ? 21  LEU A N     1 
ATOM   157  C CA    . LEU A 1 20  ? 2.879   -4.688  2.566   1.00 12.65 ? 21  LEU A CA    1 
ATOM   158  C C     . LEU A 1 20  ? 2.125   -3.666  1.733   1.00 12.68 ? 21  LEU A C     1 
ATOM   159  O O     . LEU A 1 20  ? 1.866   -2.561  2.199   1.00 13.56 ? 21  LEU A O     1 
ATOM   160  C CB    . LEU A 1 20  ? 2.025   -5.096  3.766   1.00 15.69 ? 21  LEU A CB    1 
ATOM   161  C CG    . LEU A 1 20  ? 2.535   -6.250  4.627   1.00 15.93 ? 21  LEU A CG    1 
ATOM   162  C CD1   . LEU A 1 20  ? 1.465   -6.636  5.640   1.00 19.37 ? 21  LEU A CD1   1 
ATOM   163  C CD2   . LEU A 1 20  ? 2.877   -7.440  3.735   1.00 17.33 ? 21  LEU A CD2   1 
ATOM   164  N N     . LEU A 1 21  ? 1.806   -4.033  0.496   1.00 10.62 ? 22  LEU A N     1 
ATOM   165  C CA    . LEU A 1 21  ? 1.074   -3.155  -0.415  1.00 11.20 ? 22  LEU A CA    1 
ATOM   166  C C     . LEU A 1 21  ? -0.318  -3.772  -0.529  1.00 11.53 ? 22  LEU A C     1 
ATOM   167  O O     . LEU A 1 21  ? -0.506  -4.763  -1.236  1.00 10.66 ? 22  LEU A O     1 
ATOM   168  C CB    . LEU A 1 21  ? 1.773   -3.139  -1.777  1.00 13.95 ? 22  LEU A CB    1 
ATOM   169  C CG    . LEU A 1 21  ? 1.363   -2.080  -2.796  1.00 17.19 ? 22  LEU A CG    1 
ATOM   170  C CD1   . LEU A 1 21  ? 1.486   -0.699  -2.167  1.00 18.90 ? 22  LEU A CD1   1 
ATOM   171  C CD2   . LEU A 1 21  ? 2.260   -2.185  -4.031  1.00 19.07 ? 22  LEU A CD2   1 
ATOM   172  N N     . LEU A 1 22  ? -1.289  -3.186  0.168   1.00 9.12  ? 23  LEU A N     1 
ATOM   173  C CA    . LEU A 1 22  ? -2.648  -3.720  0.186   1.00 9.18  ? 23  LEU A CA    1 
ATOM   174  C C     . LEU A 1 22  ? -3.715  -2.757  -0.307  1.00 9.65  ? 23  LEU A C     1 
ATOM   175  O O     . LEU A 1 22  ? -3.492  -1.548  -0.400  1.00 10.15 ? 23  LEU A O     1 
ATOM   176  C CB    . LEU A 1 22  ? -3.003  -4.177  1.611   1.00 9.76  ? 23  LEU A CB    1 
ATOM   177  C CG    . LEU A 1 22  ? -1.983  -5.080  2.322   1.00 10.58 ? 23  LEU A CG    1 
ATOM   178  C CD1   . LEU A 1 22  ? -2.509  -5.442  3.709   1.00 12.10 ? 23  LEU A CD1   1 
ATOM   179  C CD2   . LEU A 1 22  ? -1.725  -6.345  1.505   1.00 11.12 ? 23  LEU A CD2   1 
ATOM   180  N N     . GLY A 1 23  ? -4.882  -3.316  -0.616  1.00 9.64  ? 24  GLY A N     1 
ATOM   181  C CA    . GLY A 1 23  ? -6.004  -2.529  -1.095  1.00 10.90 ? 24  GLY A CA    1 
ATOM   182  C C     . GLY A 1 23  ? -6.953  -3.426  -1.873  1.00 10.60 ? 24  GLY A C     1 
ATOM   183  O O     . GLY A 1 23  ? -6.667  -4.603  -2.073  1.00 11.34 ? 24  GLY A O     1 
ATOM   184  N N     . LEU A 1 24  ? -8.081  -2.882  -2.314  1.00 11.81 ? 25  LEU A N     1 
ATOM   185  C CA    . LEU A 1 24  ? -9.047  -3.670  -3.072  1.00 13.10 ? 25  LEU A CA    1 
ATOM   186  C C     . LEU A 1 24  ? -8.514  -4.011  -4.451  1.00 12.34 ? 25  LEU A C     1 
ATOM   187  O O     . LEU A 1 24  ? -7.617  -3.346  -4.970  1.00 11.50 ? 25  LEU A O     1 
ATOM   188  C CB    . LEU A 1 24  ? -10.358 -2.896  -3.250  1.00 12.51 ? 25  LEU A CB    1 
ATOM   189  C CG    . LEU A 1 24  ? -11.183 -2.560  -2.008  1.00 15.17 ? 25  LEU A CG    1 
ATOM   190  C CD1   . LEU A 1 24  ? -12.387 -1.718  -2.431  1.00 14.09 ? 25  LEU A CD1   1 
ATOM   191  C CD2   . LEU A 1 24  ? -11.636 -3.839  -1.311  1.00 15.98 ? 25  LEU A CD2   1 
ATOM   192  N N     . ASP A 1 25  ? -9.078  -5.049  -5.055  1.00 13.96 ? 26  ASP A N     1 
ATOM   193  C CA    . ASP A 1 25  ? -8.680  -5.426  -6.399  1.00 14.19 ? 26  ASP A CA    1 
ATOM   194  C C     . ASP A 1 25  ? -8.951  -4.207  -7.277  1.00 14.38 ? 26  ASP A C     1 
ATOM   195  O O     . ASP A 1 25  ? -9.899  -3.458  -7.022  1.00 15.05 ? 26  ASP A O     1 
ATOM   196  C CB    . ASP A 1 25  ? -9.539  -6.590  -6.897  1.00 16.84 ? 26  ASP A CB    1 
ATOM   197  C CG    . ASP A 1 25  ? -11.019 -6.246  -6.926  1.00 21.20 ? 26  ASP A CG    1 
ATOM   198  O OD1   . ASP A 1 25  ? -11.613 -6.066  -5.839  1.00 25.79 ? 26  ASP A OD1   1 
ATOM   199  O OD2   . ASP A 1 25  ? -11.588 -6.144  -8.035  1.00 25.74 ? 26  ASP A OD2   1 
ATOM   200  N N     . ASN A 1 26  ? -8.114  -4.013  -8.293  1.00 13.81 ? 27  ASN A N     1 
ATOM   201  C CA    . ASN A 1 26  ? -8.254  -2.913  -9.250  1.00 13.47 ? 27  ASN A CA    1 
ATOM   202  C C     . ASN A 1 26  ? -7.799  -1.553  -8.713  1.00 11.89 ? 27  ASN A C     1 
ATOM   203  O O     . ASN A 1 26  ? -7.936  -0.537  -9.392  1.00 12.33 ? 27  ASN A O     1 
ATOM   204  C CB    . ASN A 1 26  ? -9.713  -2.813  -9.722  1.00 16.92 ? 27  ASN A CB    1 
ATOM   205  C CG    . ASN A 1 26  ? -9.862  -2.020  -11.006 1.00 21.29 ? 27  ASN A CG    1 
ATOM   206  O OD1   . ASN A 1 26  ? -10.597 -1.032  -11.060 1.00 25.47 ? 27  ASN A OD1   1 
ATOM   207  N ND2   . ASN A 1 26  ? -9.175  -2.456  -12.051 1.00 22.39 ? 27  ASN A ND2   1 
ATOM   208  N N     . ALA A 1 27  ? -7.254  -1.529  -7.502  1.00 8.82  ? 28  ALA A N     1 
ATOM   209  C CA    . ALA A 1 27  ? -6.797  -0.268  -6.920  1.00 9.16  ? 28  ALA A CA    1 
ATOM   210  C C     . ALA A 1 27  ? -5.574  0.294   -7.646  1.00 9.47  ? 28  ALA A C     1 
ATOM   211  O O     . ALA A 1 27  ? -5.362  1.508   -7.662  1.00 9.57  ? 28  ALA A O     1 
ATOM   212  C CB    . ALA A 1 27  ? -6.479  -0.457  -5.438  1.00 11.92 ? 28  ALA A CB    1 
ATOM   213  N N     . GLY A 1 28  ? -4.782  -0.596  -8.243  1.00 8.01  ? 29  GLY A N     1 
ATOM   214  C CA    . GLY A 1 28  ? -3.580  -0.190  -8.955  1.00 7.60  ? 29  GLY A CA    1 
ATOM   215  C C     . GLY A 1 28  ? -2.291  -0.673  -8.298  1.00 10.14 ? 29  GLY A C     1 
ATOM   216  O O     . GLY A 1 28  ? -1.211  -0.146  -8.569  1.00 9.19  ? 29  GLY A O     1 
ATOM   217  N N     . LYS A 1 29  ? -2.401  -1.689  -7.446  1.00 9.68  ? 30  LYS A N     1 
ATOM   218  C CA    . LYS A 1 29  ? -1.240  -2.220  -6.733  1.00 10.61 ? 30  LYS A CA    1 
ATOM   219  C C     . LYS A 1 29  ? -0.176  -2.862  -7.618  1.00 8.88  ? 30  LYS A C     1 
ATOM   220  O O     . LYS A 1 29  ? 1.016   -2.655  -7.404  1.00 9.61  ? 30  LYS A O     1 
ATOM   221  C CB    . LYS A 1 29  ? -1.699  -3.213  -5.657  1.00 8.07  ? 30  LYS A CB    1 
ATOM   222  C CG    . LYS A 1 29  ? -2.701  -2.609  -4.676  1.00 10.73 ? 30  LYS A CG    1 
ATOM   223  C CD    . LYS A 1 29  ? -3.104  -3.587  -3.571  1.00 10.63 ? 30  LYS A CD    1 
ATOM   224  C CE    . LYS A 1 29  ? -3.738  -4.862  -4.135  1.00 13.11 ? 30  LYS A CE    1 
ATOM   225  N NZ    . LYS A 1 29  ? -4.984  -4.606  -4.923  1.00 13.12 ? 30  LYS A NZ    1 
ATOM   226  N N     . THR A 1 30  ? -0.589  -3.646  -8.611  1.00 10.20 ? 31  THR A N     1 
ATOM   227  C CA    . THR A 1 30  ? 0.388   -4.279  -9.492  1.00 12.07 ? 31  THR A CA    1 
ATOM   228  C C     . THR A 1 30  ? 1.116   -3.198  -10.292 1.00 12.89 ? 31  THR A C     1 
ATOM   229  O O     . THR A 1 30  ? 2.334   -3.248  -10.465 1.00 11.69 ? 31  THR A O     1 
ATOM   230  C CB    . THR A 1 30  ? -0.286  -5.278  -10.461 1.00 13.05 ? 31  THR A CB    1 
ATOM   231  O OG1   . THR A 1 30  ? -0.967  -6.289  -9.705  1.00 15.81 ? 31  THR A OG1   1 
ATOM   232  C CG2   . THR A 1 30  ? 0.758   -5.948  -11.350 1.00 15.93 ? 31  THR A CG2   1 
ATOM   233  N N     . THR A 1 31  ? 0.360   -2.214  -10.765 1.00 12.08 ? 32  THR A N     1 
ATOM   234  C CA    . THR A 1 31  ? 0.921   -1.116  -11.534 1.00 11.95 ? 32  THR A CA    1 
ATOM   235  C C     . THR A 1 31  ? 1.927   -0.342  -10.683 1.00 12.47 ? 32  THR A C     1 
ATOM   236  O O     . THR A 1 31  ? 2.992   0.045   -11.164 1.00 13.78 ? 32  THR A O     1 
ATOM   237  C CB    . THR A 1 31  ? -0.198  -0.173  -12.025 1.00 11.25 ? 32  THR A CB    1 
ATOM   238  O OG1   . THR A 1 31  ? -1.144  -0.930  -12.800 1.00 12.81 ? 32  THR A OG1   1 
ATOM   239  C CG2   . THR A 1 31  ? 0.383   0.951   -12.890 1.00 13.21 ? 32  THR A CG2   1 
ATOM   240  N N     . LEU A 1 32  ? 1.584   -0.122  -9.416  1.00 11.58 ? 33  LEU A N     1 
ATOM   241  C CA    . LEU A 1 32  ? 2.468   0.582   -8.487  1.00 11.61 ? 33  LEU A CA    1 
ATOM   242  C C     . LEU A 1 32  ? 3.721   -0.261  -8.225  1.00 11.60 ? 33  LEU A C     1 
ATOM   243  O O     . LEU A 1 32  ? 4.839   0.247   -8.229  1.00 12.36 ? 33  LEU A O     1 
ATOM   244  C CB    . LEU A 1 32  ? 1.734   0.846   -7.165  1.00 12.49 ? 33  LEU A CB    1 
ATOM   245  C CG    . LEU A 1 32  ? 2.568   1.395   -6.002  1.00 17.36 ? 33  LEU A CG    1 
ATOM   246  C CD1   . LEU A 1 32  ? 3.134   2.762   -6.369  1.00 18.19 ? 33  LEU A CD1   1 
ATOM   247  C CD2   . LEU A 1 32  ? 1.693   1.494   -4.749  1.00 19.99 ? 33  LEU A CD2   1 
ATOM   248  N N     . LEU A 1 33  ? 3.527   -1.557  -8.006  1.00 11.59 ? 34  LEU A N     1 
ATOM   249  C CA    . LEU A 1 33  ? 4.641   -2.459  -7.750  1.00 13.08 ? 34  LEU A CA    1 
ATOM   250  C C     . LEU A 1 33  ? 5.673   -2.373  -8.864  1.00 14.66 ? 34  LEU A C     1 
ATOM   251  O O     . LEU A 1 33  ? 6.877   -2.325  -8.607  1.00 15.35 ? 34  LEU A O     1 
ATOM   252  C CB    . LEU A 1 33  ? 4.138   -3.902  -7.643  1.00 12.85 ? 34  LEU A CB    1 
ATOM   253  C CG    . LEU A 1 33  ? 5.213   -4.980  -7.459  1.00 13.44 ? 34  LEU A CG    1 
ATOM   254  C CD1   . LEU A 1 33  ? 5.980   -4.724  -6.176  1.00 14.23 ? 34  LEU A CD1   1 
ATOM   255  C CD2   . LEU A 1 33  ? 4.548   -6.353  -7.422  1.00 16.56 ? 34  LEU A CD2   1 
ATOM   256  N N     . LYS A 1 34  ? 5.196   -2.339  -10.102 1.00 14.74 ? 35  LYS A N     1 
ATOM   257  C CA    . LYS A 1 34  ? 6.094   -2.283  -11.245 1.00 17.82 ? 35  LYS A CA    1 
ATOM   258  C C     . LYS A 1 34  ? 6.802   -0.940  -11.406 1.00 18.03 ? 35  LYS A C     1 
ATOM   259  O O     . LYS A 1 34  ? 7.837   -0.862  -12.064 1.00 21.35 ? 35  LYS A O     1 
ATOM   260  C CB    . LYS A 1 34  ? 5.334   -2.672  -12.516 1.00 19.19 ? 35  LYS A CB    1 
ATOM   261  C CG    . LYS A 1 34  ? 4.962   -4.154  -12.518 1.00 23.03 ? 35  LYS A CG    1 
ATOM   262  C CD    . LYS A 1 34  ? 4.142   -4.557  -13.730 1.00 25.99 ? 35  LYS A CD    1 
ATOM   263  C CE    . LYS A 1 34  ? 3.777   -6.032  -13.653 1.00 27.76 ? 35  LYS A CE    1 
ATOM   264  N NZ    . LYS A 1 34  ? 2.780   -6.415  -14.689 1.00 30.89 ? 35  LYS A NZ    1 
ATOM   265  N N     . GLN A 1 35  ? 6.253   0.114   -10.807 1.00 18.61 ? 36  GLN A N     1 
ATOM   266  C CA    . GLN A 1 35  ? 6.887   1.428   -10.867 1.00 17.31 ? 36  GLN A CA    1 
ATOM   267  C C     . GLN A 1 35  ? 8.001   1.439   -9.827  1.00 17.28 ? 36  GLN A C     1 
ATOM   268  O O     . GLN A 1 35  ? 9.027   2.097   -9.999  1.00 16.19 ? 36  GLN A O     1 
ATOM   269  C CB    . GLN A 1 35  ? 5.883   2.536   -10.534 1.00 18.40 ? 36  GLN A CB    1 
ATOM   270  C CG    . GLN A 1 35  ? 4.929   2.885   -11.665 1.00 20.47 ? 36  GLN A CG    1 
ATOM   271  C CD    . GLN A 1 35  ? 5.551   3.830   -12.677 1.00 23.44 ? 36  GLN A CD    1 
ATOM   272  O OE1   . GLN A 1 35  ? 6.765   4.046   -12.678 1.00 24.80 ? 36  GLN A OE1   1 
ATOM   273  N NE2   . GLN A 1 35  ? 4.720   4.395   -13.548 1.00 21.81 ? 36  GLN A NE2   1 
ATOM   274  N N     . LEU A 1 36  ? 7.785   0.688   -8.750  1.00 15.71 ? 37  LEU A N     1 
ATOM   275  C CA    . LEU A 1 36  ? 8.737   0.611   -7.647  1.00 14.71 ? 37  LEU A CA    1 
ATOM   276  C C     . LEU A 1 36  ? 9.931   -0.308  -7.885  1.00 15.80 ? 37  LEU A C     1 
ATOM   277  O O     . LEU A 1 36  ? 11.055  0.019   -7.506  1.00 14.60 ? 37  LEU A O     1 
ATOM   278  C CB    . LEU A 1 36  ? 8.017   0.155   -6.375  1.00 13.33 ? 37  LEU A CB    1 
ATOM   279  C CG    . LEU A 1 36  ? 6.909   1.065   -5.831  1.00 13.03 ? 37  LEU A CG    1 
ATOM   280  C CD1   . LEU A 1 36  ? 6.226   0.386   -4.645  1.00 13.24 ? 37  LEU A CD1   1 
ATOM   281  C CD2   . LEU A 1 36  ? 7.495   2.398   -5.402  1.00 12.67 ? 37  LEU A CD2   1 
ATOM   282  N N     . ALA A 1 37  ? 9.682   -1.456  -8.508  1.00 16.58 ? 38  ALA A N     1 
ATOM   283  C CA    . ALA A 1 37  ? 10.741  -2.427  -8.748  1.00 17.68 ? 38  ALA A CA    1 
ATOM   284  C C     . ALA A 1 37  ? 10.613  -3.115  -10.098 1.00 19.07 ? 38  ALA A C     1 
ATOM   285  O O     . ALA A 1 37  ? 9.506   -3.343  -10.591 1.00 18.51 ? 38  ALA A O     1 
ATOM   286  C CB    . ALA A 1 37  ? 10.738  -3.470  -7.638  1.00 18.43 ? 38  ALA A CB    1 
ATOM   287  N N     . SER A 1 38  ? 11.758  -3.454  -10.686 1.00 20.59 ? 39  SER A N     1 
ATOM   288  C CA    . SER A 1 38  ? 11.780  -4.125  -11.977 1.00 22.22 ? 39  SER A CA    1 
ATOM   289  C C     . SER A 1 38  ? 12.080  -5.615  -11.826 1.00 22.15 ? 39  SER A C     1 
ATOM   290  O O     . SER A 1 38  ? 11.933  -6.378  -12.780 1.00 23.74 ? 39  SER A O     1 
ATOM   291  C CB    . SER A 1 38  ? 12.825  -3.475  -12.890 1.00 24.35 ? 39  SER A CB    1 
ATOM   292  O OG    . SER A 1 38  ? 14.120  -3.554  -12.320 1.00 26.99 ? 39  SER A OG    1 
ATOM   293  N N     . GLU A 1 39  ? 12.491  -6.028  -10.630 1.00 22.32 ? 40  GLU A N     1 
ATOM   294  C CA    . GLU A 1 39  ? 12.809  -7.433  -10.377 1.00 23.21 ? 40  GLU A CA    1 
ATOM   295  C C     . GLU A 1 39  ? 11.622  -8.353  -10.663 1.00 24.69 ? 40  GLU A C     1 
ATOM   296  O O     . GLU A 1 39  ? 10.464  -7.928  -10.616 1.00 23.11 ? 40  GLU A O     1 
ATOM   297  C CB    . GLU A 1 39  ? 13.249  -7.639  -8.925  1.00 24.60 ? 40  GLU A CB    1 
ATOM   298  C CG    . GLU A 1 39  ? 14.629  -7.105  -8.556  1.00 27.57 ? 40  GLU A CG    1 
ATOM   299  C CD    . GLU A 1 39  ? 14.731  -5.591  -8.620  1.00 30.41 ? 40  GLU A CD    1 
ATOM   300  O OE1   . GLU A 1 39  ? 13.696  -4.910  -8.453  1.00 29.45 ? 40  GLU A OE1   1 
ATOM   301  O OE2   . GLU A 1 39  ? 15.853  -5.082  -8.822  1.00 31.58 ? 40  GLU A OE2   1 
ATOM   302  N N     . ASP A 1 40  ? 11.914  -9.619  -10.948 1.00 23.20 ? 41  ASP A N     1 
ATOM   303  C CA    . ASP A 1 40  ? 10.860  -10.581 -11.236 1.00 24.00 ? 41  ASP A CA    1 
ATOM   304  C C     . ASP A 1 40  ? 9.940   -10.792 -10.041 1.00 22.02 ? 41  ASP A C     1 
ATOM   305  O O     . ASP A 1 40  ? 10.383  -10.849 -8.894  1.00 22.03 ? 41  ASP A O     1 
ATOM   306  C CB    . ASP A 1 40  ? 11.460  -11.918 -11.674 1.00 29.30 ? 41  ASP A CB    1 
ATOM   307  C CG    . ASP A 1 40  ? 12.115  -11.839 -13.039 1.00 32.28 ? 41  ASP A CG    1 
ATOM   308  O OD1   . ASP A 1 40  ? 11.419  -11.479 -14.012 1.00 36.08 ? 41  ASP A OD1   1 
ATOM   309  O OD2   . ASP A 1 40  ? 13.322  -12.135 -13.140 1.00 36.93 ? 41  ASP A OD2   1 
ATOM   310  N N     . ILE A 1 41  ? 8.652   -10.907 -10.334 1.00 20.93 ? 42  ILE A N     1 
ATOM   311  C CA    . ILE A 1 41  ? 7.624   -11.104 -9.322  1.00 20.20 ? 42  ILE A CA    1 
ATOM   312  C C     . ILE A 1 41  ? 7.388   -12.583 -9.034  1.00 19.98 ? 42  ILE A C     1 
ATOM   313  O O     . ILE A 1 41  ? 7.240   -13.389 -9.957  1.00 21.63 ? 42  ILE A O     1 
ATOM   314  C CB    . ILE A 1 41  ? 6.287   -10.481 -9.788  1.00 20.21 ? 42  ILE A CB    1 
ATOM   315  C CG1   . ILE A 1 41  ? 6.451   -8.971  -9.964  1.00 22.10 ? 42  ILE A CG1   1 
ATOM   316  C CG2   . ILE A 1 41  ? 5.174   -10.811 -8.800  1.00 21.84 ? 42  ILE A CG2   1 
ATOM   317  C CD1   . ILE A 1 41  ? 5.288   -8.312  -10.683 1.00 21.71 ? 42  ILE A CD1   1 
ATOM   318  N N     . SER A 1 42  ? 7.370   -12.936 -7.755  1.00 18.01 ? 43  SER A N     1 
ATOM   319  C CA    . SER A 1 42  ? 7.102   -14.310 -7.351  1.00 17.77 ? 43  SER A CA    1 
ATOM   320  C C     . SER A 1 42  ? 5.614   -14.360 -7.017  1.00 16.67 ? 43  SER A C     1 
ATOM   321  O O     . SER A 1 42  ? 5.070   -13.414 -6.437  1.00 16.70 ? 43  SER A O     1 
ATOM   322  C CB    . SER A 1 42  ? 7.918   -14.693 -6.113  1.00 20.58 ? 43  SER A CB    1 
ATOM   323  O OG    . SER A 1 42  ? 9.301   -14.796 -6.408  1.00 24.52 ? 43  SER A OG    1 
ATOM   324  N N     . HIS A 1 43  ? 4.954   -15.446 -7.399  1.00 14.92 ? 44  HIS A N     1 
ATOM   325  C CA    . HIS A 1 43  ? 3.531   -15.606 -7.121  1.00 15.62 ? 44  HIS A CA    1 
ATOM   326  C C     . HIS A 1 43  ? 3.389   -16.734 -6.119  1.00 16.93 ? 44  HIS A C     1 
ATOM   327  O O     . HIS A 1 43  ? 3.686   -17.894 -6.421  1.00 19.63 ? 44  HIS A O     1 
ATOM   328  C CB    . HIS A 1 43  ? 2.762   -15.927 -8.402  1.00 15.44 ? 44  HIS A CB    1 
ATOM   329  C CG    . HIS A 1 43  ? 2.882   -14.865 -9.450  1.00 16.67 ? 44  HIS A CG    1 
ATOM   330  N ND1   . HIS A 1 43  ? 3.972   -14.766 -10.285 1.00 18.78 ? 44  HIS A ND1   1 
ATOM   331  C CD2   . HIS A 1 43  ? 2.069   -13.828 -9.761  1.00 17.97 ? 44  HIS A CD2   1 
ATOM   332  C CE1   . HIS A 1 43  ? 3.827   -13.711 -11.069 1.00 19.70 ? 44  HIS A CE1   1 
ATOM   333  N NE2   . HIS A 1 43  ? 2.683   -13.126 -10.771 1.00 18.69 ? 44  HIS A NE2   1 
ATOM   334  N N     . ILE A 1 44  ? 2.931   -16.382 -4.925  1.00 14.79 ? 45  ILE A N     1 
ATOM   335  C CA    . ILE A 1 44  ? 2.780   -17.336 -3.839  1.00 15.37 ? 45  ILE A CA    1 
ATOM   336  C C     . ILE A 1 44  ? 1.320   -17.487 -3.423  1.00 14.40 ? 45  ILE A C     1 
ATOM   337  O O     . ILE A 1 44  ? 0.574   -16.510 -3.384  1.00 13.10 ? 45  ILE A O     1 
ATOM   338  C CB    . ILE A 1 44  ? 3.611   -16.875 -2.623  1.00 17.70 ? 45  ILE A CB    1 
ATOM   339  C CG1   . ILE A 1 44  ? 5.056   -16.618 -3.066  1.00 20.81 ? 45  ILE A CG1   1 
ATOM   340  C CG2   . ILE A 1 44  ? 3.566   -17.927 -1.517  1.00 18.79 ? 45  ILE A CG2   1 
ATOM   341  C CD1   . ILE A 1 44  ? 5.945   -16.060 -1.982  1.00 25.02 ? 45  ILE A CD1   1 
ATOM   342  N N     . THR A 1 45  ? 0.922   -18.717 -3.118  1.00 12.07 ? 46  THR A N     1 
ATOM   343  C CA    . THR A 1 45  ? -0.448  -19.000 -2.698  1.00 13.65 ? 46  THR A CA    1 
ATOM   344  C C     . THR A 1 45  ? -0.413  -19.817 -1.409  1.00 13.13 ? 46  THR A C     1 
ATOM   345  O O     . THR A 1 45  ? -0.382  -21.049 -1.448  1.00 14.06 ? 46  THR A O     1 
ATOM   346  C CB    . THR A 1 45  ? -1.190  -19.812 -3.769  1.00 15.86 ? 46  THR A CB    1 
ATOM   347  O OG1   . THR A 1 45  ? -0.967  -19.219 -5.055  1.00 19.46 ? 46  THR A OG1   1 
ATOM   348  C CG2   . THR A 1 45  ? -2.677  -19.832 -3.483  1.00 15.66 ? 46  THR A CG2   1 
ATOM   349  N N     . PRO A 1 46  ? -0.423  -19.148 -0.245  1.00 13.36 ? 47  PRO A N     1 
ATOM   350  C CA    . PRO A 1 46  ? -0.380  -19.870 1.034   1.00 12.24 ? 47  PRO A CA    1 
ATOM   351  C C     . PRO A 1 46  ? -1.601  -20.749 1.290   1.00 12.34 ? 47  PRO A C     1 
ATOM   352  O O     . PRO A 1 46  ? -1.505  -21.794 1.942   1.00 13.62 ? 47  PRO A O     1 
ATOM   353  C CB    . PRO A 1 46  ? -0.257  -18.746 2.066   1.00 12.14 ? 47  PRO A CB    1 
ATOM   354  C CG    . PRO A 1 46  ? 0.393   -17.626 1.290   1.00 13.37 ? 47  PRO A CG    1 
ATOM   355  C CD    . PRO A 1 46  ? -0.333  -17.692 -0.028  1.00 13.76 ? 47  PRO A CD    1 
ATOM   356  N N     . THR A 1 47  ? -2.749  -20.305 0.794   1.00 12.42 ? 48  THR A N     1 
ATOM   357  C CA    . THR A 1 47  ? -3.997  -21.041 0.950   1.00 13.03 ? 48  THR A CA    1 
ATOM   358  C C     . THR A 1 47  ? -4.890  -20.631 -0.222  1.00 14.24 ? 48  THR A C     1 
ATOM   359  O O     . THR A 1 47  ? -4.700  -19.566 -0.808  1.00 13.82 ? 48  THR A O     1 
ATOM   360  C CB    . THR A 1 47  ? -4.673  -20.712 2.314   1.00 14.80 ? 48  THR A CB    1 
ATOM   361  O OG1   . THR A 1 47  ? -5.750  -21.628 2.556   1.00 16.42 ? 48  THR A OG1   1 
ATOM   362  C CG2   . THR A 1 47  ? -5.200  -19.290 2.328   1.00 15.69 ? 48  THR A CG2   1 
ATOM   363  N N     . GLN A 1 48  ? -5.853  -21.468 -0.584  1.00 15.48 ? 49  GLN A N     1 
ATOM   364  C CA    . GLN A 1 48  ? -6.709  -21.132 -1.715  1.00 15.62 ? 49  GLN A CA    1 
ATOM   365  C C     . GLN A 1 48  ? -7.430  -19.806 -1.520  1.00 16.86 ? 49  GLN A C     1 
ATOM   366  O O     . GLN A 1 48  ? -8.064  -19.580 -0.486  1.00 17.02 ? 49  GLN A O     1 
ATOM   367  C CB    . GLN A 1 48  ? -7.738  -22.235 -1.968  1.00 19.47 ? 49  GLN A CB    1 
ATOM   368  C CG    . GLN A 1 48  ? -8.536  -21.992 -3.234  1.00 22.55 ? 49  GLN A CG    1 
ATOM   369  C CD    . GLN A 1 48  ? -9.298  -23.214 -3.694  1.00 25.93 ? 49  GLN A CD    1 
ATOM   370  O OE1   . GLN A 1 48  ? -10.506 -23.329 -3.480  1.00 29.44 ? 49  GLN A OE1   1 
ATOM   371  N NE2   . GLN A 1 48  ? -8.591  -24.142 -4.324  1.00 25.05 ? 49  GLN A NE2   1 
ATOM   372  N N     . GLY A 1 49  ? -7.321  -18.931 -2.516  1.00 17.09 ? 50  GLY A N     1 
ATOM   373  C CA    . GLY A 1 49  ? -7.977  -17.638 -2.442  1.00 17.76 ? 50  GLY A CA    1 
ATOM   374  C C     . GLY A 1 49  ? -7.085  -16.535 -1.909  1.00 17.98 ? 50  GLY A C     1 
ATOM   375  O O     . GLY A 1 49  ? -7.496  -15.379 -1.828  1.00 20.11 ? 50  GLY A O     1 
ATOM   376  N N     . PHE A 1 50  ? -5.862  -16.890 -1.534  1.00 15.80 ? 51  PHE A N     1 
ATOM   377  C CA    . PHE A 1 50  ? -4.910  -15.914 -1.013  1.00 14.05 ? 51  PHE A CA    1 
ATOM   378  C C     . PHE A 1 50  ? -3.744  -15.897 -1.994  1.00 14.33 ? 51  PHE A C     1 
ATOM   379  O O     . PHE A 1 50  ? -2.856  -16.753 -1.952  1.00 15.24 ? 51  PHE A O     1 
ATOM   380  C CB    . PHE A 1 50  ? -4.475  -16.333 0.399   1.00 14.71 ? 51  PHE A CB    1 
ATOM   381  C CG    . PHE A 1 50  ? -3.550  -15.361 1.080   1.00 15.89 ? 51  PHE A CG    1 
ATOM   382  C CD1   . PHE A 1 50  ? -3.489  -14.025 0.690   1.00 16.77 ? 51  PHE A CD1   1 
ATOM   383  C CD2   . PHE A 1 50  ? -2.752  -15.785 2.137   1.00 13.93 ? 51  PHE A CD2   1 
ATOM   384  C CE1   . PHE A 1 50  ? -2.644  -13.130 1.349   1.00 16.27 ? 51  PHE A CE1   1 
ATOM   385  C CE2   . PHE A 1 50  ? -1.906  -14.903 2.804   1.00 15.60 ? 51  PHE A CE2   1 
ATOM   386  C CZ    . PHE A 1 50  ? -1.851  -13.567 2.407   1.00 17.82 ? 51  PHE A CZ    1 
ATOM   387  N N     . ASN A 1 51  ? -3.779  -14.926 -2.900  1.00 14.08 ? 52  ASN A N     1 
ATOM   388  C CA    . ASN A 1 51  ? -2.766  -14.792 -3.937  1.00 13.95 ? 52  ASN A CA    1 
ATOM   389  C C     . ASN A 1 51  ? -1.838  -13.620 -3.686  1.00 13.81 ? 52  ASN A C     1 
ATOM   390  O O     . ASN A 1 51  ? -2.245  -12.453 -3.757  1.00 14.17 ? 52  ASN A O     1 
ATOM   391  C CB    . ASN A 1 51  ? -3.445  -14.627 -5.293  1.00 15.83 ? 52  ASN A CB    1 
ATOM   392  C CG    . ASN A 1 51  ? -4.482  -15.696 -5.545  1.00 20.02 ? 52  ASN A CG    1 
ATOM   393  O OD1   . ASN A 1 51  ? -4.179  -16.884 -5.503  1.00 20.90 ? 52  ASN A OD1   1 
ATOM   394  N ND2   . ASN A 1 51  ? -5.717  -15.278 -5.797  1.00 23.44 ? 52  ASN A ND2   1 
ATOM   395  N N     . ILE A 1 52  ? -0.580  -13.941 -3.426  1.00 10.91 ? 53  ILE A N     1 
ATOM   396  C CA    . ILE A 1 52  ? 0.423   -12.931 -3.136  1.00 9.89  ? 53  ILE A CA    1 
ATOM   397  C C     . ILE A 1 52  ? 1.412   -12.704 -4.277  1.00 11.08 ? 53  ILE A C     1 
ATOM   398  O O     . ILE A 1 52  ? 1.808   -13.642 -4.971  1.00 11.47 ? 53  ILE A O     1 
ATOM   399  C CB    . ILE A 1 52  ? 1.251   -13.331 -1.885  1.00 11.25 ? 53  ILE A CB    1 
ATOM   400  C CG1   . ILE A 1 52  ? 0.324   -13.519 -0.684  1.00 11.69 ? 53  ILE A CG1   1 
ATOM   401  C CG2   . ILE A 1 52  ? 2.316   -12.266 -1.596  1.00 14.08 ? 53  ILE A CG2   1 
ATOM   402  C CD1   . ILE A 1 52  ? 1.010   -14.128 0.523   1.00 13.70 ? 53  ILE A CD1   1 
ATOM   403  N N     . LYS A 1 53  ? 1.780   -11.442 -4.485  1.00 10.71 ? 54  LYS A N     1 
ATOM   404  C CA    . LYS A 1 53  ? 2.800   -11.098 -5.472  1.00 11.43 ? 54  LYS A CA    1 
ATOM   405  C C     . LYS A 1 53  ? 3.946   -10.603 -4.596  1.00 12.57 ? 54  LYS A C     1 
ATOM   406  O O     . LYS A 1 53  ? 3.767   -9.685  -3.800  1.00 13.32 ? 54  LYS A O     1 
ATOM   407  C CB    . LYS A 1 53  ? 2.321   -10.000 -6.423  1.00 13.38 ? 54  LYS A CB    1 
ATOM   408  C CG    . LYS A 1 53  ? 1.282   -10.491 -7.414  1.00 13.48 ? 54  LYS A CG    1 
ATOM   409  C CD    . LYS A 1 53  ? 0.878   -9.411  -8.409  1.00 16.64 ? 54  LYS A CD    1 
ATOM   410  C CE    . LYS A 1 53  ? -0.238  -9.924  -9.321  1.00 18.13 ? 54  LYS A CE    1 
ATOM   411  N NZ    . LYS A 1 53  ? -0.628  -8.948  -10.383 1.00 20.40 ? 54  LYS A NZ    1 
ATOM   412  N N     . SER A 1 54  ? 5.113   -11.227 -4.723  1.00 14.08 ? 55  SER A N     1 
ATOM   413  C CA    . SER A 1 54  ? 6.253   -10.869 -3.885  1.00 14.76 ? 55  SER A CA    1 
ATOM   414  C C     . SER A 1 54  ? 7.483   -10.482 -4.691  1.00 17.40 ? 55  SER A C     1 
ATOM   415  O O     . SER A 1 54  ? 7.802   -11.117 -5.696  1.00 16.17 ? 55  SER A O     1 
ATOM   416  C CB    . SER A 1 54  ? 6.590   -12.046 -2.968  1.00 17.96 ? 55  SER A CB    1 
ATOM   417  O OG    . SER A 1 54  ? 7.482   -11.659 -1.940  1.00 24.17 ? 55  SER A OG    1 
ATOM   418  N N     . VAL A 1 55  ? 8.178   -9.444  -4.234  1.00 16.78 ? 56  VAL A N     1 
ATOM   419  C CA    . VAL A 1 55  ? 9.378   -8.967  -4.911  1.00 19.55 ? 56  VAL A CA    1 
ATOM   420  C C     . VAL A 1 55  ? 10.424  -8.466  -3.918  1.00 21.03 ? 56  VAL A C     1 
ATOM   421  O O     . VAL A 1 55  ? 10.091  -7.838  -2.910  1.00 18.42 ? 56  VAL A O     1 
ATOM   422  C CB    . VAL A 1 55  ? 9.049   -7.808  -5.897  1.00 20.18 ? 56  VAL A CB    1 
ATOM   423  C CG1   A VAL A 1 55  ? 8.034   -8.264  -6.931  0.50 19.89 ? 56  VAL A CG1   1 
ATOM   424  C CG1   B VAL A 1 55  ? 8.312   -6.704  -5.169  0.50 23.20 ? 56  VAL A CG1   1 
ATOM   425  C CG2   A VAL A 1 55  ? 8.531   -6.603  -5.134  0.50 23.03 ? 56  VAL A CG2   1 
ATOM   426  C CG2   B VAL A 1 55  ? 10.328  -7.268  -6.521  0.50 20.32 ? 56  VAL A CG2   1 
ATOM   427  N N     . GLN A 1 56  ? 11.687  -8.756  -4.217  1.00 22.68 ? 57  GLN A N     1 
ATOM   428  C CA    . GLN A 1 56  ? 12.816  -8.322  -3.397  1.00 26.60 ? 57  GLN A CA    1 
ATOM   429  C C     . GLN A 1 56  ? 13.567  -7.299  -4.247  1.00 26.87 ? 57  GLN A C     1 
ATOM   430  O O     . GLN A 1 56  ? 14.053  -7.633  -5.327  1.00 27.86 ? 57  GLN A O     1 
ATOM   431  C CB    . GLN A 1 56  ? 13.731  -9.509  -3.077  1.00 28.87 ? 57  GLN A CB    1 
ATOM   432  C CG    . GLN A 1 56  ? 15.046  -9.115  -2.430  1.00 33.84 ? 57  GLN A CG    1 
ATOM   433  C CD    . GLN A 1 56  ? 14.863  -8.516  -1.053  1.00 36.64 ? 57  GLN A CD    1 
ATOM   434  O OE1   . GLN A 1 56  ? 14.536  -9.221  -0.100  1.00 39.57 ? 57  GLN A OE1   1 
ATOM   435  N NE2   . GLN A 1 56  ? 15.064  -7.208  -0.942  1.00 38.39 ? 57  GLN A NE2   1 
ATOM   436  N N     . SER A 1 57  ? 13.665  -6.061  -3.768  1.00 27.99 ? 58  SER A N     1 
ATOM   437  C CA    . SER A 1 57  ? 14.335  -5.014  -4.535  1.00 29.15 ? 58  SER A CA    1 
ATOM   438  C C     . SER A 1 57  ? 14.895  -3.834  -3.743  1.00 30.19 ? 58  SER A C     1 
ATOM   439  O O     . SER A 1 57  ? 14.231  -3.279  -2.870  1.00 29.58 ? 58  SER A O     1 
ATOM   440  C CB    . SER A 1 57  ? 13.374  -4.474  -5.596  1.00 30.16 ? 58  SER A CB    1 
ATOM   441  O OG    . SER A 1 57  ? 13.868  -3.278  -6.172  1.00 30.52 ? 58  SER A OG    1 
ATOM   442  N N     . GLN A 1 58  ? 16.124  -3.453  -4.079  1.00 31.48 ? 59  GLN A N     1 
ATOM   443  C CA    . GLN A 1 58  ? 16.806  -2.316  -3.462  1.00 32.51 ? 59  GLN A CA    1 
ATOM   444  C C     . GLN A 1 58  ? 16.704  -2.229  -1.943  1.00 31.96 ? 59  GLN A C     1 
ATOM   445  O O     . GLN A 1 58  ? 16.499  -1.146  -1.396  1.00 33.08 ? 59  GLN A O     1 
ATOM   446  C CB    . GLN A 1 58  ? 16.275  -1.009  -4.062  1.00 34.44 ? 59  GLN A CB    1 
ATOM   447  C CG    . GLN A 1 58  ? 16.353  -0.925  -5.581  1.00 37.29 ? 59  GLN A CG    1 
ATOM   448  C CD    . GLN A 1 58  ? 17.759  -1.138  -6.109  1.00 39.03 ? 59  GLN A CD    1 
ATOM   449  O OE1   . GLN A 1 58  ? 18.722  -0.570  -5.594  1.00 39.52 ? 59  GLN A OE1   1 
ATOM   450  N NE2   . GLN A 1 58  ? 17.882  -1.952  -7.151  1.00 40.25 ? 59  GLN A NE2   1 
ATOM   451  N N     . GLY A 1 59  ? 16.857  -3.359  -1.264  1.00 31.30 ? 60  GLY A N     1 
ATOM   452  C CA    . GLY A 1 59  ? 16.777  -3.350  0.186   1.00 29.69 ? 60  GLY A CA    1 
ATOM   453  C C     . GLY A 1 59  ? 15.347  -3.343  0.691   1.00 28.44 ? 60  GLY A C     1 
ATOM   454  O O     . GLY A 1 59  ? 15.085  -3.031  1.853   1.00 28.87 ? 60  GLY A O     1 
ATOM   455  N N     . PHE A 1 60  ? 14.414  -3.683  -0.189  1.00 25.45 ? 61  PHE A N     1 
ATOM   456  C CA    . PHE A 1 60  ? 13.011  -3.727  0.185   1.00 23.45 ? 61  PHE A CA    1 
ATOM   457  C C     . PHE A 1 60  ? 12.401  -5.076  -0.165  1.00 22.73 ? 61  PHE A C     1 
ATOM   458  O O     . PHE A 1 60  ? 12.727  -5.673  -1.191  1.00 21.77 ? 61  PHE A O     1 
ATOM   459  C CB    . PHE A 1 60  ? 12.208  -2.635  -0.535  1.00 22.84 ? 61  PHE A CB    1 
ATOM   460  C CG    . PHE A 1 60  ? 12.588  -1.236  -0.148  1.00 23.81 ? 61  PHE A CG    1 
ATOM   461  C CD1   . PHE A 1 60  ? 13.654  -0.594  -0.767  1.00 25.40 ? 61  PHE A CD1   1 
ATOM   462  C CD2   . PHE A 1 60  ? 11.865  -0.550  0.823   1.00 24.38 ? 61  PHE A CD2   1 
ATOM   463  C CE1   . PHE A 1 60  ? 13.996  0.714   -0.427  1.00 26.78 ? 61  PHE A CE1   1 
ATOM   464  C CE2   . PHE A 1 60  ? 12.197  0.760   1.173   1.00 25.42 ? 61  PHE A CE2   1 
ATOM   465  C CZ    . PHE A 1 60  ? 13.265  1.393   0.543   1.00 25.15 ? 61  PHE A CZ    1 
ATOM   466  N N     . LYS A 1 61  ? 11.525  -5.555  0.707   1.00 20.78 ? 62  LYS A N     1 
ATOM   467  C CA    . LYS A 1 61  ? 10.816  -6.804  0.471   1.00 21.02 ? 62  LYS A CA    1 
ATOM   468  C C     . LYS A 1 61  ? 9.361   -6.382  0.411   1.00 18.06 ? 62  LYS A C     1 
ATOM   469  O O     . LYS A 1 61  ? 8.839   -5.823  1.374   1.00 17.02 ? 62  LYS A O     1 
ATOM   470  C CB    . LYS A 1 61  ? 11.010  -7.788  1.624   1.00 23.03 ? 62  LYS A CB    1 
ATOM   471  C CG    . LYS A 1 61  ? 12.385  -8.414  1.704   1.00 29.17 ? 62  LYS A CG    1 
ATOM   472  C CD    . LYS A 1 61  ? 12.372  -9.563  2.702   1.00 31.52 ? 62  LYS A CD    1 
ATOM   473  C CE    . LYS A 1 61  ? 12.705  -10.890 2.039   1.00 34.56 ? 62  LYS A CE    1 
ATOM   474  N NZ    . LYS A 1 61  ? 14.134  -11.271 2.235   1.00 34.29 ? 62  LYS A NZ    1 
ATOM   475  N N     . LEU A 1 62  ? 8.713   -6.631  -0.720  1.00 16.80 ? 63  LEU A N     1 
ATOM   476  C CA    . LEU A 1 62  ? 7.320   -6.241  -0.874  1.00 15.26 ? 63  LEU A CA    1 
ATOM   477  C C     . LEU A 1 62  ? 6.415   -7.435  -1.106  1.00 14.50 ? 63  LEU A C     1 
ATOM   478  O O     . LEU A 1 62  ? 6.743   -8.330  -1.882  1.00 14.28 ? 63  LEU A O     1 
ATOM   479  C CB    . LEU A 1 62  ? 7.161   -5.279  -2.059  1.00 16.24 ? 63  LEU A CB    1 
ATOM   480  C CG    . LEU A 1 62  ? 8.157   -4.126  -2.222  1.00 19.30 ? 63  LEU A CG    1 
ATOM   481  C CD1   . LEU A 1 62  ? 7.637   -3.159  -3.279  1.00 23.66 ? 63  LEU A CD1   1 
ATOM   482  C CD2   . LEU A 1 62  ? 8.342   -3.404  -0.906  1.00 24.32 ? 63  LEU A CD2   1 
ATOM   483  N N     . ASN A 1 63  ? 5.282   -7.441  -0.409  1.00 12.28 ? 64  ASN A N     1 
ATOM   484  C CA    . ASN A 1 63  ? 4.270   -8.475  -0.568  1.00 12.45 ? 64  ASN A CA    1 
ATOM   485  C C     . ASN A 1 63  ? 2.997   -7.709  -0.876  1.00 11.95 ? 64  ASN A C     1 
ATOM   486  O O     . ASN A 1 63  ? 2.656   -6.736  -0.186  1.00 11.28 ? 64  ASN A O     1 
ATOM   487  C CB    . ASN A 1 63  ? 4.120   -9.313  0.698   1.00 12.17 ? 64  ASN A CB    1 
ATOM   488  C CG    . ASN A 1 63  ? 5.252   -10.305 0.859   1.00 18.11 ? 64  ASN A CG    1 
ATOM   489  O OD1   . ASN A 1 63  ? 5.401   -11.225 0.051   1.00 20.06 ? 64  ASN A OD1   1 
ATOM   490  N ND2   . ASN A 1 63  ? 6.066   -10.117 1.891   1.00 18.18 ? 64  ASN A ND2   1 
ATOM   491  N N     . VAL A 1 64  ? 2.316   -8.142  -1.930  1.00 10.96 ? 65  VAL A N     1 
ATOM   492  C CA    . VAL A 1 64  ? 1.109   -7.489  -2.406  1.00 11.84 ? 65  VAL A CA    1 
ATOM   493  C C     . VAL A 1 64  ? -0.062  -8.447  -2.569  1.00 12.24 ? 65  VAL A C     1 
ATOM   494  O O     . VAL A 1 64  ? 0.078   -9.514  -3.168  1.00 12.11 ? 65  VAL A O     1 
ATOM   495  C CB    . VAL A 1 64  ? 1.359   -6.851  -3.799  1.00 13.76 ? 65  VAL A CB    1 
ATOM   496  C CG1   . VAL A 1 64  ? 0.150   -6.029  -4.232  1.00 15.39 ? 65  VAL A CG1   1 
ATOM   497  C CG2   . VAL A 1 64  ? 2.630   -6.014  -3.776  1.00 15.63 ? 65  VAL A CG2   1 
ATOM   498  N N     . TRP A 1 65  ? -1.218  -8.072  -2.037  1.00 10.87 ? 66  TRP A N     1 
ATOM   499  C CA    . TRP A 1 65  ? -2.405  -8.888  -2.218  1.00 10.94 ? 66  TRP A CA    1 
ATOM   500  C C     . TRP A 1 65  ? -3.654  -8.037  -2.058  1.00 12.48 ? 66  TRP A C     1 
ATOM   501  O O     . TRP A 1 65  ? -3.606  -6.930  -1.493  1.00 10.70 ? 66  TRP A O     1 
ATOM   502  C CB    . TRP A 1 65  ? -2.413  -10.116 -1.275  1.00 10.91 ? 66  TRP A CB    1 
ATOM   503  C CG    . TRP A 1 65  ? -2.656  -9.857  0.187   1.00 10.46 ? 66  TRP A CG    1 
ATOM   504  C CD1   . TRP A 1 65  ? -3.858  -9.639  0.796   1.00 12.63 ? 66  TRP A CD1   1 
ATOM   505  C CD2   . TRP A 1 65  ? -1.672  -9.855  1.225   1.00 11.93 ? 66  TRP A CD2   1 
ATOM   506  N NE1   . TRP A 1 65  ? -3.682  -9.506  2.155   1.00 13.49 ? 66  TRP A NE1   1 
ATOM   507  C CE2   . TRP A 1 65  ? -2.348  -9.636  2.444   1.00 12.92 ? 66  TRP A CE2   1 
ATOM   508  C CE3   . TRP A 1 65  ? -0.281  -10.023 1.243   1.00 12.02 ? 66  TRP A CE3   1 
ATOM   509  C CZ2   . TRP A 1 65  ? -1.681  -9.577  3.673   1.00 14.43 ? 66  TRP A CZ2   1 
ATOM   510  C CZ3   . TRP A 1 65  ? 0.388   -9.965  2.468   1.00 15.01 ? 66  TRP A CZ3   1 
ATOM   511  C CH2   . TRP A 1 65  ? -0.318  -9.744  3.663   1.00 14.11 ? 66  TRP A CH2   1 
ATOM   512  N N     . ASP A 1 66  ? -4.759  -8.526  -2.607  1.00 12.88 ? 67  ASP A N     1 
ATOM   513  C CA    . ASP A 1 66  ? -6.024  -7.812  -2.533  1.00 15.22 ? 67  ASP A CA    1 
ATOM   514  C C     . ASP A 1 66  ? -6.685  -8.111  -1.198  1.00 17.59 ? 67  ASP A C     1 
ATOM   515  O O     . ASP A 1 66  ? -6.763  -9.272  -0.789  1.00 16.89 ? 67  ASP A O     1 
ATOM   516  C CB    . ASP A 1 66  ? -6.987  -8.264  -3.642  1.00 14.79 ? 67  ASP A CB    1 
ATOM   517  C CG    . ASP A 1 66  ? -6.435  -8.060  -5.040  1.00 18.36 ? 67  ASP A CG    1 
ATOM   518  O OD1   . ASP A 1 66  ? -5.637  -7.128  -5.257  1.00 15.48 ? 67  ASP A OD1   1 
ATOM   519  O OD2   . ASP A 1 66  ? -6.830  -8.832  -5.941  1.00 19.88 ? 67  ASP A OD2   1 
ATOM   520  N N     . ILE A 1 67  ? -7.159  -7.077  -0.509  1.00 17.34 ? 68  ILE A N     1 
ATOM   521  C CA    . ILE A 1 67  ? -7.842  -7.323  0.750   1.00 21.42 ? 68  ILE A CA    1 
ATOM   522  C C     . ILE A 1 67  ? -9.331  -7.465  0.476   1.00 23.56 ? 68  ILE A C     1 
ATOM   523  O O     . ILE A 1 67  ? -9.764  -7.378  -0.674  1.00 22.58 ? 68  ILE A O     1 
ATOM   524  C CB    . ILE A 1 67  ? -7.573  -6.217  1.804   1.00 21.35 ? 68  ILE A CB    1 
ATOM   525  C CG1   . ILE A 1 67  ? -7.563  -4.831  1.155   1.00 21.97 ? 68  ILE A CG1   1 
ATOM   526  C CG2   . ILE A 1 67  ? -6.261  -6.509  2.517   1.00 24.06 ? 68  ILE A CG2   1 
ATOM   527  C CD1   . ILE A 1 67  ? -8.894  -4.407  0.602   1.00 22.64 ? 68  ILE A CD1   1 
ATOM   528  N N     . GLY A 1 68  ? -10.111 -7.683  1.528   1.00 26.64 ? 69  GLY A N     1 
ATOM   529  C CA    . GLY A 1 68  ? -11.536 -7.881  1.347   1.00 31.74 ? 69  GLY A CA    1 
ATOM   530  C C     . GLY A 1 68  ? -11.702 -9.350  1.010   1.00 35.05 ? 69  GLY A C     1 
ATOM   531  O O     . GLY A 1 68  ? -10.762 -10.126 1.180   1.00 35.21 ? 69  GLY A O     1 
ATOM   532  N N     . GLY A 1 69  ? -12.880 -9.749  0.548   1.00 38.74 ? 70  GLY A N     1 
ATOM   533  C CA    . GLY A 1 69  ? -13.078 -11.142 0.192   1.00 43.61 ? 70  GLY A CA    1 
ATOM   534  C C     . GLY A 1 69  ? -13.481 -12.105 1.297   1.00 47.20 ? 70  GLY A C     1 
ATOM   535  O O     . GLY A 1 69  ? -14.270 -11.767 2.179   1.00 47.85 ? 70  GLY A O     1 
ATOM   536  N N     . GLN A 1 70  ? -12.908 -13.307 1.245   1.00 49.89 ? 71  GLN A N     1 
ATOM   537  C CA    . GLN A 1 70  ? -13.206 -14.391 2.182   1.00 52.41 ? 71  GLN A CA    1 
ATOM   538  C C     . GLN A 1 70  ? -12.784 -14.269 3.644   1.00 53.40 ? 71  GLN A C     1 
ATOM   539  O O     . GLN A 1 70  ? -11.694 -13.804 3.970   1.00 54.37 ? 71  GLN A O     1 
ATOM   540  C CB    . GLN A 1 70  ? -12.657 -15.702 1.621   1.00 53.72 ? 71  GLN A CB    1 
ATOM   541  C CG    . GLN A 1 70  ? -13.100 -15.979 0.201   1.00 56.00 ? 71  GLN A CG    1 
ATOM   542  C CD    . GLN A 1 70  ? -11.932 -16.130 -0.750  1.00 57.19 ? 71  GLN A CD    1 
ATOM   543  O OE1   . GLN A 1 70  ? -11.048 -15.273 -0.809  1.00 57.46 ? 71  GLN A OE1   1 
ATOM   544  N NE2   . GLN A 1 70  ? -11.923 -17.221 -1.506  1.00 57.58 ? 71  GLN A NE2   1 
ATOM   545  N N     . ARG A 1 71  ? -13.675 -14.755 4.501   1.00 54.37 ? 72  ARG A N     1 
ATOM   546  C CA    . ARG A 1 71  ? -13.543 -14.762 5.956   1.00 54.65 ? 72  ARG A CA    1 
ATOM   547  C C     . ARG A 1 71  ? -12.333 -15.502 6.543   1.00 53.52 ? 72  ARG A C     1 
ATOM   548  O O     . ARG A 1 71  ? -11.453 -14.898 7.155   1.00 53.45 ? 72  ARG A O     1 
ATOM   549  C CB    . ARG A 1 71  ? -14.810 -15.385 6.552   1.00 57.00 ? 72  ARG A CB    1 
ATOM   550  C CG    . ARG A 1 71  ? -15.050 -16.799 6.019   1.00 59.14 ? 72  ARG A CG    1 
ATOM   551  C CD    . ARG A 1 71  ? -16.209 -17.538 6.662   1.00 61.65 ? 72  ARG A CD    1 
ATOM   552  N NE    . ARG A 1 71  ? -16.163 -18.953 6.296   1.00 63.70 ? 72  ARG A NE    1 
ATOM   553  C CZ    . ARG A 1 71  ? -17.123 -19.835 6.554   1.00 64.63 ? 72  ARG A CZ    1 
ATOM   554  N NH1   . ARG A 1 71  ? -18.225 -19.460 7.185   1.00 65.51 ? 72  ARG A NH1   1 
ATOM   555  N NH2   . ARG A 1 71  ? -16.974 -21.101 6.181   1.00 65.32 ? 72  ARG A NH2   1 
ATOM   556  N N     . LYS A 1 72  ? -12.322 -16.819 6.350   1.00 52.05 ? 73  LYS A N     1 
ATOM   557  C CA    . LYS A 1 72  ? -11.308 -17.724 6.887   1.00 51.18 ? 73  LYS A CA    1 
ATOM   558  C C     . LYS A 1 72  ? -9.841  -17.584 6.472   1.00 49.21 ? 73  LYS A C     1 
ATOM   559  O O     . LYS A 1 72  ? -9.012  -18.401 6.878   1.00 49.33 ? 73  LYS A O     1 
ATOM   560  C CB    . LYS A 1 72  ? -11.760 -19.169 6.635   1.00 52.52 ? 73  LYS A CB    1 
ATOM   561  C CG    . LYS A 1 72  ? -10.974 -20.227 7.396   1.00 54.41 ? 73  LYS A CG    1 
ATOM   562  C CD    . LYS A 1 72  ? -11.498 -21.622 7.104   1.00 55.79 ? 73  LYS A CD    1 
ATOM   563  C CE    . LYS A 1 72  ? -10.734 -22.676 7.889   1.00 56.36 ? 73  LYS A CE    1 
ATOM   564  N NZ    . LYS A 1 72  ? -11.258 -24.044 7.624   1.00 57.35 ? 73  LYS A NZ    1 
ATOM   565  N N     . ILE A 1 73  ? -9.492  -16.573 5.687   1.00 46.98 ? 74  ILE A N     1 
ATOM   566  C CA    . ILE A 1 73  ? -8.092  -16.444 5.291   1.00 44.48 ? 74  ILE A CA    1 
ATOM   567  C C     . ILE A 1 73  ? -7.347  -15.352 6.052   1.00 42.08 ? 74  ILE A C     1 
ATOM   568  O O     . ILE A 1 73  ? -6.230  -14.984 5.689   1.00 41.52 ? 74  ILE A O     1 
ATOM   569  C CB    . ILE A 1 73  ? -7.947  -16.197 3.770   1.00 44.80 ? 74  ILE A CB    1 
ATOM   570  C CG1   . ILE A 1 73  ? -8.469  -14.812 3.397   1.00 45.94 ? 74  ILE A CG1   1 
ATOM   571  C CG2   . ILE A 1 73  ? -8.711  -17.266 3.002   1.00 44.88 ? 74  ILE A CG2   1 
ATOM   572  C CD1   . ILE A 1 73  ? -8.205  -14.445 1.947   1.00 45.88 ? 74  ILE A CD1   1 
ATOM   573  N N     . ARG A 1 74  ? -7.963  -14.850 7.119   1.00 39.59 ? 75  ARG A N     1 
ATOM   574  C CA    . ARG A 1 74  ? -7.356  -13.803 7.936   1.00 35.88 ? 75  ARG A CA    1 
ATOM   575  C C     . ARG A 1 74  ? -6.125  -14.300 8.698   1.00 32.64 ? 75  ARG A C     1 
ATOM   576  O O     . ARG A 1 74  ? -5.116  -13.599 8.780   1.00 30.85 ? 75  ARG A O     1 
ATOM   577  C CB    . ARG A 1 74  ? -8.384  -13.241 8.918   1.00 39.21 ? 75  ARG A CB    1 
ATOM   578  C CG    . ARG A 1 74  ? -9.563  -12.546 8.254   1.00 42.61 ? 75  ARG A CG    1 
ATOM   579  C CD    . ARG A 1 74  ? -9.133  -11.279 7.528   1.00 46.04 ? 75  ARG A CD    1 
ATOM   580  N NE    . ARG A 1 74  ? -10.281 -10.507 7.057   1.00 49.20 ? 75  ARG A NE    1 
ATOM   581  C CZ    . ARG A 1 74  ? -11.087 -10.886 6.071   1.00 50.60 ? 75  ARG A CZ    1 
ATOM   582  N NH1   . ARG A 1 74  ? -10.871 -12.030 5.441   1.00 52.18 ? 75  ARG A NH1   1 
ATOM   583  N NH2   . ARG A 1 74  ? -12.114 -10.124 5.718   1.00 51.99 ? 75  ARG A NH2   1 
ATOM   584  N N     . PRO A 1 75  ? -6.196  -15.507 9.282   1.00 29.16 ? 76  PRO A N     1 
ATOM   585  C CA    . PRO A 1 75  ? -5.034  -16.019 10.016  1.00 26.81 ? 76  PRO A CA    1 
ATOM   586  C C     . PRO A 1 75  ? -3.800  -16.071 9.122   1.00 24.57 ? 76  PRO A C     1 
ATOM   587  O O     . PRO A 1 75  ? -2.668  -15.926 9.595   1.00 22.53 ? 76  PRO A O     1 
ATOM   588  C CB    . PRO A 1 75  ? -5.492  -17.405 10.454  1.00 27.54 ? 76  PRO A CB    1 
ATOM   589  C CG    . PRO A 1 75  ? -6.944  -17.193 10.703  1.00 29.16 ? 76  PRO A CG    1 
ATOM   590  C CD    . PRO A 1 75  ? -7.366  -16.379 9.496   1.00 29.46 ? 76  PRO A CD    1 
ATOM   591  N N     . TYR A 1 76  ? -4.023  -16.286 7.827   1.00 21.92 ? 77  TYR A N     1 
ATOM   592  C CA    . TYR A 1 76  ? -2.917  -16.346 6.884   1.00 19.48 ? 77  TYR A CA    1 
ATOM   593  C C     . TYR A 1 76  ? -2.391  -14.948 6.601   1.00 17.19 ? 77  TYR A C     1 
ATOM   594  O O     . TYR A 1 76  ? -1.197  -14.774 6.388   1.00 17.75 ? 77  TYR A O     1 
ATOM   595  C CB    . TYR A 1 76  ? -3.345  -17.043 5.590   1.00 18.02 ? 77  TYR A CB    1 
ATOM   596  C CG    . TYR A 1 76  ? -3.737  -18.485 5.819   1.00 18.71 ? 77  TYR A CG    1 
ATOM   597  C CD1   . TYR A 1 76  ? -5.037  -18.823 6.187   1.00 18.35 ? 77  TYR A CD1   1 
ATOM   598  C CD2   . TYR A 1 76  ? -2.788  -19.506 5.736   1.00 18.53 ? 77  TYR A CD2   1 
ATOM   599  C CE1   . TYR A 1 76  ? -5.387  -20.142 6.475   1.00 16.74 ? 77  TYR A CE1   1 
ATOM   600  C CE2   . TYR A 1 76  ? -3.125  -20.827 6.020   1.00 17.34 ? 77  TYR A CE2   1 
ATOM   601  C CZ    . TYR A 1 76  ? -4.424  -21.136 6.391   1.00 17.67 ? 77  TYR A CZ    1 
ATOM   602  O OH    . TYR A 1 76  ? -4.751  -22.439 6.694   1.00 18.81 ? 77  TYR A OH    1 
ATOM   603  N N     . TRP A 1 77  ? -3.278  -13.953 6.602   1.00 17.25 ? 78  TRP A N     1 
ATOM   604  C CA    . TRP A 1 77  ? -2.839  -12.575 6.382   1.00 15.68 ? 78  TRP A CA    1 
ATOM   605  C C     . TRP A 1 77  ? -2.013  -12.148 7.599   1.00 15.35 ? 78  TRP A C     1 
ATOM   606  O O     . TRP A 1 77  ? -0.953  -11.537 7.468   1.00 14.91 ? 78  TRP A O     1 
ATOM   607  C CB    . TRP A 1 77  ? -4.024  -11.606 6.285   1.00 16.45 ? 78  TRP A CB    1 
ATOM   608  C CG    . TRP A 1 77  ? -4.867  -11.658 5.040   1.00 18.99 ? 78  TRP A CG    1 
ATOM   609  C CD1   . TRP A 1 77  ? -4.750  -12.521 3.991   1.00 19.69 ? 78  TRP A CD1   1 
ATOM   610  C CD2   . TRP A 1 77  ? -5.978  -10.804 4.734   1.00 22.01 ? 78  TRP A CD2   1 
ATOM   611  N NE1   . TRP A 1 77  ? -5.723  -12.261 3.052   1.00 20.89 ? 78  TRP A NE1   1 
ATOM   612  C CE2   . TRP A 1 77  ? -6.489  -11.213 3.484   1.00 22.29 ? 78  TRP A CE2   1 
ATOM   613  C CE3   . TRP A 1 77  ? -6.591  -9.735  5.400   1.00 22.79 ? 78  TRP A CE3   1 
ATOM   614  C CZ2   . TRP A 1 77  ? -7.589  -10.587 2.881   1.00 23.55 ? 78  TRP A CZ2   1 
ATOM   615  C CZ3   . TRP A 1 77  ? -7.684  -9.112  4.803   1.00 25.24 ? 78  TRP A CZ3   1 
ATOM   616  C CH2   . TRP A 1 77  ? -8.170  -9.543  3.555   1.00 23.72 ? 78  TRP A CH2   1 
ATOM   617  N N     . ARG A 1 78  ? -2.519  -12.475 8.786   1.00 16.28 ? 79  ARG A N     1 
ATOM   618  C CA    . ARG A 1 78  ? -1.869  -12.093 10.034  1.00 16.52 ? 79  ARG A CA    1 
ATOM   619  C C     . ARG A 1 78  ? -0.421  -12.538 10.183  1.00 15.12 ? 79  ARG A C     1 
ATOM   620  O O     . ARG A 1 78  ? 0.370   -11.849 10.817  1.00 14.72 ? 79  ARG A O     1 
ATOM   621  C CB    . ARG A 1 78  ? -2.684  -12.592 11.230  1.00 18.55 ? 79  ARG A CB    1 
ATOM   622  C CG    . ARG A 1 78  ? -4.101  -12.052 11.260  1.00 23.25 ? 79  ARG A CG    1 
ATOM   623  C CD    . ARG A 1 78  ? -4.694  -12.092 12.657  1.00 27.10 ? 79  ARG A CD    1 
ATOM   624  N NE    . ARG A 1 78  ? -6.077  -11.631 12.650  1.00 30.47 ? 79  ARG A NE    1 
ATOM   625  C CZ    . ARG A 1 78  ? -7.127  -12.419 12.448  1.00 34.37 ? 79  ARG A CZ    1 
ATOM   626  N NH1   . ARG A 1 78  ? -6.959  -13.721 12.243  1.00 34.62 ? 79  ARG A NH1   1 
ATOM   627  N NH2   . ARG A 1 78  ? -8.350  -11.902 12.436  1.00 35.87 ? 79  ARG A NH2   1 
ATOM   628  N N     . SER A 1 79  ? -0.071  -13.681 9.605   1.00 15.58 ? 80  SER A N     1 
ATOM   629  C CA    . SER A 1 79  ? 1.298   -14.163 9.699   1.00 17.66 ? 80  SER A CA    1 
ATOM   630  C C     . SER A 1 79  ? 2.280   -13.181 9.070   1.00 19.73 ? 80  SER A C     1 
ATOM   631  O O     . SER A 1 79  ? 3.446   -13.126 9.462   1.00 20.05 ? 80  SER A O     1 
ATOM   632  C CB    . SER A 1 79  ? 1.428   -15.532 9.035   1.00 19.35 ? 80  SER A CB    1 
ATOM   633  O OG    . SER A 1 79  ? 0.734   -16.509 9.788   1.00 24.02 ? 80  SER A OG    1 
ATOM   634  N N     . TYR A 1 80  ? 1.806   -12.399 8.103   1.00 19.78 ? 81  TYR A N     1 
ATOM   635  C CA    . TYR A 1 80  ? 2.658   -11.416 7.443   1.00 21.19 ? 81  TYR A CA    1 
ATOM   636  C C     . TYR A 1 80  ? 2.709   -10.090 8.192   1.00 22.16 ? 81  TYR A C     1 
ATOM   637  O O     . TYR A 1 80  ? 3.688   -9.353  8.097   1.00 20.44 ? 81  TYR A O     1 
ATOM   638  C CB    . TYR A 1 80  ? 2.175   -11.154 6.015   1.00 21.48 ? 81  TYR A CB    1 
ATOM   639  C CG    . TYR A 1 80  ? 2.445   -12.294 5.068   1.00 21.35 ? 81  TYR A CG    1 
ATOM   640  C CD1   . TYR A 1 80  ? 1.602   -13.404 5.023   1.00 23.95 ? 81  TYR A CD1   1 
ATOM   641  C CD2   . TYR A 1 80  ? 3.571   -12.286 4.247   1.00 23.50 ? 81  TYR A CD2   1 
ATOM   642  C CE1   . TYR A 1 80  ? 1.876   -14.479 4.186   1.00 23.19 ? 81  TYR A CE1   1 
ATOM   643  C CE2   . TYR A 1 80  ? 3.854   -13.359 3.405   1.00 23.06 ? 81  TYR A CE2   1 
ATOM   644  C CZ    . TYR A 1 80  ? 3.005   -14.450 3.382   1.00 23.54 ? 81  TYR A CZ    1 
ATOM   645  O OH    . TYR A 1 80  ? 3.290   -15.514 2.562   1.00 27.17 ? 81  TYR A OH    1 
ATOM   646  N N     . PHE A 1 81  ? 1.649   -9.790  8.932   1.00 23.71 ? 82  PHE A N     1 
ATOM   647  C CA    . PHE A 1 81  ? 1.572   -8.544  9.689   1.00 24.50 ? 82  PHE A CA    1 
ATOM   648  C C     . PHE A 1 81  ? 2.689   -8.396  10.715  1.00 27.01 ? 82  PHE A C     1 
ATOM   649  O O     . PHE A 1 81  ? 3.296   -7.334  10.845  1.00 25.77 ? 82  PHE A O     1 
ATOM   650  C CB    . PHE A 1 81  ? 0.223   -8.445  10.414  1.00 23.43 ? 82  PHE A CB    1 
ATOM   651  C CG    . PHE A 1 81  ? -0.965  -8.382  9.492   1.00 20.96 ? 82  PHE A CG    1 
ATOM   652  C CD1   . PHE A 1 81  ? -0.795  -8.136  8.133   1.00 20.61 ? 82  PHE A CD1   1 
ATOM   653  C CD2   . PHE A 1 81  ? -2.258  -8.575  9.979   1.00 20.73 ? 82  PHE A CD2   1 
ATOM   654  C CE1   . PHE A 1 81  ? -1.883  -8.084  7.272   1.00 21.81 ? 82  PHE A CE1   1 
ATOM   655  C CE2   . PHE A 1 81  ? -3.358  -8.524  9.124   1.00 21.37 ? 82  PHE A CE2   1 
ATOM   656  C CZ    . PHE A 1 81  ? -3.168  -8.279  7.764   1.00 22.91 ? 82  PHE A CZ    1 
ATOM   657  N N     . GLU A 1 82  ? 2.951   -9.477  11.441  1.00 29.67 ? 83  GLU A N     1 
ATOM   658  C CA    . GLU A 1 82  ? 3.957   -9.492  12.495  1.00 32.13 ? 83  GLU A CA    1 
ATOM   659  C C     . GLU A 1 82  ? 5.306   -8.845  12.179  1.00 33.02 ? 83  GLU A C     1 
ATOM   660  O O     . GLU A 1 82  ? 5.836   -8.084  12.990  1.00 34.32 ? 83  GLU A O     1 
ATOM   661  C CB    . GLU A 1 82  ? 4.191   -10.934 12.954  1.00 35.29 ? 83  GLU A CB    1 
ATOM   662  C CG    . GLU A 1 82  ? 2.933   -11.786 12.976  1.00 37.57 ? 83  GLU A CG    1 
ATOM   663  C CD    . GLU A 1 82  ? 3.146   -13.123 13.656  1.00 40.30 ? 83  GLU A CD    1 
ATOM   664  O OE1   . GLU A 1 82  ? 4.149   -13.800 13.345  1.00 41.09 ? 83  GLU A OE1   1 
ATOM   665  O OE2   . GLU A 1 82  ? 2.305   -13.497 14.500  1.00 42.08 ? 83  GLU A OE2   1 
ATOM   666  N N     . ASN A 1 83  ? 5.864   -9.137  11.009  1.00 31.84 ? 84  ASN A N     1 
ATOM   667  C CA    . ASN A 1 83  ? 7.171   -8.592  10.657  1.00 30.92 ? 84  ASN A CA    1 
ATOM   668  C C     . ASN A 1 83  ? 7.118   -7.439  9.657   1.00 28.68 ? 84  ASN A C     1 
ATOM   669  O O     . ASN A 1 83  ? 8.120   -7.113  9.026   1.00 28.11 ? 84  ASN A O     1 
ATOM   670  C CB    . ASN A 1 83  ? 8.058   -9.717  10.111  1.00 34.68 ? 84  ASN A CB    1 
ATOM   671  C CG    . ASN A 1 83  ? 9.536   -9.417  10.254  1.00 38.31 ? 84  ASN A CG    1 
ATOM   672  O OD1   . ASN A 1 83  ? 9.923   -8.365  10.762  1.00 40.51 ? 84  ASN A OD1   1 
ATOM   673  N ND2   . ASN A 1 83  ? 10.374  -10.348 9.810   1.00 39.25 ? 84  ASN A ND2   1 
ATOM   674  N N     . THR A 1 84  ? 5.955   -6.815  9.525   1.00 24.25 ? 85  THR A N     1 
ATOM   675  C CA    . THR A 1 84  ? 5.787   -5.703  8.596   1.00 20.90 ? 85  THR A CA    1 
ATOM   676  C C     . THR A 1 84  ? 6.301   -4.388  9.172   1.00 20.53 ? 85  THR A C     1 
ATOM   677  O O     . THR A 1 84  ? 5.970   -4.028  10.301  1.00 21.20 ? 85  THR A O     1 
ATOM   678  C CB    . THR A 1 84  ? 4.311   -5.523  8.228   1.00 20.48 ? 85  THR A CB    1 
ATOM   679  O OG1   . THR A 1 84  ? 3.834   -6.713  7.590   1.00 22.72 ? 85  THR A OG1   1 
ATOM   680  C CG2   . THR A 1 84  ? 4.140   -4.335  7.280   1.00 18.94 ? 85  THR A CG2   1 
ATOM   681  N N     . ASP A 1 85  ? 7.104   -3.672  8.388   1.00 18.82 ? 86  ASP A N     1 
ATOM   682  C CA    . ASP A 1 85  ? 7.661   -2.389  8.812   1.00 18.56 ? 86  ASP A CA    1 
ATOM   683  C C     . ASP A 1 85  ? 6.812   -1.205  8.343   1.00 18.67 ? 86  ASP A C     1 
ATOM   684  O O     . ASP A 1 85  ? 6.710   -0.192  9.035   1.00 18.38 ? 86  ASP A O     1 
ATOM   685  C CB    . ASP A 1 85  ? 9.082   -2.212  8.267   1.00 19.54 ? 86  ASP A CB    1 
ATOM   686  C CG    . ASP A 1 85  ? 10.038  -3.274  8.767   1.00 22.77 ? 86  ASP A CG    1 
ATOM   687  O OD1   . ASP A 1 85  ? 10.088  -3.494  9.997   1.00 25.23 ? 86  ASP A OD1   1 
ATOM   688  O OD2   . ASP A 1 85  ? 10.744  -3.884  7.933   1.00 21.98 ? 86  ASP A OD2   1 
ATOM   689  N N     . ILE A 1 86  ? 6.217   -1.334  7.162   1.00 16.30 ? 87  ILE A N     1 
ATOM   690  C CA    . ILE A 1 86  ? 5.401   -0.262  6.594   1.00 14.08 ? 87  ILE A CA    1 
ATOM   691  C C     . ILE A 1 86  ? 4.192   -0.826  5.853   1.00 12.06 ? 87  ILE A C     1 
ATOM   692  O O     . ILE A 1 86  ? 4.288   -1.851  5.177   1.00 12.21 ? 87  ILE A O     1 
ATOM   693  C CB    . ILE A 1 86  ? 6.227   0.585   5.575   1.00 16.45 ? 87  ILE A CB    1 
ATOM   694  C CG1   A ILE A 1 86  ? 7.419   1.246   6.271   0.50 14.06 ? 87  ILE A CG1   1 
ATOM   695  C CG1   B ILE A 1 86  ? 5.318   1.562   4.822   0.50 16.70 ? 87  ILE A CG1   1 
ATOM   696  C CG2   A ILE A 1 86  ? 5.334   1.628   4.912   0.50 15.92 ? 87  ILE A CG2   1 
ATOM   697  C CG2   B ILE A 1 86  ? 6.926   -0.319  4.599   0.50 15.71 ? 87  ILE A CG2   1 
ATOM   698  C CD1   A ILE A 1 86  ? 7.043   2.323   7.268   0.50 14.57 ? 87  ILE A CD1   1 
ATOM   699  C CD1   B ILE A 1 86  ? 4.708   2.637   5.692   0.50 18.26 ? 87  ILE A CD1   1 
ATOM   700  N N     . LEU A 1 87  ? 3.056   -0.157  5.995   1.00 10.26 ? 88  LEU A N     1 
ATOM   701  C CA    . LEU A 1 87  ? 1.849   -0.552  5.286   1.00 9.92  ? 88  LEU A CA    1 
ATOM   702  C C     . LEU A 1 87  ? 1.561   0.531   4.256   1.00 11.00 ? 88  LEU A C     1 
ATOM   703  O O     . LEU A 1 87  ? 1.491   1.710   4.598   1.00 10.99 ? 88  LEU A O     1 
ATOM   704  C CB    . LEU A 1 87  ? 0.647   -0.662  6.229   1.00 11.76 ? 88  LEU A CB    1 
ATOM   705  C CG    . LEU A 1 87  ? -0.715  -0.838  5.537   1.00 12.00 ? 88  LEU A CG    1 
ATOM   706  C CD1   . LEU A 1 87  ? -0.718  -2.126  4.718   1.00 11.48 ? 88  LEU A CD1   1 
ATOM   707  C CD2   . LEU A 1 87  ? -1.830  -0.865  6.580   1.00 13.74 ? 88  LEU A CD2   1 
ATOM   708  N N     . ILE A 1 88  ? 1.435   0.137   2.994   1.00 8.63  ? 89  ILE A N     1 
ATOM   709  C CA    . ILE A 1 88  ? 1.084   1.091   1.948   1.00 8.74  ? 89  ILE A CA    1 
ATOM   710  C C     . ILE A 1 88  ? -0.300  0.636   1.505   1.00 8.51  ? 89  ILE A C     1 
ATOM   711  O O     . ILE A 1 88  ? -0.467  -0.483  1.015   1.00 9.62  ? 89  ILE A O     1 
ATOM   712  C CB    . ILE A 1 88  ? 2.059   1.055   0.748   1.00 7.45  ? 89  ILE A CB    1 
ATOM   713  C CG1   . ILE A 1 88  ? 3.461   1.470   1.205   1.00 11.33 ? 89  ILE A CG1   1 
ATOM   714  C CG2   . ILE A 1 88  ? 1.587   2.018   -0.337  1.00 8.27  ? 89  ILE A CG2   1 
ATOM   715  C CD1   . ILE A 1 88  ? 4.492   1.450   0.098   1.00 12.49 ? 89  ILE A CD1   1 
ATOM   716  N N     . TYR A 1 89  ? -1.292  1.498   1.704   1.00 6.06  ? 90  TYR A N     1 
ATOM   717  C CA    . TYR A 1 89  ? -2.666  1.168   1.351   1.00 9.44  ? 90  TYR A CA    1 
ATOM   718  C C     . TYR A 1 89  ? -3.054  1.942   0.101   1.00 9.91  ? 90  TYR A C     1 
ATOM   719  O O     . TYR A 1 89  ? -2.977  3.172   0.073   1.00 10.55 ? 90  TYR A O     1 
ATOM   720  C CB    . TYR A 1 89  ? -3.598  1.526   2.502   1.00 9.14  ? 90  TYR A CB    1 
ATOM   721  C CG    . TYR A 1 89  ? -4.933  0.838   2.397   1.00 9.80  ? 90  TYR A CG    1 
ATOM   722  C CD1   . TYR A 1 89  ? -5.067  -0.518  2.705   1.00 9.92  ? 90  TYR A CD1   1 
ATOM   723  C CD2   . TYR A 1 89  ? -6.052  1.526   1.939   1.00 10.25 ? 90  TYR A CD2   1 
ATOM   724  C CE1   . TYR A 1 89  ? -6.290  -1.169  2.557   1.00 11.64 ? 90  TYR A CE1   1 
ATOM   725  C CE2   . TYR A 1 89  ? -7.278  0.884   1.783   1.00 12.85 ? 90  TYR A CE2   1 
ATOM   726  C CZ    . TYR A 1 89  ? -7.388  -0.463  2.091   1.00 13.42 ? 90  TYR A CZ    1 
ATOM   727  O OH    . TYR A 1 89  ? -8.587  -1.105  1.905   1.00 14.02 ? 90  TYR A OH    1 
ATOM   728  N N     . VAL A 1 90  ? -3.477  1.212   -0.926  1.00 8.47  ? 91  VAL A N     1 
ATOM   729  C CA    . VAL A 1 90  ? -3.815  1.822   -2.201  1.00 9.79  ? 91  VAL A CA    1 
ATOM   730  C C     . VAL A 1 90  ? -5.311  1.905   -2.456  1.00 9.56  ? 91  VAL A C     1 
ATOM   731  O O     . VAL A 1 90  ? -6.038  0.929   -2.283  1.00 10.24 ? 91  VAL A O     1 
ATOM   732  C CB    . VAL A 1 90  ? -3.135  1.040   -3.359  1.00 8.15  ? 91  VAL A CB    1 
ATOM   733  C CG1   . VAL A 1 90  ? -3.326  1.775   -4.679  1.00 9.79  ? 91  VAL A CG1   1 
ATOM   734  C CG2   . VAL A 1 90  ? -1.642  0.842   -3.051  1.00 9.40  ? 91  VAL A CG2   1 
ATOM   735  N N     . ILE A 1 91  ? -5.757  3.084   -2.880  1.00 8.64  ? 92  ILE A N     1 
ATOM   736  C CA    . ILE A 1 91  ? -7.163  3.324   -3.171  1.00 8.74  ? 92  ILE A CA    1 
ATOM   737  C C     . ILE A 1 91  ? -7.357  3.875   -4.580  1.00 9.85  ? 92  ILE A C     1 
ATOM   738  O O     . ILE A 1 91  ? -6.584  4.727   -5.037  1.00 8.62  ? 92  ILE A O     1 
ATOM   739  C CB    . ILE A 1 91  ? -7.756  4.335   -2.169  1.00 10.94 ? 92  ILE A CB    1 
ATOM   740  C CG1   . ILE A 1 91  ? -7.800  3.703   -0.779  1.00 10.80 ? 92  ILE A CG1   1 
ATOM   741  C CG2   . ILE A 1 91  ? -9.158  4.775   -2.618  1.00 11.86 ? 92  ILE A CG2   1 
ATOM   742  C CD1   . ILE A 1 91  ? -8.162  4.680   0.326   1.00 12.16 ? 92  ILE A CD1   1 
ATOM   743  N N     . ASP A 1 92  ? -8.372  3.363   -5.274  1.00 8.63  ? 93  ASP A N     1 
ATOM   744  C CA    . ASP A 1 92  ? -8.707  3.852   -6.607  1.00 10.58 ? 93  ASP A CA    1 
ATOM   745  C C     . ASP A 1 92  ? -9.577  5.077   -6.336  1.00 11.00 ? 93  ASP A C     1 
ATOM   746  O O     . ASP A 1 92  ? -10.746 4.944   -5.971  1.00 11.72 ? 93  ASP A O     1 
ATOM   747  C CB    . ASP A 1 92  ? -9.514  2.812   -7.388  1.00 10.88 ? 93  ASP A CB    1 
ATOM   748  C CG    . ASP A 1 92  ? -9.956  3.323   -8.751  1.00 13.55 ? 93  ASP A CG    1 
ATOM   749  O OD1   . ASP A 1 92  ? -9.945  4.557   -8.962  1.00 15.71 ? 93  ASP A OD1   1 
ATOM   750  O OD2   . ASP A 1 92  ? -10.325 2.496   -9.614  1.00 15.20 ? 93  ASP A OD2   1 
ATOM   751  N N     . SER A 1 93  ? -8.996  6.262   -6.500  1.00 10.91 ? 94  SER A N     1 
ATOM   752  C CA    . SER A 1 93  ? -9.688  7.523   -6.247  1.00 11.24 ? 94  SER A CA    1 
ATOM   753  C C     . SER A 1 93  ? -10.939 7.771   -7.082  1.00 13.80 ? 94  SER A C     1 
ATOM   754  O O     . SER A 1 93  ? -11.788 8.573   -6.693  1.00 14.39 ? 94  SER A O     1 
ATOM   755  C CB    . SER A 1 93  ? -8.726  8.699   -6.449  1.00 10.53 ? 94  SER A CB    1 
ATOM   756  O OG    . SER A 1 93  ? -7.600  8.592   -5.593  1.00 10.77 ? 94  SER A OG    1 
ATOM   757  N N     . ALA A 1 94  ? -11.055 7.085   -8.212  1.00 15.22 ? 95  ALA A N     1 
ATOM   758  C CA    . ALA A 1 94  ? -12.202 7.261   -9.099  1.00 18.18 ? 95  ALA A CA    1 
ATOM   759  C C     . ALA A 1 94  ? -13.333 6.262   -8.857  1.00 20.62 ? 95  ALA A C     1 
ATOM   760  O O     . ALA A 1 94  ? -14.393 6.358   -9.479  1.00 23.01 ? 95  ALA A O     1 
ATOM   761  C CB    . ALA A 1 94  ? -11.741 7.182   -10.550 1.00 19.66 ? 95  ALA A CB    1 
ATOM   762  N N     . ASP A 1 95  ? -13.117 5.306   -7.957  1.00 19.88 ? 96  ASP A N     1 
ATOM   763  C CA    . ASP A 1 95  ? -14.133 4.295   -7.659  1.00 19.72 ? 96  ASP A CA    1 
ATOM   764  C C     . ASP A 1 95  ? -14.948 4.695   -6.431  1.00 19.54 ? 96  ASP A C     1 
ATOM   765  O O     . ASP A 1 95  ? -14.779 4.125   -5.352  1.00 19.50 ? 96  ASP A O     1 
ATOM   766  C CB    . ASP A 1 95  ? -13.470 2.937   -7.400  1.00 20.45 ? 96  ASP A CB    1 
ATOM   767  C CG    . ASP A 1 95  ? -14.465 1.783   -7.425  1.00 23.56 ? 96  ASP A CG    1 
ATOM   768  O OD1   . ASP A 1 95  ? -15.660 2.006   -7.126  1.00 23.28 ? 96  ASP A OD1   1 
ATOM   769  O OD2   . ASP A 1 95  ? -14.047 0.645   -7.731  1.00 23.64 ? 96  ASP A OD2   1 
ATOM   770  N N     . ARG A 1 96  ? -15.835 5.671   -6.596  1.00 19.82 ? 97  ARG A N     1 
ATOM   771  C CA    . ARG A 1 96  ? -16.658 6.137   -5.488  1.00 21.25 ? 97  ARG A CA    1 
ATOM   772  C C     . ARG A 1 96  ? -17.556 5.049   -4.915  1.00 20.47 ? 97  ARG A C     1 
ATOM   773  O O     . ARG A 1 96  ? -17.786 5.004   -3.709  1.00 22.57 ? 97  ARG A O     1 
ATOM   774  C CB    . ARG A 1 96  ? -17.521 7.323   -5.924  1.00 21.38 ? 97  ARG A CB    1 
ATOM   775  C CG    . ARG A 1 96  ? -16.765 8.633   -6.050  1.00 26.66 ? 97  ARG A CG    1 
ATOM   776  C CD    . ARG A 1 96  ? -17.715 9.767   -6.404  1.00 26.97 ? 97  ARG A CD    1 
ATOM   777  N NE    . ARG A 1 96  ? -17.034 11.051  -6.556  1.00 28.23 ? 97  ARG A NE    1 
ATOM   778  C CZ    . ARG A 1 96  ? -16.526 11.765  -5.556  1.00 29.04 ? 97  ARG A CZ    1 
ATOM   779  N NH1   . ARG A 1 96  ? -16.611 11.325  -4.306  1.00 28.29 ? 97  ARG A NH1   1 
ATOM   780  N NH2   . ARG A 1 96  ? -15.940 12.932  -5.807  1.00 28.55 ? 97  ARG A NH2   1 
ATOM   781  N N     . LYS A 1 97  ? -18.060 4.178   -5.780  1.00 21.78 ? 98  LYS A N     1 
ATOM   782  C CA    . LYS A 1 97  ? -18.944 3.104   -5.342  1.00 22.86 ? 98  LYS A CA    1 
ATOM   783  C C     . LYS A 1 97  ? -18.322 2.200   -4.288  1.00 22.32 ? 98  LYS A C     1 
ATOM   784  O O     . LYS A 1 97  ? -19.033 1.631   -3.459  1.00 22.13 ? 98  LYS A O     1 
ATOM   785  C CB    . LYS A 1 97  ? -19.384 2.257   -6.537  1.00 26.10 ? 98  LYS A CB    1 
ATOM   786  C CG    . LYS A 1 97  ? -20.324 2.974   -7.492  1.00 29.89 ? 98  LYS A CG    1 
ATOM   787  C CD    . LYS A 1 97  ? -20.755 2.052   -8.623  1.00 35.07 ? 98  LYS A CD    1 
ATOM   788  C CE    . LYS A 1 97  ? -21.676 2.762   -9.599  1.00 37.96 ? 98  LYS A CE    1 
ATOM   789  N NZ    . LYS A 1 97  ? -22.071 1.866   -10.725 1.00 41.71 ? 98  LYS A NZ    1 
ATOM   790  N N     . ARG A 1 98  ? -17.001 2.063   -4.309  1.00 20.54 ? 99  ARG A N     1 
ATOM   791  C CA    . ARG A 1 98  ? -16.351 1.201   -3.334  1.00 18.82 ? 99  ARG A CA    1 
ATOM   792  C C     . ARG A 1 98  ? -15.524 1.922   -2.273  1.00 17.76 ? 99  ARG A C     1 
ATOM   793  O O     . ARG A 1 98  ? -14.768 1.293   -1.533  1.00 16.63 ? 99  ARG A O     1 
ATOM   794  C CB    . ARG A 1 98  ? -15.506 0.149   -4.057  1.00 20.90 ? 99  ARG A CB    1 
ATOM   795  C CG    . ARG A 1 98  ? -16.346 -0.753  -4.956  1.00 21.73 ? 99  ARG A CG    1 
ATOM   796  C CD    . ARG A 1 98  ? -15.656 -2.068  -5.218  1.00 23.48 ? 99  ARG A CD    1 
ATOM   797  N NE    . ARG A 1 98  ? -14.463 -1.906  -6.036  1.00 24.26 ? 99  ARG A NE    1 
ATOM   798  C CZ    . ARG A 1 98  ? -13.558 -2.859  -6.228  1.00 25.64 ? 99  ARG A CZ    1 
ATOM   799  N NH1   . ARG A 1 98  ? -13.708 -4.046  -5.656  1.00 24.33 ? 99  ARG A NH1   1 
ATOM   800  N NH2   . ARG A 1 98  ? -12.505 -2.627  -6.996  1.00 25.41 ? 99  ARG A NH2   1 
ATOM   801  N N     . PHE A 1 99  ? -15.682 3.240   -2.189  1.00 16.16 ? 100 PHE A N     1 
ATOM   802  C CA    . PHE A 1 99  ? -14.966 4.025   -1.190  1.00 16.08 ? 100 PHE A CA    1 
ATOM   803  C C     . PHE A 1 99  ? -15.316 3.565   0.225   1.00 17.02 ? 100 PHE A C     1 
ATOM   804  O O     . PHE A 1 99  ? -14.447 3.439   1.088   1.00 15.23 ? 100 PHE A O     1 
ATOM   805  C CB    . PHE A 1 99  ? -15.326 5.506   -1.300  1.00 16.35 ? 100 PHE A CB    1 
ATOM   806  C CG    A PHE A 1 99  ? -14.533 6.384   -0.383  0.50 16.83 ? 100 PHE A CG    1 
ATOM   807  C CG    B PHE A 1 99  ? -14.534 6.264   -2.324  0.50 18.65 ? 100 PHE A CG    1 
ATOM   808  C CD1   A PHE A 1 99  ? -13.149 6.458   -0.500  0.50 16.88 ? 100 PHE A CD1   1 
ATOM   809  C CD1   B PHE A 1 99  ? -14.771 7.624   -2.513  0.50 19.34 ? 100 PHE A CD1   1 
ATOM   810  C CD2   A PHE A 1 99  ? -15.162 7.120   0.615   0.50 16.59 ? 100 PHE A CD2   1 
ATOM   811  C CD2   B PHE A 1 99  ? -13.557 5.642   -3.092  0.50 18.92 ? 100 PHE A CD2   1 
ATOM   812  C CE1   A PHE A 1 99  ? -12.401 7.253   0.364   0.50 17.47 ? 100 PHE A CE1   1 
ATOM   813  C CE1   B PHE A 1 99  ? -14.050 8.351   -3.448  0.50 19.39 ? 100 PHE A CE1   1 
ATOM   814  C CE2   A PHE A 1 99  ? -14.423 7.919   1.485   0.50 17.70 ? 100 PHE A CE2   1 
ATOM   815  C CE2   B PHE A 1 99  ? -12.828 6.366   -4.034  0.50 19.65 ? 100 PHE A CE2   1 
ATOM   816  C CZ    A PHE A 1 99  ? -13.040 7.984   1.360   0.50 16.36 ? 100 PHE A CZ    1 
ATOM   817  C CZ    B PHE A 1 99  ? -13.078 7.722   -4.209  0.50 17.97 ? 100 PHE A CZ    1 
ATOM   818  N N     . GLU A 1 100 ? -16.604 3.339   0.467   1.00 18.22 ? 101 GLU A N     1 
ATOM   819  C CA    . GLU A 1 100 ? -17.058 2.903   1.779   1.00 19.92 ? 101 GLU A CA    1 
ATOM   820  C C     . GLU A 1 100 ? -16.400 1.582   2.158   1.00 18.88 ? 101 GLU A C     1 
ATOM   821  O O     . GLU A 1 100 ? -15.906 1.421   3.275   1.00 18.75 ? 101 GLU A O     1 
ATOM   822  C CB    . GLU A 1 100 ? -18.582 2.748   1.785   1.00 23.18 ? 101 GLU A CB    1 
ATOM   823  C CG    . GLU A 1 100 ? -19.149 2.269   3.112   1.00 30.46 ? 101 GLU A CG    1 
ATOM   824  C CD    . GLU A 1 100 ? -20.661 2.122   3.086   1.00 34.26 ? 101 GLU A CD    1 
ATOM   825  O OE1   . GLU A 1 100 ? -21.172 1.353   2.242   1.00 37.51 ? 101 GLU A OE1   1 
ATOM   826  O OE2   . GLU A 1 100 ? -21.334 2.774   3.911   1.00 37.41 ? 101 GLU A OE2   1 
ATOM   827  N N     . GLU A 1 101 ? -16.388 0.643   1.220   1.00 18.61 ? 102 GLU A N     1 
ATOM   828  C CA    . GLU A 1 101 ? -15.790 -0.660  1.468   1.00 18.38 ? 102 GLU A CA    1 
ATOM   829  C C     . GLU A 1 101 ? -14.296 -0.599  1.764   1.00 16.71 ? 102 GLU A C     1 
ATOM   830  O O     . GLU A 1 101 ? -13.823 -1.196  2.729   1.00 15.80 ? 102 GLU A O     1 
ATOM   831  C CB    . GLU A 1 101 ? -16.026 -1.599  0.285   1.00 20.42 ? 102 GLU A CB    1 
ATOM   832  C CG    . GLU A 1 101 ? -15.161 -2.847  0.353   1.00 24.55 ? 102 GLU A CG    1 
ATOM   833  C CD    . GLU A 1 101 ? -15.561 -3.917  -0.638  1.00 25.04 ? 102 GLU A CD    1 
ATOM   834  O OE1   . GLU A 1 101 ? -15.921 -3.574  -1.783  1.00 26.24 ? 102 GLU A OE1   1 
ATOM   835  O OE2   . GLU A 1 101 ? -15.497 -5.110  -0.272  1.00 28.15 ? 102 GLU A OE2   1 
ATOM   836  N N     . THR A 1 102 ? -13.542 0.117   0.939   1.00 15.99 ? 103 THR A N     1 
ATOM   837  C CA    . THR A 1 102 ? -12.110 0.184   1.179   1.00 15.12 ? 103 THR A CA    1 
ATOM   838  C C     . THR A 1 102 ? -11.792 0.911   2.487   1.00 13.45 ? 103 THR A C     1 
ATOM   839  O O     . THR A 1 102 ? -10.808 0.598   3.162   1.00 12.79 ? 103 THR A O     1 
ATOM   840  C CB    . THR A 1 102 ? -11.366 0.841   -0.012  1.00 15.31 ? 103 THR A CB    1 
ATOM   841  O OG1   . THR A 1 102 ? -9.979  0.495   0.064   1.00 15.39 ? 103 THR A OG1   1 
ATOM   842  C CG2   . THR A 1 102 ? -11.504 2.357   0.017   1.00 15.29 ? 103 THR A CG2   1 
ATOM   843  N N     . GLY A 1 103 ? -12.631 1.873   2.859   1.00 13.71 ? 104 GLY A N     1 
ATOM   844  C CA    . GLY A 1 103 ? -12.404 2.582   4.105   1.00 14.36 ? 104 GLY A CA    1 
ATOM   845  C C     . GLY A 1 103 ? -12.561 1.628   5.277   1.00 16.64 ? 104 GLY A C     1 
ATOM   846  O O     . GLY A 1 103 ? -11.787 1.669   6.233   1.00 15.91 ? 104 GLY A O     1 
ATOM   847  N N     . GLN A 1 104 ? -13.569 0.762   5.200   1.00 16.11 ? 105 GLN A N     1 
ATOM   848  C CA    . GLN A 1 104 ? -13.821 -0.214  6.254   1.00 18.43 ? 105 GLN A CA    1 
ATOM   849  C C     . GLN A 1 104 ? -12.671 -1.214  6.341   1.00 17.11 ? 105 GLN A C     1 
ATOM   850  O O     . GLN A 1 104 ? -12.256 -1.600  7.434   1.00 16.73 ? 105 GLN A O     1 
ATOM   851  C CB    . GLN A 1 104 ? -15.137 -0.953  5.988   1.00 19.63 ? 105 GLN A CB    1 
ATOM   852  C CG    . GLN A 1 104 ? -15.567 -1.888  7.113   1.00 23.59 ? 105 GLN A CG    1 
ATOM   853  C CD    . GLN A 1 104 ? -15.672 -1.180  8.452   1.00 25.05 ? 105 GLN A CD    1 
ATOM   854  O OE1   . GLN A 1 104 ? -16.184 -0.062  8.538   1.00 27.72 ? 105 GLN A OE1   1 
ATOM   855  N NE2   . GLN A 1 104 ? -15.196 -1.832  9.505   1.00 28.20 ? 105 GLN A NE2   1 
ATOM   856  N N     . GLU A 1 105 ? -12.155 -1.632  5.187   1.00 15.95 ? 106 GLU A N     1 
ATOM   857  C CA    . GLU A 1 105 ? -11.045 -2.573  5.159   1.00 15.77 ? 106 GLU A CA    1 
ATOM   858  C C     . GLU A 1 105 ? -9.821  -1.951  5.833   1.00 15.04 ? 106 GLU A C     1 
ATOM   859  O O     . GLU A 1 105 ? -9.136  -2.608  6.608   1.00 15.15 ? 106 GLU A O     1 
ATOM   860  C CB    . GLU A 1 105 ? -10.699 -2.962  3.717   1.00 15.78 ? 106 GLU A CB    1 
ATOM   861  C CG    . GLU A 1 105 ? -11.715 -3.866  3.030   1.00 19.31 ? 106 GLU A CG    1 
ATOM   862  C CD    . GLU A 1 105 ? -11.760 -5.264  3.619   1.00 21.84 ? 106 GLU A CD    1 
ATOM   863  O OE1   . GLU A 1 105 ? -10.693 -5.792  4.009   1.00 23.05 ? 106 GLU A OE1   1 
ATOM   864  O OE2   . GLU A 1 105 ? -12.863 -5.850  3.674   1.00 25.44 ? 106 GLU A OE2   1 
ATOM   865  N N     . LEU A 1 106 ? -9.545  -0.682  5.537   1.00 14.79 ? 107 LEU A N     1 
ATOM   866  C CA    . LEU A 1 106 ? -8.400  -0.011  6.146   1.00 14.72 ? 107 LEU A CA    1 
ATOM   867  C C     . LEU A 1 106 ? -8.581  0.067   7.660   1.00 15.00 ? 107 LEU A C     1 
ATOM   868  O O     . LEU A 1 106 ? -7.660  -0.222  8.424   1.00 13.63 ? 107 LEU A O     1 
ATOM   869  C CB    . LEU A 1 106 ? -8.234  1.402   5.571   1.00 13.64 ? 107 LEU A CB    1 
ATOM   870  C CG    . LEU A 1 106 ? -7.108  2.253   6.175   1.00 12.80 ? 107 LEU A CG    1 
ATOM   871  C CD1   . LEU A 1 106 ? -5.757  1.545   6.053   1.00 13.30 ? 107 LEU A CD1   1 
ATOM   872  C CD2   . LEU A 1 106 ? -7.071  3.595   5.461   1.00 13.61 ? 107 LEU A CD2   1 
ATOM   873  N N     . THR A 1 107 ? -9.776  0.463   8.085   1.00 17.56 ? 108 THR A N     1 
ATOM   874  C CA    . THR A 1 107 ? -10.082 0.569   9.507   1.00 19.62 ? 108 THR A CA    1 
ATOM   875  C C     . THR A 1 107 ? -9.790  -0.758  10.208  1.00 19.35 ? 108 THR A C     1 
ATOM   876  O O     . THR A 1 107 ? -9.151  -0.785  11.258  1.00 19.29 ? 108 THR A O     1 
ATOM   877  C CB    . THR A 1 107 ? -11.559 0.964   9.721   1.00 20.54 ? 108 THR A CB    1 
ATOM   878  O OG1   . THR A 1 107 ? -11.770 2.292   9.224   1.00 22.39 ? 108 THR A OG1   1 
ATOM   879  C CG2   . THR A 1 107 ? -11.924 0.918   11.198  1.00 22.25 ? 108 THR A CG2   1 
ATOM   880  N N     . GLU A 1 108 ? -10.244 -1.857  9.615   1.00 20.12 ? 109 GLU A N     1 
ATOM   881  C CA    . GLU A 1 108 ? -10.013 -3.179  10.189  1.00 20.28 ? 109 GLU A CA    1 
ATOM   882  C C     . GLU A 1 108 ? -8.530  -3.546  10.255  1.00 19.31 ? 109 GLU A C     1 
ATOM   883  O O     . GLU A 1 108 ? -8.085  -4.177  11.213  1.00 20.14 ? 109 GLU A O     1 
ATOM   884  C CB    . GLU A 1 108 ? -10.795 -4.231  9.396   1.00 22.03 ? 109 GLU A CB    1 
ATOM   885  C CG    . GLU A 1 108 ? -12.283 -4.214  9.719   1.00 26.06 ? 109 GLU A CG    1 
ATOM   886  C CD    . GLU A 1 108 ? -13.107 -5.106  8.815   1.00 28.31 ? 109 GLU A CD    1 
ATOM   887  O OE1   . GLU A 1 108 ? -12.548 -6.065  8.240   1.00 31.32 ? 109 GLU A OE1   1 
ATOM   888  O OE2   . GLU A 1 108 ? -14.325 -4.853  8.691   1.00 28.52 ? 109 GLU A OE2   1 
ATOM   889  N N     . LEU A 1 109 ? -7.761  -3.158  9.240   1.00 17.91 ? 110 LEU A N     1 
ATOM   890  C CA    . LEU A 1 109 ? -6.332  -3.445  9.235   1.00 17.41 ? 110 LEU A CA    1 
ATOM   891  C C     . LEU A 1 109 ? -5.640  -2.724  10.388  1.00 19.08 ? 110 LEU A C     1 
ATOM   892  O O     . LEU A 1 109 ? -4.757  -3.275  11.043  1.00 19.47 ? 110 LEU A O     1 
ATOM   893  C CB    . LEU A 1 109 ? -5.691  -2.996  7.919   1.00 17.67 ? 110 LEU A CB    1 
ATOM   894  C CG    . LEU A 1 109 ? -5.879  -3.864  6.674   1.00 18.43 ? 110 LEU A CG    1 
ATOM   895  C CD1   . LEU A 1 109 ? -5.189  -3.198  5.493   1.00 17.32 ? 110 LEU A CD1   1 
ATOM   896  C CD2   . LEU A 1 109 ? -5.291  -5.247  6.913   1.00 17.35 ? 110 LEU A CD2   1 
ATOM   897  N N     . LEU A 1 110 ? -6.048  -1.484  10.637  1.00 19.43 ? 111 LEU A N     1 
ATOM   898  C CA    . LEU A 1 110 ? -5.429  -0.711  11.700  1.00 20.43 ? 111 LEU A CA    1 
ATOM   899  C C     . LEU A 1 110 ? -5.875  -1.160  13.093  1.00 22.40 ? 111 LEU A C     1 
ATOM   900  O O     . LEU A 1 110 ? -5.396  -0.641  14.101  1.00 23.54 ? 111 LEU A O     1 
ATOM   901  C CB    . LEU A 1 110 ? -5.694  0.784   11.484  1.00 19.81 ? 111 LEU A CB    1 
ATOM   902  C CG    . LEU A 1 110 ? -5.270  1.302   10.098  1.00 20.42 ? 111 LEU A CG    1 
ATOM   903  C CD1   . LEU A 1 110 ? -5.395  2.817   10.053  1.00 19.70 ? 111 LEU A CD1   1 
ATOM   904  C CD2   . LEU A 1 110 ? -3.828  0.892   9.797   1.00 18.93 ? 111 LEU A CD2   1 
ATOM   905  N N     . GLU A 1 111 ? -6.784  -2.131  13.145  1.00 24.03 ? 112 GLU A N     1 
ATOM   906  C CA    . GLU A 1 111 ? -7.256  -2.674  14.421  1.00 26.06 ? 112 GLU A CA    1 
ATOM   907  C C     . GLU A 1 111 ? -6.498  -3.967  14.725  1.00 25.75 ? 112 GLU A C     1 
ATOM   908  O O     . GLU A 1 111 ? -6.587  -4.501  15.830  1.00 25.13 ? 112 GLU A O     1 
ATOM   909  C CB    . GLU A 1 111 ? -8.751  -2.997  14.375  1.00 28.05 ? 112 GLU A CB    1 
ATOM   910  C CG    . GLU A 1 111 ? -9.667  -1.829  14.091  1.00 32.29 ? 112 GLU A CG    1 
ATOM   911  C CD    . GLU A 1 111 ? -11.130 -2.228  14.156  1.00 34.69 ? 112 GLU A CD    1 
ATOM   912  O OE1   . GLU A 1 111 ? -11.453 -3.364  13.746  1.00 36.03 ? 112 GLU A OE1   1 
ATOM   913  O OE2   . GLU A 1 111 ? -11.953 -1.404  14.607  1.00 36.91 ? 112 GLU A OE2   1 
ATOM   914  N N     . GLU A 1 112 ? -5.767  -4.474  13.735  1.00 25.42 ? 113 GLU A N     1 
ATOM   915  C CA    . GLU A 1 112 ? -4.998  -5.709  13.896  1.00 25.32 ? 113 GLU A CA    1 
ATOM   916  C C     . GLU A 1 112 ? -3.834  -5.529  14.863  1.00 25.35 ? 113 GLU A C     1 
ATOM   917  O O     . GLU A 1 112 ? -2.932  -4.729  14.614  1.00 24.02 ? 113 GLU A O     1 
ATOM   918  C CB    . GLU A 1 112 ? -4.448  -6.177  12.545  1.00 25.40 ? 113 GLU A CB    1 
ATOM   919  C CG    . GLU A 1 112 ? -5.482  -6.726  11.569  1.00 27.90 ? 113 GLU A CG    1 
ATOM   920  C CD    . GLU A 1 112 ? -6.077  -8.053  12.018  1.00 29.32 ? 113 GLU A CD    1 
ATOM   921  O OE1   . GLU A 1 112 ? -5.359  -8.844  12.666  1.00 29.81 ? 113 GLU A OE1   1 
ATOM   922  O OE2   . GLU A 1 112 ? -7.256  -8.313  11.706  1.00 31.67 ? 113 GLU A OE2   1 
ATOM   923  N N     . GLU A 1 113 ? -3.842  -6.284  15.957  1.00 24.98 ? 114 GLU A N     1 
ATOM   924  C CA    . GLU A 1 113 ? -2.774  -6.189  16.945  1.00 26.69 ? 114 GLU A CA    1 
ATOM   925  C C     . GLU A 1 113 ? -1.395  -6.361  16.328  1.00 25.00 ? 114 GLU A C     1 
ATOM   926  O O     . GLU A 1 113 ? -0.444  -5.683  16.723  1.00 23.69 ? 114 GLU A O     1 
ATOM   927  C CB    . GLU A 1 113 ? -2.952  -7.243  18.047  1.00 30.03 ? 114 GLU A CB    1 
ATOM   928  C CG    . GLU A 1 113 ? -1.730  -7.365  18.957  1.00 35.78 ? 114 GLU A CG    1 
ATOM   929  C CD    . GLU A 1 113 ? -1.863  -8.462  19.997  1.00 38.91 ? 114 GLU A CD    1 
ATOM   930  O OE1   . GLU A 1 113 ? -2.745  -8.348  20.876  1.00 40.42 ? 114 GLU A OE1   1 
ATOM   931  O OE2   . GLU A 1 113 ? -1.082  -9.437  19.933  1.00 41.15 ? 114 GLU A OE2   1 
ATOM   932  N N     . LYS A 1 114 ? -1.287  -7.268  15.361  1.00 24.26 ? 115 LYS A N     1 
ATOM   933  C CA    . LYS A 1 114 ? -0.010  -7.538  14.714  1.00 24.54 ? 115 LYS A CA    1 
ATOM   934  C C     . LYS A 1 114 ? 0.521   -6.386  13.871  1.00 22.41 ? 115 LYS A C     1 
ATOM   935  O O     . LYS A 1 114 ? 1.681   -6.399  13.464  1.00 21.32 ? 115 LYS A O     1 
ATOM   936  C CB    . LYS A 1 114 ? -0.109  -8.805  13.859  1.00 26.35 ? 115 LYS A CB    1 
ATOM   937  C CG    . LYS A 1 114 ? -0.387  -10.063 14.669  1.00 31.54 ? 115 LYS A CG    1 
ATOM   938  C CD    . LYS A 1 114 ? 0.689   -10.291 15.712  1.00 33.73 ? 115 LYS A CD    1 
ATOM   939  C CE    . LYS A 1 114 ? 0.378   -11.509 16.568  1.00 36.61 ? 115 LYS A CE    1 
ATOM   940  N NZ    . LYS A 1 114 ? 1.407   -11.704 17.626  1.00 38.83 ? 115 LYS A NZ    1 
ATOM   941  N N     . LEU A 1 115 ? -0.325  -5.396  13.607  1.00 19.99 ? 116 LEU A N     1 
ATOM   942  C CA    . LEU A 1 115 ? 0.094   -4.235  12.829  1.00 19.25 ? 116 LEU A CA    1 
ATOM   943  C C     . LEU A 1 115 ? 0.248   -3.012  13.720  1.00 20.25 ? 116 LEU A C     1 
ATOM   944  O O     . LEU A 1 115 ? 0.340   -1.891  13.230  1.00 18.82 ? 116 LEU A O     1 
ATOM   945  C CB    . LEU A 1 115 ? -0.924  -3.924  11.726  1.00 18.81 ? 116 LEU A CB    1 
ATOM   946  C CG    . LEU A 1 115 ? -0.960  -4.896  10.549  1.00 18.58 ? 116 LEU A CG    1 
ATOM   947  C CD1   . LEU A 1 115 ? -2.082  -4.519  9.588   1.00 19.60 ? 116 LEU A CD1   1 
ATOM   948  C CD2   . LEU A 1 115 ? 0.386   -4.878  9.852   1.00 17.00 ? 116 LEU A CD2   1 
ATOM   949  N N     . SER A 1 116 ? 0.282   -3.225  15.032  1.00 19.87 ? 117 SER A N     1 
ATOM   950  C CA    . SER A 1 116 ? 0.415   -2.104  15.952  1.00 20.41 ? 117 SER A CA    1 
ATOM   951  C C     . SER A 1 116 ? 1.663   -1.275  15.665  1.00 19.53 ? 117 SER A C     1 
ATOM   952  O O     . SER A 1 116 ? 2.739   -1.815  15.395  1.00 19.39 ? 117 SER A O     1 
ATOM   953  C CB    . SER A 1 116 ? 0.459   -2.608  17.398  1.00 20.36 ? 117 SER A CB    1 
ATOM   954  O OG    A SER A 1 116 ? 1.686   -3.257  17.667  0.50 22.08 ? 117 SER A OG    1 
ATOM   955  O OG    B SER A 1 116 ? 1.030   -1.641  18.264  0.50 21.79 ? 117 SER A OG    1 
ATOM   956  N N     . CYS A 1 117 ? 1.495   0.042   15.714  1.00 20.21 ? 118 CYS A N     1 
ATOM   957  C CA    . CYS A 1 117 ? 2.576   0.998   15.503  1.00 19.58 ? 118 CYS A CA    1 
ATOM   958  C C     . CYS A 1 117 ? 3.169   1.063   14.098  1.00 17.25 ? 118 CYS A C     1 
ATOM   959  O O     . CYS A 1 117 ? 4.093   1.836   13.853  1.00 18.41 ? 118 CYS A O     1 
ATOM   960  C CB    . CYS A 1 117 ? 3.696   0.735   16.511  1.00 21.85 ? 118 CYS A CB    1 
ATOM   961  S SG    . CYS A 1 117 ? 3.125   0.795   18.228  1.00 26.05 ? 118 CYS A SG    1 
ATOM   962  N N     . VAL A 1 118 ? 2.651   0.264   13.172  1.00 15.04 ? 119 VAL A N     1 
ATOM   963  C CA    . VAL A 1 118 ? 3.183   0.282   11.814  1.00 14.64 ? 119 VAL A CA    1 
ATOM   964  C C     . VAL A 1 118 ? 2.720   1.528   11.061  1.00 13.46 ? 119 VAL A C     1 
ATOM   965  O O     . VAL A 1 118 ? 1.521   1.796   10.966  1.00 14.11 ? 119 VAL A O     1 
ATOM   966  C CB    . VAL A 1 118 ? 2.748   -0.980  11.024  1.00 14.10 ? 119 VAL A CB    1 
ATOM   967  C CG1   . VAL A 1 118 ? 3.240   -0.900  9.580   1.00 14.39 ? 119 VAL A CG1   1 
ATOM   968  C CG2   . VAL A 1 118 ? 3.304   -2.227  11.698  1.00 14.29 ? 119 VAL A CG2   1 
ATOM   969  N N     . PRO A 1 119 ? 3.674   2.316   10.536  1.00 13.62 ? 120 PRO A N     1 
ATOM   970  C CA    . PRO A 1 119 ? 3.346   3.536   9.788   1.00 14.06 ? 120 PRO A CA    1 
ATOM   971  C C     . PRO A 1 119 ? 2.488   3.155   8.590   1.00 14.05 ? 120 PRO A C     1 
ATOM   972  O O     . PRO A 1 119 ? 2.669   2.079   8.026   1.00 13.51 ? 120 PRO A O     1 
ATOM   973  C CB    . PRO A 1 119 ? 4.711   4.045   9.331   1.00 14.71 ? 120 PRO A CB    1 
ATOM   974  C CG    . PRO A 1 119 ? 5.653   3.520   10.389  1.00 17.93 ? 120 PRO A CG    1 
ATOM   975  C CD    . PRO A 1 119 ? 5.131   2.124   10.615  1.00 16.06 ? 120 PRO A CD    1 
ATOM   976  N N     . VAL A 1 120 ? 1.568   4.027   8.194   1.00 11.70 ? 121 VAL A N     1 
ATOM   977  C CA    . VAL A 1 120 ? 0.743   3.725   7.037   1.00 10.42 ? 121 VAL A CA    1 
ATOM   978  C C     . VAL A 1 120 ? 0.703   4.873   6.041   1.00 12.53 ? 121 VAL A C     1 
ATOM   979  O O     . VAL A 1 120 ? 0.413   6.018   6.393   1.00 12.35 ? 121 VAL A O     1 
ATOM   980  C CB    . VAL A 1 120 ? -0.715  3.329   7.439   1.00 10.84 ? 121 VAL A CB    1 
ATOM   981  C CG1   . VAL A 1 120 ? -1.367  4.436   8.258   1.00 14.23 ? 121 VAL A CG1   1 
ATOM   982  C CG2   . VAL A 1 120 ? -1.546  3.040   6.179   1.00 10.95 ? 121 VAL A CG2   1 
ATOM   983  N N     . LEU A 1 121 ? 1.045   4.555   4.797   1.00 10.22 ? 122 LEU A N     1 
ATOM   984  C CA    . LEU A 1 121 ? 1.005   5.528   3.717   1.00 11.34 ? 122 LEU A CA    1 
ATOM   985  C C     . LEU A 1 121 ? -0.217  5.165   2.887   1.00 9.84  ? 122 LEU A C     1 
ATOM   986  O O     . LEU A 1 121 ? -0.367  4.021   2.461   1.00 10.86 ? 122 LEU A O     1 
ATOM   987  C CB    . LEU A 1 121 ? 2.253   5.429   2.835   1.00 10.72 ? 122 LEU A CB    1 
ATOM   988  C CG    . LEU A 1 121 ? 2.212   6.222   1.517   1.00 10.89 ? 122 LEU A CG    1 
ATOM   989  C CD1   . LEU A 1 121 ? 2.251   7.715   1.819   1.00 10.72 ? 122 LEU A CD1   1 
ATOM   990  C CD2   . LEU A 1 121 ? 3.375   5.828   0.618   1.00 10.81 ? 122 LEU A CD2   1 
ATOM   991  N N     . ILE A 1 122 ? -1.104  6.126   2.675   1.00 9.62  ? 123 ILE A N     1 
ATOM   992  C CA    . ILE A 1 122 ? -2.282  5.865   1.865   1.00 9.86  ? 123 ILE A CA    1 
ATOM   993  C C     . ILE A 1 122 ? -2.036  6.518   0.519   1.00 9.41  ? 123 ILE A C     1 
ATOM   994  O O     . ILE A 1 122 ? -1.804  7.726   0.444   1.00 9.34  ? 123 ILE A O     1 
ATOM   995  C CB    . ILE A 1 122 ? -3.579  6.482   2.463   1.00 9.90  ? 123 ILE A CB    1 
ATOM   996  C CG1   . ILE A 1 122 ? -3.919  5.832   3.809   1.00 12.32 ? 123 ILE A CG1   1 
ATOM   997  C CG2   . ILE A 1 122 ? -4.741  6.280   1.494   1.00 10.26 ? 123 ILE A CG2   1 
ATOM   998  C CD1   . ILE A 1 122 ? -3.136  6.394   4.977   1.00 14.62 ? 123 ILE A CD1   1 
ATOM   999  N N     . PHE A 1 123 ? -2.060  5.720   -0.540  1.00 8.22  ? 124 PHE A N     1 
ATOM   1000 C CA    . PHE A 1 123 ? -1.889  6.262   -1.872  1.00 8.80  ? 124 PHE A CA    1 
ATOM   1001 C C     . PHE A 1 123 ? -3.262  6.467   -2.475  1.00 9.30  ? 124 PHE A C     1 
ATOM   1002 O O     . PHE A 1 123 ? -4.022  5.505   -2.658  1.00 9.61  ? 124 PHE A O     1 
ATOM   1003 C CB    . PHE A 1 123 ? -1.101  5.313   -2.788  1.00 9.38  ? 124 PHE A CB    1 
ATOM   1004 C CG    . PHE A 1 123 ? 0.382   5.593   -2.856  1.00 9.60  ? 124 PHE A CG    1 
ATOM   1005 C CD1   . PHE A 1 123 ? 0.857   6.879   -3.104  1.00 9.57  ? 124 PHE A CD1   1 
ATOM   1006 C CD2   . PHE A 1 123 ? 1.300   4.554   -2.734  1.00 10.22 ? 124 PHE A CD2   1 
ATOM   1007 C CE1   . PHE A 1 123 ? 2.232   7.128   -3.235  1.00 10.53 ? 124 PHE A CE1   1 
ATOM   1008 C CE2   . PHE A 1 123 ? 2.671   4.787   -2.862  1.00 10.27 ? 124 PHE A CE2   1 
ATOM   1009 C CZ    . PHE A 1 123 ? 3.138   6.080   -3.115  1.00 9.23  ? 124 PHE A CZ    1 
ATOM   1010 N N     . ALA A 1 124 ? -3.610  7.728   -2.713  1.00 6.68  ? 125 ALA A N     1 
ATOM   1011 C CA    . ALA A 1 124 ? -4.874  8.046   -3.394  1.00 9.44  ? 125 ALA A CA    1 
ATOM   1012 C C     . ALA A 1 124 ? -4.502  7.991   -4.880  1.00 7.56  ? 125 ALA A C     1 
ATOM   1013 O O     . ALA A 1 124 ? -4.072  8.977   -5.483  1.00 9.82  ? 125 ALA A O     1 
ATOM   1014 C CB    . ALA A 1 124 ? -5.357  9.409   -3.007  1.00 9.33  ? 125 ALA A CB    1 
ATOM   1015 N N     . ASN A 1 125 ? -4.637  6.794   -5.438  1.00 8.32  ? 126 ASN A N     1 
ATOM   1016 C CA    . ASN A 1 125 ? -4.256  6.504   -6.805  1.00 7.91  ? 126 ASN A CA    1 
ATOM   1017 C C     . ASN A 1 125 ? -5.219  6.923   -7.907  1.00 9.03  ? 126 ASN A C     1 
ATOM   1018 O O     . ASN A 1 125 ? -6.375  7.258   -7.653  1.00 9.56  ? 126 ASN A O     1 
ATOM   1019 C CB    . ASN A 1 125 ? -3.919  5.004   -6.900  1.00 7.73  ? 126 ASN A CB    1 
ATOM   1020 C CG    . ASN A 1 125 ? -3.134  4.651   -8.152  1.00 9.75  ? 126 ASN A CG    1 
ATOM   1021 O OD1   . ASN A 1 125 ? -2.258  5.404   -8.586  1.00 7.97  ? 126 ASN A OD1   1 
ATOM   1022 N ND2   . ASN A 1 125 ? -3.432  3.491   -8.731  1.00 11.32 ? 126 ASN A ND2   1 
ATOM   1023 N N     . LYS A 1 126 ? -4.704  6.903   -9.135  1.00 9.00  ? 127 LYS A N     1 
ATOM   1024 C CA    . LYS A 1 126 ? -5.449  7.265   -10.340 1.00 10.03 ? 127 LYS A CA    1 
ATOM   1025 C C     . LYS A 1 126 ? -5.871  8.730   -10.353 1.00 9.66  ? 127 LYS A C     1 
ATOM   1026 O O     . LYS A 1 126 ? -6.911  9.091   -10.908 1.00 11.50 ? 127 LYS A O     1 
ATOM   1027 C CB    . LYS A 1 126 ? -6.673  6.353   -10.509 1.00 10.09 ? 127 LYS A CB    1 
ATOM   1028 C CG    . LYS A 1 126 ? -6.336  4.869   -10.360 1.00 10.50 ? 127 LYS A CG    1 
ATOM   1029 C CD    . LYS A 1 126 ? -7.428  3.969   -10.927 1.00 9.94  ? 127 LYS A CD    1 
ATOM   1030 C CE    . LYS A 1 126 ? -7.130  2.500   -10.640 1.00 11.05 ? 127 LYS A CE    1 
ATOM   1031 N NZ    . LYS A 1 126 ? -8.196  1.625   -11.217 1.00 11.25 ? 127 LYS A NZ    1 
ATOM   1032 N N     . GLN A 1 127 ? -5.052  9.582   -9.748  1.00 10.35 ? 128 GLN A N     1 
ATOM   1033 C CA    . GLN A 1 127 ? -5.369  11.002  -9.708  1.00 11.31 ? 128 GLN A CA    1 
ATOM   1034 C C     . GLN A 1 127 ? -5.236  11.681  -11.064 1.00 12.38 ? 128 GLN A C     1 
ATOM   1035 O O     . GLN A 1 127 ? -5.547  12.867  -11.200 1.00 14.08 ? 128 GLN A O     1 
ATOM   1036 C CB    . GLN A 1 127 ? -4.500  11.709  -8.673  1.00 11.43 ? 128 GLN A CB    1 
ATOM   1037 C CG    . GLN A 1 127 ? -4.953  11.477  -7.243  1.00 14.20 ? 128 GLN A CG    1 
ATOM   1038 C CD    . GLN A 1 127 ? -6.299  12.113  -6.952  1.00 15.43 ? 128 GLN A CD    1 
ATOM   1039 O OE1   . GLN A 1 127 ? -6.582  13.230  -7.393  1.00 15.01 ? 128 GLN A OE1   1 
ATOM   1040 N NE2   . GLN A 1 127 ? -7.131  11.417  -6.192  1.00 15.14 ? 128 GLN A NE2   1 
ATOM   1041 N N     . ASP A 1 128 ? -4.779  10.933  -12.066 1.00 11.99 ? 129 ASP A N     1 
ATOM   1042 C CA    . ASP A 1 128 ? -4.648  11.468  -13.416 1.00 13.78 ? 129 ASP A CA    1 
ATOM   1043 C C     . ASP A 1 128 ? -6.031  11.498  -14.079 1.00 12.60 ? 129 ASP A C     1 
ATOM   1044 O O     . ASP A 1 128 ? -6.265  12.267  -15.016 1.00 16.82 ? 129 ASP A O     1 
ATOM   1045 C CB    . ASP A 1 128 ? -3.697  10.603  -14.247 1.00 12.82 ? 129 ASP A CB    1 
ATOM   1046 C CG    . ASP A 1 128 ? -4.114  9.143   -14.271 1.00 15.77 ? 129 ASP A CG    1 
ATOM   1047 O OD1   . ASP A 1 128 ? -4.041  8.483   -13.213 1.00 14.60 ? 129 ASP A OD1   1 
ATOM   1048 O OD2   . ASP A 1 128 ? -4.525  8.655   -15.340 1.00 16.44 ? 129 ASP A OD2   1 
ATOM   1049 N N     . LEU A 1 129 ? -6.944  10.669  -13.581 1.00 12.16 ? 130 LEU A N     1 
ATOM   1050 C CA    . LEU A 1 129 ? -8.305  10.591  -14.122 1.00 12.90 ? 130 LEU A CA    1 
ATOM   1051 C C     . LEU A 1 129 ? -9.125  11.834  -13.783 1.00 12.69 ? 130 LEU A C     1 
ATOM   1052 O O     . LEU A 1 129 ? -9.003  12.391  -12.689 1.00 12.59 ? 130 LEU A O     1 
ATOM   1053 C CB    . LEU A 1 129 ? -9.032  9.362   -13.562 1.00 14.60 ? 130 LEU A CB    1 
ATOM   1054 C CG    . LEU A 1 129 ? -8.540  7.980   -13.995 1.00 15.28 ? 130 LEU A CG    1 
ATOM   1055 C CD1   . LEU A 1 129 ? -9.214  6.908   -13.158 1.00 15.27 ? 130 LEU A CD1   1 
ATOM   1056 C CD2   . LEU A 1 129 ? -8.841  7.784   -15.471 1.00 17.77 ? 130 LEU A CD2   1 
ATOM   1057 N N     . LEU A 1 130 ? -9.959  12.268  -14.726 1.00 12.64 ? 131 LEU A N     1 
ATOM   1058 C CA    . LEU A 1 130 ? -10.821 13.426  -14.504 1.00 11.01 ? 131 LEU A CA    1 
ATOM   1059 C C     . LEU A 1 130 ? -12.028 13.017  -13.662 1.00 12.41 ? 131 LEU A C     1 
ATOM   1060 O O     . LEU A 1 130 ? -12.918 13.822  -13.394 1.00 12.21 ? 131 LEU A O     1 
ATOM   1061 C CB    . LEU A 1 130 ? -11.291 14.009  -15.846 1.00 11.58 ? 131 LEU A CB    1 
ATOM   1062 C CG    . LEU A 1 130 ? -10.191 14.548  -16.765 1.00 10.43 ? 131 LEU A CG    1 
ATOM   1063 C CD1   . LEU A 1 130 ? -10.796 15.025  -18.088 1.00 13.06 ? 131 LEU A CD1   1 
ATOM   1064 C CD2   . LEU A 1 130 ? -9.453  15.691  -16.074 1.00 13.93 ? 131 LEU A CD2   1 
ATOM   1065 N N     . THR A 1 131 ? -12.047 11.756  -13.246 1.00 11.19 ? 132 THR A N     1 
ATOM   1066 C CA    . THR A 1 131 ? -13.126 11.211  -12.429 1.00 13.33 ? 132 THR A CA    1 
ATOM   1067 C C     . THR A 1 131 ? -12.644 10.957  -10.999 1.00 13.02 ? 132 THR A C     1 
ATOM   1068 O O     . THR A 1 131 ? -13.411 10.513  -10.146 1.00 14.07 ? 132 THR A O     1 
ATOM   1069 C CB    . THR A 1 131 ? -13.615 9.882   -13.006 1.00 13.52 ? 132 THR A CB    1 
ATOM   1070 O OG1   . THR A 1 131 ? -12.481 9.052   -13.287 1.00 16.09 ? 132 THR A OG1   1 
ATOM   1071 C CG2   . THR A 1 131 ? -14.400 10.111  -14.290 1.00 16.24 ? 132 THR A CG2   1 
ATOM   1072 N N     . ALA A 1 132 ? -11.371 11.245  -10.745 1.00 14.19 ? 133 ALA A N     1 
ATOM   1073 C CA    . ALA A 1 132 ? -10.783 11.028  -9.425  1.00 13.44 ? 133 ALA A CA    1 
ATOM   1074 C C     . ALA A 1 132 ? -11.268 11.998  -8.346  1.00 13.52 ? 133 ALA A C     1 
ATOM   1075 O O     . ALA A 1 132 ? -11.237 13.215  -8.523  1.00 13.74 ? 133 ALA A O     1 
ATOM   1076 C CB    . ALA A 1 132 ? -9.263  11.092  -9.526  1.00 13.68 ? 133 ALA A CB    1 
ATOM   1077 N N     . ALA A 1 133 ? -11.708 11.446  -7.218  1.00 13.44 ? 134 ALA A N     1 
ATOM   1078 C CA    . ALA A 1 133 ? -12.177 12.251  -6.098  1.00 14.53 ? 134 ALA A CA    1 
ATOM   1079 C C     . ALA A 1 133 ? -10.981 12.979  -5.485  1.00 16.22 ? 134 ALA A C     1 
ATOM   1080 O O     . ALA A 1 133 ? -9.862  12.471  -5.512  1.00 15.79 ? 134 ALA A O     1 
ATOM   1081 C CB    . ALA A 1 133 ? -12.837 11.353  -5.059  1.00 15.64 ? 134 ALA A CB    1 
ATOM   1082 N N     . PRO A 1 134 ? -11.200 14.185  -4.931  1.00 16.84 ? 135 PRO A N     1 
ATOM   1083 C CA    . PRO A 1 134 ? -10.104 14.950  -4.323  1.00 18.04 ? 135 PRO A CA    1 
ATOM   1084 C C     . PRO A 1 134 ? -9.483  14.239  -3.121  1.00 16.32 ? 135 PRO A C     1 
ATOM   1085 O O     . PRO A 1 134 ? -10.196 13.695  -2.280  1.00 16.25 ? 135 PRO A O     1 
ATOM   1086 C CB    . PRO A 1 134 ? -10.773 16.277  -3.954  1.00 17.75 ? 135 PRO A CB    1 
ATOM   1087 C CG    . PRO A 1 134 ? -12.201 15.894  -3.729  1.00 20.65 ? 135 PRO A CG    1 
ATOM   1088 C CD    . PRO A 1 134 ? -12.467 14.932  -4.857  1.00 19.86 ? 135 PRO A CD    1 
ATOM   1089 N N     . ALA A 1 135 ? -8.153  14.250  -3.049  1.00 15.78 ? 136 ALA A N     1 
ATOM   1090 C CA    . ALA A 1 135 ? -7.431  13.596  -1.962  1.00 14.42 ? 136 ALA A CA    1 
ATOM   1091 C C     . ALA A 1 135 ? -7.804  14.116  -0.573  1.00 15.98 ? 136 ALA A C     1 
ATOM   1092 O O     . ALA A 1 135 ? -7.882  13.339  0.382   1.00 15.37 ? 136 ALA A O     1 
ATOM   1093 C CB    . ALA A 1 135 ? -5.926  13.725  -2.184  1.00 16.06 ? 136 ALA A CB    1 
ATOM   1094 N N     . SER A 1 136 ? -8.033  15.420  -0.451  1.00 13.91 ? 137 SER A N     1 
ATOM   1095 C CA    . SER A 1 136 ? -8.395  15.986  0.847   1.00 15.39 ? 137 SER A CA    1 
ATOM   1096 C C     . SER A 1 136 ? -9.712  15.401  1.343   1.00 16.58 ? 137 SER A C     1 
ATOM   1097 O O     . SER A 1 136 ? -9.888  15.177  2.539   1.00 16.01 ? 137 SER A O     1 
ATOM   1098 C CB    . SER A 1 136 ? -8.517  17.509  0.765   1.00 15.16 ? 137 SER A CB    1 
ATOM   1099 O OG    . SER A 1 136 ? -8.858  18.059  2.032   1.00 17.25 ? 137 SER A OG    1 
ATOM   1100 N N     . GLU A 1 137 ? -10.638 15.155  0.419   1.00 16.69 ? 138 GLU A N     1 
ATOM   1101 C CA    . GLU A 1 137 ? -11.931 14.590  0.786   1.00 18.51 ? 138 GLU A CA    1 
ATOM   1102 C C     . GLU A 1 137 ? -11.823 13.102  1.089   1.00 18.67 ? 138 GLU A C     1 
ATOM   1103 O O     . GLU A 1 137 ? -12.534 12.580  1.951   1.00 18.75 ? 138 GLU A O     1 
ATOM   1104 C CB    . GLU A 1 137 ? -12.948 14.845  -0.327  1.00 21.57 ? 138 GLU A CB    1 
ATOM   1105 C CG    . GLU A 1 137 ? -13.387 16.301  -0.382  1.00 24.37 ? 138 GLU A CG    1 
ATOM   1106 C CD    . GLU A 1 137 ? -14.488 16.558  -1.390  1.00 28.65 ? 138 GLU A CD    1 
ATOM   1107 O OE1   . GLU A 1 137 ? -15.040 15.582  -1.942  1.00 28.82 ? 138 GLU A OE1   1 
ATOM   1108 O OE2   . GLU A 1 137 ? -14.802 17.744  -1.624  1.00 30.80 ? 138 GLU A OE2   1 
ATOM   1109 N N     . ILE A 1 138 ? -10.930 12.417  0.383   1.00 15.40 ? 139 ILE A N     1 
ATOM   1110 C CA    . ILE A 1 138 ? -10.726 10.993  0.622   1.00 15.33 ? 139 ILE A CA    1 
ATOM   1111 C C     . ILE A 1 138 ? -10.194 10.832  2.047   1.00 15.83 ? 139 ILE A C     1 
ATOM   1112 O O     . ILE A 1 138 ? -10.632 9.949   2.790   1.00 15.54 ? 139 ILE A O     1 
ATOM   1113 C CB    . ILE A 1 138 ? -9.712  10.395  -0.385  1.00 14.53 ? 139 ILE A CB    1 
ATOM   1114 C CG1   . ILE A 1 138 ? -10.361 10.307  -1.768  1.00 15.59 ? 139 ILE A CG1   1 
ATOM   1115 C CG2   . ILE A 1 138 ? -9.240  9.016   0.087   1.00 14.40 ? 139 ILE A CG2   1 
ATOM   1116 C CD1   . ILE A 1 138 ? -9.412  9.872   -2.864  1.00 14.44 ? 139 ILE A CD1   1 
ATOM   1117 N N     . ALA A 1 139 ? -9.261  11.702  2.425   1.00 15.67 ? 140 ALA A N     1 
ATOM   1118 C CA    . ALA A 1 139 ? -8.671  11.662  3.759   1.00 16.89 ? 140 ALA A CA    1 
ATOM   1119 C C     . ALA A 1 139 ? -9.739  11.815  4.835   1.00 19.72 ? 140 ALA A C     1 
ATOM   1120 O O     . ALA A 1 139 ? -9.726  11.094  5.835   1.00 18.50 ? 140 ALA A O     1 
ATOM   1121 C CB    . ALA A 1 139 ? -7.615  12.759  3.908   1.00 16.69 ? 140 ALA A CB    1 
ATOM   1122 N N     . GLU A 1 140 ? -10.666 12.748  4.633   1.00 20.08 ? 141 GLU A N     1 
ATOM   1123 C CA    . GLU A 1 140 ? -11.722 12.960  5.616   1.00 21.67 ? 141 GLU A CA    1 
ATOM   1124 C C     . GLU A 1 140 ? -12.655 11.754  5.629   1.00 22.01 ? 141 GLU A C     1 
ATOM   1125 O O     . GLU A 1 140 ? -13.101 11.310  6.689   1.00 22.95 ? 141 GLU A O     1 
ATOM   1126 C CB    . GLU A 1 140 ? -12.509 14.238  5.299   1.00 24.50 ? 141 GLU A CB    1 
ATOM   1127 C CG    . GLU A 1 140 ? -11.660 15.505  5.262   1.00 28.21 ? 141 GLU A CG    1 
ATOM   1128 C CD    . GLU A 1 140 ? -12.503 16.774  5.253   1.00 30.74 ? 141 GLU A CD    1 
ATOM   1129 O OE1   . GLU A 1 140 ? -12.912 17.230  6.342   1.00 33.11 ? 141 GLU A OE1   1 
ATOM   1130 O OE2   . GLU A 1 140 ? -12.765 17.309  4.156   1.00 33.19 ? 141 GLU A OE2   1 
ATOM   1131 N N     . GLY A 1 141 ? -12.931 11.211  4.447   1.00 21.13 ? 142 GLY A N     1 
ATOM   1132 C CA    . GLY A 1 141 ? -13.806 10.057  4.343   1.00 22.37 ? 142 GLY A CA    1 
ATOM   1133 C C     . GLY A 1 141 ? -13.245 8.813   5.006   1.00 21.71 ? 142 GLY A C     1 
ATOM   1134 O O     . GLY A 1 141 ? -13.999 7.944   5.443   1.00 23.66 ? 142 GLY A O     1 
ATOM   1135 N N     . LEU A 1 142 ? -11.922 8.718   5.080   1.00 21.99 ? 143 LEU A N     1 
ATOM   1136 C CA    . LEU A 1 142 ? -11.272 7.571   5.708   1.00 20.71 ? 143 LEU A CA    1 
ATOM   1137 C C     . LEU A 1 142 ? -11.028 7.837   7.189   1.00 22.13 ? 143 LEU A C     1 
ATOM   1138 O O     . LEU A 1 142 ? -10.492 6.983   7.901   1.00 21.15 ? 143 LEU A O     1 
ATOM   1139 C CB    . LEU A 1 142 ? -9.933  7.284   5.027   1.00 19.43 ? 143 LEU A CB    1 
ATOM   1140 C CG    . LEU A 1 142 ? -9.945  6.882   3.550   1.00 17.92 ? 143 LEU A CG    1 
ATOM   1141 C CD1   . LEU A 1 142 ? -8.513  6.884   3.021   1.00 17.85 ? 143 LEU A CD1   1 
ATOM   1142 C CD2   . LEU A 1 142 ? -10.583 5.505   3.384   1.00 16.63 ? 143 LEU A CD2   1 
ATOM   1143 N N     . ASN A 1 143 ? -11.424 9.024   7.643   1.00 22.10 ? 144 ASN A N     1 
ATOM   1144 C CA    . ASN A 1 143 ? -11.238 9.439   9.030   1.00 22.47 ? 144 ASN A CA    1 
ATOM   1145 C C     . ASN A 1 143 ? -9.785  9.280   9.460   1.00 21.15 ? 144 ASN A C     1 
ATOM   1146 O O     . ASN A 1 143 ? -9.491  8.892   10.593  1.00 21.95 ? 144 ASN A O     1 
ATOM   1147 C CB    . ASN A 1 143 ? -12.152 8.635   9.961   1.00 23.92 ? 144 ASN A CB    1 
ATOM   1148 C CG    A ASN A 1 143 ? -13.545 9.225   10.046  0.50 24.43 ? 144 ASN A CG    1 
ATOM   1149 C CG    B ASN A 1 143 ? -13.538 8.421   9.377   0.50 24.14 ? 144 ASN A CG    1 
ATOM   1150 O OD1   A ASN A 1 143 ? -14.535 8.554   9.756   0.50 26.09 ? 144 ASN A OD1   1 
ATOM   1151 O OD1   B ASN A 1 143 ? -14.251 9.376   9.069   0.50 25.04 ? 144 ASN A OD1   1 
ATOM   1152 N ND2   A ASN A 1 143 ? -13.627 10.490  10.445  0.50 25.43 ? 144 ASN A ND2   1 
ATOM   1153 N ND2   B ASN A 1 143 ? -13.926 7.159   9.225   0.50 24.20 ? 144 ASN A ND2   1 
ATOM   1154 N N     . LEU A 1 144 ? -8.872  9.595   8.548   1.00 19.91 ? 145 LEU A N     1 
ATOM   1155 C CA    . LEU A 1 144 ? -7.449  9.479   8.831   1.00 19.48 ? 145 LEU A CA    1 
ATOM   1156 C C     . LEU A 1 144 ? -6.994  10.371  9.977   1.00 19.61 ? 145 LEU A C     1 
ATOM   1157 O O     . LEU A 1 144 ? -6.056  10.033  10.699  1.00 18.91 ? 145 LEU A O     1 
ATOM   1158 C CB    . LEU A 1 144 ? -6.630  9.811   7.581   1.00 17.91 ? 145 LEU A CB    1 
ATOM   1159 C CG    . LEU A 1 144 ? -6.849  8.943   6.338   1.00 16.93 ? 145 LEU A CG    1 
ATOM   1160 C CD1   . LEU A 1 144 ? -5.895  9.399   5.246   1.00 15.42 ? 145 LEU A CD1   1 
ATOM   1161 C CD2   . LEU A 1 144 ? -6.608  7.474   6.668   1.00 16.42 ? 145 LEU A CD2   1 
ATOM   1162 N N     . HIS A 1 145 ? -7.653  11.510  10.159  1.00 20.24 ? 146 HIS A N     1 
ATOM   1163 C CA    . HIS A 1 145 ? -7.238  12.416  11.219  1.00 22.13 ? 146 HIS A CA    1 
ATOM   1164 C C     . HIS A 1 145 ? -7.547  11.927  12.632  1.00 23.66 ? 146 HIS A C     1 
ATOM   1165 O O     . HIS A 1 145 ? -7.120  12.540  13.609  1.00 24.66 ? 146 HIS A O     1 
ATOM   1166 C CB    . HIS A 1 145 ? -7.819  13.812  10.974  1.00 23.16 ? 146 HIS A CB    1 
ATOM   1167 C CG    . HIS A 1 145 ? -7.255  14.481  9.758   1.00 23.35 ? 146 HIS A CG    1 
ATOM   1168 N ND1   . HIS A 1 145 ? -7.810  14.340  8.502   1.00 24.79 ? 146 HIS A ND1   1 
ATOM   1169 C CD2   . HIS A 1 145 ? -6.148  15.243  9.595   1.00 22.79 ? 146 HIS A CD2   1 
ATOM   1170 C CE1   . HIS A 1 145 ? -7.070  14.987  7.620   1.00 22.26 ? 146 HIS A CE1   1 
ATOM   1171 N NE2   . HIS A 1 145 ? -6.053  15.543  8.257   1.00 23.15 ? 146 HIS A NE2   1 
ATOM   1172 N N     . THR A 1 146 ? -8.266  10.814  12.740  1.00 25.86 ? 147 THR A N     1 
ATOM   1173 C CA    . THR A 1 146 ? -8.590  10.247  14.048  1.00 28.44 ? 147 THR A CA    1 
ATOM   1174 C C     . THR A 1 146 ? -7.499  9.260   14.483  1.00 30.52 ? 147 THR A C     1 
ATOM   1175 O O     . THR A 1 146 ? -7.488  8.801   15.624  1.00 32.12 ? 147 THR A O     1 
ATOM   1176 C CB    . THR A 1 146 ? -9.939  9.497   14.032  1.00 28.39 ? 147 THR A CB    1 
ATOM   1177 O OG1   . THR A 1 146 ? -9.845  8.354   13.172  1.00 30.93 ? 147 THR A OG1   1 
ATOM   1178 C CG2   . THR A 1 146 ? -11.053 10.405  13.535  1.00 28.99 ? 147 THR A CG2   1 
ATOM   1179 N N     . ILE A 1 147 ? -6.586  8.939   13.570  1.00 31.48 ? 148 ILE A N     1 
ATOM   1180 C CA    . ILE A 1 147 ? -5.497  8.006   13.860  1.00 32.50 ? 148 ILE A CA    1 
ATOM   1181 C C     . ILE A 1 147 ? -4.489  8.612   14.838  1.00 34.44 ? 148 ILE A C     1 
ATOM   1182 O O     . ILE A 1 147 ? -3.822  9.600   14.528  1.00 34.12 ? 148 ILE A O     1 
ATOM   1183 C CB    . ILE A 1 147 ? -4.756  7.592   12.564  1.00 31.93 ? 148 ILE A CB    1 
ATOM   1184 C CG1   . ILE A 1 147 ? -5.723  6.876   11.617  1.00 29.93 ? 148 ILE A CG1   1 
ATOM   1185 C CG2   . ILE A 1 147 ? -3.583  6.683   12.899  1.00 31.63 ? 148 ILE A CG2   1 
ATOM   1186 C CD1   . ILE A 1 147 ? -5.114  6.491   10.282  1.00 29.44 ? 148 ILE A CD1   1 
ATOM   1187 N N     . ARG A 1 148 ? -4.379  7.999   16.015  1.00 35.17 ? 149 ARG A N     1 
ATOM   1188 C CA    . ARG A 1 148 ? -3.475  8.468   17.065  1.00 36.66 ? 149 ARG A CA    1 
ATOM   1189 C C     . ARG A 1 148 ? -2.390  7.448   17.400  1.00 35.73 ? 149 ARG A C     1 
ATOM   1190 O O     . ARG A 1 148 ? -1.324  7.806   17.899  1.00 38.46 ? 149 ARG A O     1 
ATOM   1191 C CB    . ARG A 1 148 ? -4.269  8.736   18.348  1.00 39.41 ? 149 ARG A CB    1 
ATOM   1192 C CG    . ARG A 1 148 ? -5.501  9.596   18.172  1.00 43.49 ? 149 ARG A CG    1 
ATOM   1193 C CD    . ARG A 1 148 ? -5.150  11.057  18.276  1.00 47.08 ? 149 ARG A CD    1 
ATOM   1194 N NE    . ARG A 1 148 ? -6.073  11.879  17.508  1.00 50.53 ? 149 ARG A NE    1 
ATOM   1195 C CZ    . ARG A 1 148 ? -5.694  12.927  16.788  1.00 52.17 ? 149 ARG A CZ    1 
ATOM   1196 N NH1   . ARG A 1 148 ? -4.414  13.275  16.745  1.00 54.15 ? 149 ARG A NH1   1 
ATOM   1197 N NH2   . ARG A 1 148 ? -6.590  13.614  16.095  1.00 53.20 ? 149 ARG A NH2   1 
ATOM   1198 N N     . ASP A 1 149 ? -2.675  6.179   17.125  1.00 34.19 ? 150 ASP A N     1 
ATOM   1199 C CA    . ASP A 1 149 ? -1.767  5.081   17.447  1.00 31.61 ? 150 ASP A CA    1 
ATOM   1200 C C     . ASP A 1 149 ? -0.700  4.716   16.415  1.00 28.54 ? 150 ASP A C     1 
ATOM   1201 O O     . ASP A 1 149 ? -0.182  3.600   16.433  1.00 28.01 ? 150 ASP A O     1 
ATOM   1202 C CB    . ASP A 1 149 ? -2.597  3.839   17.777  1.00 33.86 ? 150 ASP A CB    1 
ATOM   1203 C CG    . ASP A 1 149 ? -3.367  3.325   16.579  1.00 36.79 ? 150 ASP A CG    1 
ATOM   1204 O OD1   . ASP A 1 149 ? -3.708  4.144   15.698  1.00 38.43 ? 150 ASP A OD1   1 
ATOM   1205 O OD2   . ASP A 1 149 ? -3.642  2.106   16.518  1.00 39.17 ? 150 ASP A OD2   1 
ATOM   1206 N N     . ARG A 1 150 ? -0.371  5.644   15.523  1.00 25.23 ? 151 ARG A N     1 
ATOM   1207 C CA    . ARG A 1 150 ? 0.651   5.404   14.504  1.00 20.79 ? 151 ARG A CA    1 
ATOM   1208 C C     . ARG A 1 150 ? 0.785   6.653   13.649  1.00 19.42 ? 151 ARG A C     1 
ATOM   1209 O O     . ARG A 1 150 ? -0.091  7.516   13.673  1.00 19.14 ? 151 ARG A O     1 
ATOM   1210 C CB    . ARG A 1 150 ? 0.258   4.225   13.604  1.00 20.57 ? 151 ARG A CB    1 
ATOM   1211 C CG    . ARG A 1 150 ? -0.852  4.543   12.616  1.00 18.73 ? 151 ARG A CG    1 
ATOM   1212 C CD    . ARG A 1 150 ? -1.282  3.316   11.828  1.00 15.13 ? 151 ARG A CD    1 
ATOM   1213 N NE    . ARG A 1 150 ? -2.061  2.397   12.652  1.00 14.82 ? 151 ARG A NE    1 
ATOM   1214 C CZ    . ARG A 1 150 ? -1.737  1.126   12.868  1.00 15.91 ? 151 ARG A CZ    1 
ATOM   1215 N NH1   . ARG A 1 150 ? -0.644  0.616   12.318  1.00 14.26 ? 151 ARG A NH1   1 
ATOM   1216 N NH2   . ARG A 1 150 ? -2.510  0.370   13.638  1.00 16.67 ? 151 ARG A NH2   1 
ATOM   1217 N N     . VAL A 1 151 ? 1.884   6.759   12.907  1.00 16.72 ? 152 VAL A N     1 
ATOM   1218 C CA    . VAL A 1 151 ? 2.066   7.905   12.025  1.00 16.86 ? 152 VAL A CA    1 
ATOM   1219 C C     . VAL A 1 151 ? 1.484   7.535   10.665  1.00 15.43 ? 152 VAL A C     1 
ATOM   1220 O O     . VAL A 1 151 ? 1.529   6.372   10.256  1.00 15.30 ? 152 VAL A O     1 
ATOM   1221 C CB    . VAL A 1 151 ? 3.555   8.296   11.864  1.00 17.64 ? 152 VAL A CB    1 
ATOM   1222 C CG1   . VAL A 1 151 ? 4.117   8.753   13.207  1.00 19.45 ? 152 VAL A CG1   1 
ATOM   1223 C CG2   . VAL A 1 151 ? 4.354   7.134   11.310  1.00 19.79 ? 152 VAL A CG2   1 
ATOM   1224 N N     . TRP A 1 152 ? 0.924   8.522   9.974   1.00 13.89 ? 153 TRP A N     1 
ATOM   1225 C CA    . TRP A 1 152 ? 0.317   8.272   8.675   1.00 13.43 ? 153 TRP A CA    1 
ATOM   1226 C C     . TRP A 1 152 ? 0.492   9.445   7.724   1.00 13.72 ? 153 TRP A C     1 
ATOM   1227 O O     . TRP A 1 152 ? 0.843   10.555  8.128   1.00 14.06 ? 153 TRP A O     1 
ATOM   1228 C CB    . TRP A 1 152 ? -1.176  7.980   8.834   1.00 14.09 ? 153 TRP A CB    1 
ATOM   1229 C CG    . TRP A 1 152 ? -1.957  9.148   9.373   1.00 16.22 ? 153 TRP A CG    1 
ATOM   1230 C CD1   . TRP A 1 152 ? -2.150  9.470   10.686  1.00 16.51 ? 153 TRP A CD1   1 
ATOM   1231 C CD2   . TRP A 1 152 ? -2.613  10.168  8.608   1.00 16.90 ? 153 TRP A CD2   1 
ATOM   1232 N NE1   . TRP A 1 152 ? -2.888  10.627  10.788  1.00 16.90 ? 153 TRP A NE1   1 
ATOM   1233 C CE2   . TRP A 1 152 ? -3.185  11.077  9.529   1.00 17.81 ? 153 TRP A CE2   1 
ATOM   1234 C CE3   . TRP A 1 152 ? -2.771  10.403  7.235   1.00 16.96 ? 153 TRP A CE3   1 
ATOM   1235 C CZ2   . TRP A 1 152 ? -3.907  12.205  9.119   1.00 19.58 ? 153 TRP A CZ2   1 
ATOM   1236 C CZ3   . TRP A 1 152 ? -3.489  11.526  6.826   1.00 17.91 ? 153 TRP A CZ3   1 
ATOM   1237 C CH2   . TRP A 1 152 ? -4.048  12.412  7.769   1.00 19.58 ? 153 TRP A CH2   1 
ATOM   1238 N N     . GLN A 1 153 ? 0.234   9.184   6.449   1.00 12.51 ? 154 GLN A N     1 
ATOM   1239 C CA    . GLN A 1 153 ? 0.352   10.195  5.413   1.00 12.70 ? 154 GLN A CA    1 
ATOM   1240 C C     . GLN A 1 153 ? -0.495  9.764   4.233   1.00 13.10 ? 154 GLN A C     1 
ATOM   1241 O O     . GLN A 1 153 ? -0.568  8.574   3.930   1.00 11.72 ? 154 GLN A O     1 
ATOM   1242 C CB    . GLN A 1 153 ? 1.803   10.301  4.948   1.00 15.60 ? 154 GLN A CB    1 
ATOM   1243 C CG    . GLN A 1 153 ? 2.053   11.388  3.917   1.00 21.87 ? 154 GLN A CG    1 
ATOM   1244 C CD    . GLN A 1 153 ? 2.104   12.771  4.536   1.00 26.53 ? 154 GLN A CD    1 
ATOM   1245 O OE1   . GLN A 1 153 ? 2.270   13.768  3.839   1.00 32.77 ? 154 GLN A OE1   1 
ATOM   1246 N NE2   . GLN A 1 153 ? 1.964   12.836  5.857   1.00 31.08 ? 154 GLN A NE2   1 
ATOM   1247 N N     . ILE A 1 154 ? -1.151  10.718  3.577   1.00 12.06 ? 155 ILE A N     1 
ATOM   1248 C CA    . ILE A 1 154 ? -1.919  10.387  2.386   1.00 11.32 ? 155 ILE A CA    1 
ATOM   1249 C C     . ILE A 1 154 ? -1.217  11.109  1.249   1.00 10.73 ? 155 ILE A C     1 
ATOM   1250 O O     . ILE A 1 154 ? -0.817  12.267  1.388   1.00 12.16 ? 155 ILE A O     1 
ATOM   1251 C CB    . ILE A 1 154 ? -3.408  10.815  2.475   1.00 13.20 ? 155 ILE A CB    1 
ATOM   1252 C CG1   . ILE A 1 154 ? -4.126  10.374  1.198   1.00 12.20 ? 155 ILE A CG1   1 
ATOM   1253 C CG2   . ILE A 1 154 ? -3.534  12.320  2.676   1.00 14.13 ? 155 ILE A CG2   1 
ATOM   1254 C CD1   . ILE A 1 154 ? -5.633  10.494  1.257   1.00 14.50 ? 155 ILE A CD1   1 
ATOM   1255 N N     . GLN A 1 155 ? -1.032  10.410  0.134   1.00 9.87  ? 156 GLN A N     1 
ATOM   1256 C CA    . GLN A 1 155 ? -0.328  10.970  -1.012  1.00 9.30  ? 156 GLN A CA    1 
ATOM   1257 C C     . GLN A 1 155 ? -1.082  10.740  -2.302  1.00 10.37 ? 156 GLN A C     1 
ATOM   1258 O O     . GLN A 1 155 ? -1.431  9.607   -2.633  1.00 10.21 ? 156 GLN A O     1 
ATOM   1259 C CB    . GLN A 1 155 ? 1.060   10.329  -1.138  1.00 8.72  ? 156 GLN A CB    1 
ATOM   1260 C CG    . GLN A 1 155 ? 1.858   10.736  -2.381  1.00 9.28  ? 156 GLN A CG    1 
ATOM   1261 C CD    . GLN A 1 155 ? 2.277   12.189  -2.355  1.00 10.24 ? 156 GLN A CD    1 
ATOM   1262 O OE1   . GLN A 1 155 ? 2.887   12.648  -1.389  1.00 14.04 ? 156 GLN A OE1   1 
ATOM   1263 N NE2   . GLN A 1 155 ? 1.953   12.926  -3.416  1.00 12.11 ? 156 GLN A NE2   1 
ATOM   1264 N N     . SER A 1 156 ? -1.329  11.826  -3.022  1.00 9.75  ? 157 SER A N     1 
ATOM   1265 C CA    . SER A 1 156 ? -1.997  11.762  -4.311  1.00 10.13 ? 157 SER A CA    1 
ATOM   1266 C C     . SER A 1 156 ? -0.986  11.203  -5.305  1.00 11.20 ? 157 SER A C     1 
ATOM   1267 O O     . SER A 1 156 ? 0.167   11.633  -5.332  1.00 12.84 ? 157 SER A O     1 
ATOM   1268 C CB    . SER A 1 156 ? -2.417  13.172  -4.747  1.00 11.08 ? 157 SER A CB    1 
ATOM   1269 O OG    A SER A 1 156 ? -2.931  13.173  -6.063  0.50 10.30 ? 157 SER A OG    1 
ATOM   1270 O OG    B SER A 1 156 ? -3.483  13.663  -3.956  0.50 12.15 ? 157 SER A OG    1 
ATOM   1271 N N     . CYS A 1 157 ? -1.399  10.243  -6.123  1.00 9.58  ? 158 CYS A N     1 
ATOM   1272 C CA    . CYS A 1 157 ? -0.473  9.686   -7.095  1.00 9.66  ? 158 CYS A CA    1 
ATOM   1273 C C     . CYS A 1 157 ? -1.190  9.092   -8.285  1.00 10.16 ? 158 CYS A C     1 
ATOM   1274 O O     . CYS A 1 157 ? -2.418  8.996   -8.315  1.00 10.38 ? 158 CYS A O     1 
ATOM   1275 C CB    . CYS A 1 157 ? 0.394   8.588   -6.452  1.00 10.12 ? 158 CYS A CB    1 
ATOM   1276 S SG    . CYS A 1 157 ? -0.486  7.025   -6.104  1.00 11.59 ? 158 CYS A SG    1 
ATOM   1277 N N     . SER A 1 158 ? -0.391  8.723   -9.276  1.00 10.71 ? 159 SER A N     1 
ATOM   1278 C CA    . SER A 1 158 ? -0.869  8.061   -10.474 1.00 10.52 ? 159 SER A CA    1 
ATOM   1279 C C     . SER A 1 158 ? 0.172   6.982   -10.707 1.00 11.50 ? 159 SER A C     1 
ATOM   1280 O O     . SER A 1 158 ? 1.295   7.283   -11.102 1.00 12.13 ? 159 SER A O     1 
ATOM   1281 C CB    . SER A 1 158 ? -0.896  9.010   -11.677 1.00 12.53 ? 159 SER A CB    1 
ATOM   1282 O OG    . SER A 1 158 ? -1.165  8.274   -12.865 1.00 13.43 ? 159 SER A OG    1 
ATOM   1283 N N     . ALA A 1 159 ? -0.180  5.730   -10.427 1.00 12.51 ? 160 ALA A N     1 
ATOM   1284 C CA    . ALA A 1 159 ? 0.760   4.635   -10.634 1.00 14.08 ? 160 ALA A CA    1 
ATOM   1285 C C     . ALA A 1 159 ? 1.018   4.499   -12.130 1.00 15.36 ? 160 ALA A C     1 
ATOM   1286 O O     . ALA A 1 159 ? 2.059   3.992   -12.549 1.00 16.42 ? 160 ALA A O     1 
ATOM   1287 C CB    . ALA A 1 159 ? 0.189   3.335   -10.077 1.00 14.16 ? 160 ALA A CB    1 
ATOM   1288 N N     . LEU A 1 160 ? 0.063   4.965   -12.931 1.00 16.15 ? 161 LEU A N     1 
ATOM   1289 C CA    . LEU A 1 160 ? 0.180   4.896   -14.384 1.00 19.40 ? 161 LEU A CA    1 
ATOM   1290 C C     . LEU A 1 160 ? 1.301   5.788   -14.904 1.00 19.57 ? 161 LEU A C     1 
ATOM   1291 O O     . LEU A 1 160 ? 2.162   5.339   -15.665 1.00 22.60 ? 161 LEU A O     1 
ATOM   1292 C CB    . LEU A 1 160 ? -1.139  5.306   -15.045 1.00 20.05 ? 161 LEU A CB    1 
ATOM   1293 C CG    . LEU A 1 160 ? -1.165  5.266   -16.577 1.00 20.81 ? 161 LEU A CG    1 
ATOM   1294 C CD1   . LEU A 1 160 ? -0.919  3.842   -17.054 1.00 21.28 ? 161 LEU A CD1   1 
ATOM   1295 C CD2   . LEU A 1 160 ? -2.503  5.771   -17.079 1.00 21.17 ? 161 LEU A CD2   1 
ATOM   1296 N N     . THR A 1 161 ? 1.288   7.052   -14.492 1.00 19.29 ? 162 THR A N     1 
ATOM   1297 C CA    . THR A 1 161 ? 2.295   8.012   -14.934 1.00 19.75 ? 162 THR A CA    1 
ATOM   1298 C C     . THR A 1 161 ? 3.500   8.052   -14.000 1.00 21.19 ? 162 THR A C     1 
ATOM   1299 O O     . THR A 1 161 ? 4.574   8.522   -14.383 1.00 22.31 ? 162 THR A O     1 
ATOM   1300 C CB    . THR A 1 161 ? 1.708   9.440   -15.023 1.00 19.89 ? 162 THR A CB    1 
ATOM   1301 O OG1   . THR A 1 161 ? 1.446   9.936   -13.703 1.00 18.36 ? 162 THR A OG1   1 
ATOM   1302 C CG2   . THR A 1 161 ? 0.405   9.437   -15.825 1.00 18.73 ? 162 THR A CG2   1 
ATOM   1303 N N     . GLY A 1 162 ? 3.313   7.562   -12.778 1.00 19.54 ? 163 GLY A N     1 
ATOM   1304 C CA    . GLY A 1 162 ? 4.387   7.566   -11.801 1.00 18.35 ? 163 GLY A CA    1 
ATOM   1305 C C     . GLY A 1 162 ? 4.379   8.816   -10.935 1.00 17.40 ? 163 GLY A C     1 
ATOM   1306 O O     . GLY A 1 162 ? 5.118   8.908   -9.957  1.00 17.85 ? 163 GLY A O     1 
ATOM   1307 N N     . GLU A 1 163 ? 3.534   9.782   -11.283 1.00 16.97 ? 164 GLU A N     1 
ATOM   1308 C CA    . GLU A 1 163 ? 3.463   11.029  -10.524 1.00 18.06 ? 164 GLU A CA    1 
ATOM   1309 C C     . GLU A 1 163 ? 3.081   10.808  -9.063  1.00 16.23 ? 164 GLU A C     1 
ATOM   1310 O O     . GLU A 1 163 ? 2.126   10.090  -8.764  1.00 16.19 ? 164 GLU A O     1 
ATOM   1311 C CB    . GLU A 1 163 ? 2.460   11.991  -11.169 1.00 21.54 ? 164 GLU A CB    1 
ATOM   1312 C CG    . GLU A 1 163 ? 2.586   13.423  -10.677 1.00 27.90 ? 164 GLU A CG    1 
ATOM   1313 C CD    . GLU A 1 163 ? 1.725   14.396  -11.463 1.00 32.58 ? 164 GLU A CD    1 
ATOM   1314 O OE1   . GLU A 1 163 ? 1.612   14.230  -12.698 1.00 34.54 ? 164 GLU A OE1   1 
ATOM   1315 O OE2   . GLU A 1 163 ? 1.176   15.337  -10.850 1.00 34.95 ? 164 GLU A OE2   1 
ATOM   1316 N N     . GLY A 1 164 ? 3.847   11.423  -8.161  1.00 14.52 ? 165 GLY A N     1 
ATOM   1317 C CA    . GLY A 1 164 ? 3.577   11.318  -6.734  1.00 13.42 ? 165 GLY A CA    1 
ATOM   1318 C C     . GLY A 1 164 ? 4.045   10.061  -6.022  1.00 13.49 ? 165 GLY A C     1 
ATOM   1319 O O     . GLY A 1 164 ? 4.082   10.020  -4.787  1.00 11.81 ? 165 GLY A O     1 
ATOM   1320 N N     . VAL A 1 165 ? 4.413   9.036   -6.781  1.00 12.23 ? 166 VAL A N     1 
ATOM   1321 C CA    . VAL A 1 165 ? 4.851   7.793   -6.168  1.00 12.72 ? 166 VAL A CA    1 
ATOM   1322 C C     . VAL A 1 165 ? 6.145   7.957   -5.379  1.00 12.57 ? 166 VAL A C     1 
ATOM   1323 O O     . VAL A 1 165 ? 6.249   7.477   -4.250  1.00 12.29 ? 166 VAL A O     1 
ATOM   1324 C CB    . VAL A 1 165 ? 5.007   6.678   -7.226  1.00 13.63 ? 166 VAL A CB    1 
ATOM   1325 C CG1   . VAL A 1 165 ? 5.457   5.379   -6.559  1.00 12.58 ? 166 VAL A CG1   1 
ATOM   1326 C CG2   . VAL A 1 165 ? 3.676   6.460   -7.933  1.00 13.73 ? 166 VAL A CG2   1 
ATOM   1327 N N     . GLN A 1 166 ? 7.129   8.642   -5.952  1.00 14.01 ? 167 GLN A N     1 
ATOM   1328 C CA    . GLN A 1 166 ? 8.387   8.830   -5.236  1.00 14.67 ? 167 GLN A CA    1 
ATOM   1329 C C     . GLN A 1 166 ? 8.201   9.694   -3.989  1.00 14.54 ? 167 GLN A C     1 
ATOM   1330 O O     . GLN A 1 166 ? 8.842   9.452   -2.967  1.00 14.28 ? 167 GLN A O     1 
ATOM   1331 C CB    . GLN A 1 166 ? 9.453   9.448   -6.143  1.00 17.42 ? 167 GLN A CB    1 
ATOM   1332 C CG    . GLN A 1 166 ? 10.853  9.356   -5.545  1.00 21.53 ? 167 GLN A CG    1 
ATOM   1333 C CD    . GLN A 1 166 ? 11.942  9.735   -6.524  1.00 25.62 ? 167 GLN A CD    1 
ATOM   1334 O OE1   . GLN A 1 166 ? 11.830  9.479   -7.724  1.00 27.60 ? 167 GLN A OE1   1 
ATOM   1335 N NE2   . GLN A 1 166 ? 13.017  10.331  -6.015  1.00 26.67 ? 167 GLN A NE2   1 
ATOM   1336 N N     . ASP A 1 167 ? 7.333   10.701  -4.073  1.00 15.73 ? 168 ASP A N     1 
ATOM   1337 C CA    . ASP A 1 167 ? 7.066   11.564  -2.925  1.00 15.42 ? 168 ASP A CA    1 
ATOM   1338 C C     . ASP A 1 167 ? 6.522   10.716  -1.784  1.00 14.55 ? 168 ASP A C     1 
ATOM   1339 O O     . ASP A 1 167 ? 6.840   10.942  -0.616  1.00 15.13 ? 168 ASP A O     1 
ATOM   1340 C CB    . ASP A 1 167 ? 6.045   12.649  -3.274  1.00 17.78 ? 168 ASP A CB    1 
ATOM   1341 C CG    . ASP A 1 167 ? 6.602   13.701  -4.206  1.00 21.95 ? 168 ASP A CG    1 
ATOM   1342 O OD1   . ASP A 1 167 ? 7.805   14.016  -4.093  1.00 23.02 ? 168 ASP A OD1   1 
ATOM   1343 O OD2   . ASP A 1 167 ? 5.833   14.225  -5.042  1.00 25.39 ? 168 ASP A OD2   1 
ATOM   1344 N N     . GLY A 1 168 ? 5.687   9.741   -2.136  1.00 13.07 ? 169 GLY A N     1 
ATOM   1345 C CA    . GLY A 1 168 ? 5.127   8.858   -1.133  1.00 12.85 ? 169 GLY A CA    1 
ATOM   1346 C C     . GLY A 1 168 ? 6.213   7.987   -0.532  1.00 12.55 ? 169 GLY A C     1 
ATOM   1347 O O     . GLY A 1 168 ? 6.262   7.800   0.684   1.00 13.52 ? 169 GLY A O     1 
ATOM   1348 N N     . MET A 1 169 ? 7.096   7.463   -1.374  1.00 12.78 ? 170 MET A N     1 
ATOM   1349 C CA    . MET A 1 169 ? 8.171   6.617   -0.871  1.00 15.42 ? 170 MET A CA    1 
ATOM   1350 C C     . MET A 1 169 ? 9.157   7.422   -0.027  1.00 16.28 ? 170 MET A C     1 
ATOM   1351 O O     . MET A 1 169 ? 9.799   6.876   0.871   1.00 15.21 ? 170 MET A O     1 
ATOM   1352 C CB    . MET A 1 169 ? 8.905   5.918   -2.021  1.00 16.28 ? 170 MET A CB    1 
ATOM   1353 C CG    . MET A 1 169 ? 8.063   4.877   -2.761  1.00 17.21 ? 170 MET A CG    1 
ATOM   1354 S SD    . MET A 1 169 ? 7.091   3.807   -1.653  1.00 20.17 ? 170 MET A SD    1 
ATOM   1355 C CE    . MET A 1 169 ? 8.361   3.024   -0.728  1.00 17.48 ? 170 MET A CE    1 
ATOM   1356 N N     . ASN A 1 170 ? 9.277   8.720   -0.302  1.00 14.88 ? 171 ASN A N     1 
ATOM   1357 C CA    . ASN A 1 170 ? 10.183  9.543   0.490   1.00 16.98 ? 171 ASN A CA    1 
ATOM   1358 C C     . ASN A 1 170 ? 9.655   9.620   1.916   1.00 17.10 ? 171 ASN A C     1 
ATOM   1359 O O     . ASN A 1 170 ? 10.426  9.609   2.877   1.00 17.88 ? 171 ASN A O     1 
ATOM   1360 C CB    . ASN A 1 170 ? 10.324  10.951  -0.102  1.00 17.98 ? 171 ASN A CB    1 
ATOM   1361 C CG    . ASN A 1 170 ? 11.199  10.973  -1.342  1.00 19.14 ? 171 ASN A CG    1 
ATOM   1362 O OD1   . ASN A 1 170 ? 12.117  10.160  -1.482  1.00 22.53 ? 171 ASN A OD1   1 
ATOM   1363 N ND2   . ASN A 1 170 ? 10.931  11.913  -2.240  1.00 22.38 ? 171 ASN A ND2   1 
ATOM   1364 N N     . TRP A 1 171 ? 8.335   9.687   2.059   1.00 15.20 ? 172 TRP A N     1 
ATOM   1365 C CA    . TRP A 1 171 ? 7.740   9.735   3.385   1.00 15.53 ? 172 TRP A CA    1 
ATOM   1366 C C     . TRP A 1 171 ? 8.000   8.399   4.085   1.00 16.12 ? 172 TRP A C     1 
ATOM   1367 O O     . TRP A 1 171 ? 8.327   8.363   5.271   1.00 17.14 ? 172 TRP A O     1 
ATOM   1368 C CB    . TRP A 1 171 ? 6.231   9.979   3.298   1.00 13.84 ? 172 TRP A CB    1 
ATOM   1369 C CG    . TRP A 1 171 ? 5.579   10.042  4.641   1.00 14.90 ? 172 TRP A CG    1 
ATOM   1370 C CD1   . TRP A 1 171 ? 5.492   11.131  5.464   1.00 14.82 ? 172 TRP A CD1   1 
ATOM   1371 C CD2   . TRP A 1 171 ? 4.966   8.957   5.345   1.00 13.29 ? 172 TRP A CD2   1 
ATOM   1372 N NE1   . TRP A 1 171 ? 4.863   10.789  6.636   1.00 15.41 ? 172 TRP A NE1   1 
ATOM   1373 C CE2   . TRP A 1 171 ? 4.529   9.460   6.590   1.00 16.21 ? 172 TRP A CE2   1 
ATOM   1374 C CE3   . TRP A 1 171 ? 4.741   7.605   5.043   1.00 14.28 ? 172 TRP A CE3   1 
ATOM   1375 C CZ2   . TRP A 1 171 ? 3.879   8.661   7.536   1.00 14.39 ? 172 TRP A CZ2   1 
ATOM   1376 C CZ3   . TRP A 1 171 ? 4.095   6.807   5.985   1.00 16.39 ? 172 TRP A CZ3   1 
ATOM   1377 C CH2   . TRP A 1 171 ? 3.671   7.341   7.217   1.00 15.79 ? 172 TRP A CH2   1 
ATOM   1378 N N     . VAL A 1 172 ? 7.852   7.301   3.346   1.00 16.21 ? 173 VAL A N     1 
ATOM   1379 C CA    . VAL A 1 172 ? 8.078   5.972   3.908   1.00 16.22 ? 173 VAL A CA    1 
ATOM   1380 C C     . VAL A 1 172 ? 9.491   5.861   4.469   1.00 18.24 ? 173 VAL A C     1 
ATOM   1381 O O     . VAL A 1 172 ? 9.693   5.349   5.572   1.00 18.67 ? 173 VAL A O     1 
ATOM   1382 C CB    . VAL A 1 172 ? 7.891   4.862   2.845   1.00 17.32 ? 173 VAL A CB    1 
ATOM   1383 C CG1   . VAL A 1 172 ? 8.329   3.517   3.417   1.00 15.73 ? 173 VAL A CG1   1 
ATOM   1384 C CG2   . VAL A 1 172 ? 6.437   4.798   2.406   1.00 16.74 ? 173 VAL A CG2   1 
ATOM   1385 N N     . CYS A 1 173 ? 10.463  6.351   3.709   1.00 19.07 ? 174 CYS A N     1 
ATOM   1386 C CA    . CYS A 1 173 ? 11.856  6.290   4.126   1.00 22.68 ? 174 CYS A CA    1 
ATOM   1387 C C     . CYS A 1 173 ? 12.162  7.105   5.379   1.00 24.59 ? 174 CYS A C     1 
ATOM   1388 O O     . CYS A 1 173 ? 13.061  6.756   6.142   1.00 25.24 ? 174 CYS A O     1 
ATOM   1389 C CB    . CYS A 1 173 ? 12.765  6.722   2.976   1.00 22.86 ? 174 CYS A CB    1 
ATOM   1390 S SG    . CYS A 1 173 ? 12.819  5.512   1.632   1.00 28.96 ? 174 CYS A SG    1 
ATOM   1391 N N     . LYS A 1 174 ? 11.412  8.180   5.598   1.00 25.47 ? 175 LYS A N     1 
ATOM   1392 C CA    . LYS A 1 174 ? 11.618  9.020   6.775   1.00 27.14 ? 175 LYS A CA    1 
ATOM   1393 C C     . LYS A 1 174 ? 10.969  8.421   8.019   1.00 28.36 ? 175 LYS A C     1 
ATOM   1394 O O     . LYS A 1 174 ? 11.282  8.819   9.140   1.00 28.24 ? 175 LYS A O     1 
ATOM   1395 C CB    . LYS A 1 174 ? 11.024  10.414  6.558   1.00 29.32 ? 175 LYS A CB    1 
ATOM   1396 C CG    . LYS A 1 174 ? 11.709  11.268  5.515   1.00 32.93 ? 175 LYS A CG    1 
ATOM   1397 C CD    . LYS A 1 174 ? 11.054  12.641  5.471   1.00 35.96 ? 175 LYS A CD    1 
ATOM   1398 C CE    . LYS A 1 174 ? 11.732  13.563  4.475   1.00 38.00 ? 175 LYS A CE    1 
ATOM   1399 N NZ    . LYS A 1 174 ? 11.109  14.919  4.479   1.00 40.69 ? 175 LYS A NZ    1 
ATOM   1400 N N     . ASN A 1 175 ? 10.068  7.462   7.822   1.00 28.49 ? 176 ASN A N     1 
ATOM   1401 C CA    . ASN A 1 175 ? 9.359   6.856   8.942   1.00 31.30 ? 176 ASN A CA    1 
ATOM   1402 C C     . ASN A 1 175 ? 9.584   5.366   9.173   1.00 33.23 ? 176 ASN A C     1 
ATOM   1403 O O     . ASN A 1 175 ? 8.762   4.706   9.810   1.00 34.36 ? 176 ASN A O     1 
ATOM   1404 C CB    . ASN A 1 175 ? 7.859   7.125   8.795   1.00 29.59 ? 176 ASN A CB    1 
ATOM   1405 C CG    . ASN A 1 175 ? 7.520   8.599   8.912   1.00 29.00 ? 176 ASN A CG    1 
ATOM   1406 O OD1   . ASN A 1 175 ? 7.263   9.104   10.005  1.00 31.15 ? 176 ASN A OD1   1 
ATOM   1407 N ND2   . ASN A 1 175 ? 7.534   9.301   7.783   1.00 26.12 ? 176 ASN A ND2   1 
ATOM   1408 N N     . VAL A 1 176 ? 10.689  4.830   8.666   1.00 36.35 ? 177 VAL A N     1 
ATOM   1409 C CA    . VAL A 1 176 ? 10.977  3.416   8.873   1.00 39.21 ? 177 VAL A CA    1 
ATOM   1410 C C     . VAL A 1 176 ? 11.463  3.199   10.302  1.00 40.83 ? 177 VAL A C     1 
ATOM   1411 O O     . VAL A 1 176 ? 10.691  2.632   11.106  1.00 42.12 ? 177 VAL A O     1 
ATOM   1412 C CB    . VAL A 1 176 ? 12.060  2.904   7.896   1.00 39.47 ? 177 VAL A CB    1 
ATOM   1413 C CG1   . VAL A 1 176 ? 12.586  1.548   8.358   1.00 40.07 ? 177 VAL A CG1   1 
ATOM   1414 C CG2   . VAL A 1 176 ? 11.475  2.779   6.501   1.00 39.59 ? 177 VAL A CG2   1 
HETATM 1415 S S     . SO4 B 2 .   ? 15.881  -0.419  -12.809 0.53 34.52 ? 401 SO4 A S     1 
HETATM 1416 O O1    . SO4 B 2 .   ? 15.789  -1.523  -11.836 0.53 35.25 ? 401 SO4 A O1    1 
HETATM 1417 O O2    . SO4 B 2 .   ? 17.171  -0.499  -13.517 0.53 35.79 ? 401 SO4 A O2    1 
HETATM 1418 O O3    . SO4 B 2 .   ? 14.778  -0.518  -13.785 0.53 35.38 ? 401 SO4 A O3    1 
HETATM 1419 O O4    . SO4 B 2 .   ? 15.788  0.867   -12.096 0.53 34.76 ? 401 SO4 A O4    1 
HETATM 1420 S S     . SO4 C 2 .   ? 2.079   -10.037 -13.019 0.81 56.97 ? 402 SO4 A S     1 
HETATM 1421 O O1    . SO4 C 2 .   ? 2.308   -10.646 -11.696 0.81 57.29 ? 402 SO4 A O1    1 
HETATM 1422 O O2    . SO4 C 2 .   ? 3.369   -9.851  -13.709 0.81 56.71 ? 402 SO4 A O2    1 
HETATM 1423 O O3    . SO4 C 2 .   ? 1.218   -10.923 -13.818 0.81 57.49 ? 402 SO4 A O3    1 
HETATM 1424 O O4    . SO4 C 2 .   ? 1.413   -8.733  -12.853 0.81 56.82 ? 402 SO4 A O4    1 
HETATM 1425 N N     . NH4 D 3 .   ? -12.717 15.839  9.239   1.00 22.25 ? 501 NH4 A N     1 
HETATM 1426 O O1    . MES E 4 .   ? -2.626  15.685  7.813   0.87 42.92 ? 201 MES A O1    1 
HETATM 1427 C C2    . MES E 4 .   ? -1.500  15.325  6.979   0.87 42.41 ? 201 MES A C2    1 
HETATM 1428 C C3    . MES E 4 .   ? -0.792  14.090  7.589   0.87 42.92 ? 201 MES A C3    1 
HETATM 1429 N N4    . MES E 4 .   ? -0.284  14.462  8.988   0.87 42.92 ? 201 MES A N4    1 
HETATM 1430 C C5    . MES E 4 .   ? -1.479  14.930  9.844   0.87 43.25 ? 201 MES A C5    1 
HETATM 1431 C C6    . MES E 4 .   ? -2.185  16.099  9.144   0.87 42.89 ? 201 MES A C6    1 
HETATM 1432 C C7    . MES E 4 .   ? 0.439   13.281  9.657   0.87 43.65 ? 201 MES A C7    1 
HETATM 1433 C C8    . MES E 4 .   ? 0.542   13.390  11.182  0.87 44.29 ? 201 MES A C8    1 
HETATM 1434 S S     . MES E 4 .   ? 1.399   11.989  11.867  0.87 44.89 ? 201 MES A S     1 
HETATM 1435 O O1S   . MES E 4 .   ? 0.659   10.790  11.487  0.87 43.18 ? 201 MES A O1S   1 
HETATM 1436 O O2S   . MES E 4 .   ? 1.426   12.192  13.323  0.87 45.10 ? 201 MES A O2S   1 
HETATM 1437 O O3S   . MES E 4 .   ? 2.735   12.002  11.274  0.87 45.16 ? 201 MES A O3S   1 
HETATM 1438 P PB    . GDP F 5 .   ? -4.444  -4.267  -8.668  1.00 12.15 ? 301 GDP A PB    1 
HETATM 1439 O O1B   . GDP F 5 .   ? -3.190  -5.078  -8.778  1.00 12.63 ? 301 GDP A O1B   1 
HETATM 1440 O O2B   . GDP F 5 .   ? -5.708  -5.134  -8.822  1.00 13.63 ? 301 GDP A O2B   1 
HETATM 1441 O O3B   . GDP F 5 .   ? -4.780  -3.473  -7.410  1.00 10.36 ? 301 GDP A O3B   1 
HETATM 1442 O O3A   . GDP F 5 .   ? -4.637  -3.298  -9.920  1.00 11.72 ? 301 GDP A O3A   1 
HETATM 1443 P PA    . GDP F 5 .   ? -3.877  -3.041  -11.195 1.00 12.97 ? 301 GDP A PA    1 
HETATM 1444 O O1A   . GDP F 5 .   ? -2.439  -2.603  -10.961 1.00 12.51 ? 301 GDP A O1A   1 
HETATM 1445 O O2A   . GDP F 5 .   ? -3.772  -4.337  -12.007 1.00 14.68 ? 301 GDP A O2A   1 
HETATM 1446 O "O5'" . GDP F 5 .   ? -4.654  -1.953  -11.883 1.00 13.69 ? 301 GDP A "O5'" 1 
HETATM 1447 C "C5'" . GDP F 5 .   ? -6.023  -2.122  -12.232 1.00 15.36 ? 301 GDP A "C5'" 1 
HETATM 1448 C "C4'" . GDP F 5 .   ? -6.388  -1.230  -13.477 1.00 14.02 ? 301 GDP A "C4'" 1 
HETATM 1449 O "O4'" . GDP F 5 .   ? -6.251  0.135   -13.141 1.00 15.63 ? 301 GDP A "O4'" 1 
HETATM 1450 C "C3'" . GDP F 5 .   ? -5.482  -1.499  -14.708 1.00 17.15 ? 301 GDP A "C3'" 1 
HETATM 1451 O "O3'" . GDP F 5 .   ? -6.405  -1.386  -15.821 1.00 18.27 ? 301 GDP A "O3'" 1 
HETATM 1452 C "C2'" . GDP F 5 .   ? -4.491  -0.344  -14.642 1.00 16.22 ? 301 GDP A "C2'" 1 
HETATM 1453 O "O2'" . GDP F 5 .   ? -3.853  0.057   -15.868 1.00 17.82 ? 301 GDP A "O2'" 1 
HETATM 1454 C "C1'" . GDP F 5 .   ? -5.338  0.776   -14.038 1.00 14.56 ? 301 GDP A "C1'" 1 
HETATM 1455 N N9    . GDP F 5 .   ? -4.526  1.702   -13.230 1.00 13.93 ? 301 GDP A N9    1 
HETATM 1456 C C8    . GDP F 5 .   ? -3.636  1.458   -12.187 1.00 13.79 ? 301 GDP A C8    1 
HETATM 1457 N N7    . GDP F 5 .   ? -3.096  2.587   -11.705 1.00 11.36 ? 301 GDP A N7    1 
HETATM 1458 C C5    . GDP F 5 .   ? -3.669  3.658   -12.484 1.00 11.79 ? 301 GDP A C5    1 
HETATM 1459 C C6    . GDP F 5 .   ? -3.543  5.172   -12.520 1.00 12.56 ? 301 GDP A C6    1 
HETATM 1460 O O6    . GDP F 5 .   ? -2.803  5.764   -11.736 1.00 12.47 ? 301 GDP A O6    1 
HETATM 1461 N N1    . GDP F 5 .   ? -4.247  5.942   -13.412 1.00 12.49 ? 301 GDP A N1    1 
HETATM 1462 C C2    . GDP F 5 .   ? -5.132  5.395   -14.363 1.00 13.84 ? 301 GDP A C2    1 
HETATM 1463 N N2    . GDP F 5 .   ? -5.805  6.164   -15.223 1.00 15.11 ? 301 GDP A N2    1 
HETATM 1464 N N3    . GDP F 5 .   ? -5.255  3.995   -14.337 1.00 13.56 ? 301 GDP A N3    1 
HETATM 1465 C C4    . GDP F 5 .   ? -4.510  3.114   -13.384 1.00 13.47 ? 301 GDP A C4    1 
HETATM 1466 O O     . HOH G 6 .   ? -8.585  -0.010  -2.147  1.00 9.67  ? 502 HOH A O     1 
HETATM 1467 O O     . HOH G 6 .   ? -10.037 1.084   -4.313  1.00 12.17 ? 503 HOH A O     1 
HETATM 1468 O O     . HOH G 6 .   ? -1.081  14.482  -1.891  1.00 13.51 ? 504 HOH A O     1 
HETATM 1469 O O     . HOH G 6 .   ? 6.714   11.915  -6.720  1.00 17.23 ? 505 HOH A O     1 
HETATM 1470 O O     . HOH G 6 .   ? -4.484  -10.952 -4.098  1.00 12.36 ? 506 HOH A O     1 
HETATM 1471 O O     . HOH G 6 .   ? -10.194 -0.532  -6.392  1.00 13.78 ? 507 HOH A O     1 
HETATM 1472 O O     . HOH G 6 .   ? -11.502 0.210   -8.659  1.00 18.01 ? 508 HOH A O     1 
HETATM 1473 O O     . HOH G 6 .   ? 3.751   0.242   -13.853 1.00 23.01 ? 509 HOH A O     1 
HETATM 1474 O O     . HOH G 6 .   ? -5.958  -12.858 -2.655  1.00 23.65 ? 510 HOH A O     1 
HETATM 1475 O O     . HOH G 6 .   ? -13.069 6.703   -14.396 1.00 23.74 ? 511 HOH A O     1 
HETATM 1476 O O     . HOH G 6 .   ? -6.282  -24.176 0.612   1.00 16.87 ? 512 HOH A O     1 
HETATM 1477 O O     . HOH G 6 .   ? 1.664   -20.092 -6.461  1.00 20.02 ? 513 HOH A O     1 
HETATM 1478 O O     . HOH G 6 .   ? 4.298   11.642  0.786   1.00 18.74 ? 514 HOH A O     1 
HETATM 1479 O O     . HOH G 6 .   ? 7.245   9.726   -8.585  1.00 19.55 ? 515 HOH A O     1 
HETATM 1480 O O     . HOH G 6 .   ? -0.074  -14.846 -6.707  1.00 21.82 ? 516 HOH A O     1 
HETATM 1481 O O     . HOH G 6 .   ? 3.975   4.696   13.476  1.00 20.75 ? 517 HOH A O     1 
HETATM 1482 O O     . HOH G 6 .   ? -8.918  -5.479  6.062   1.00 23.42 ? 518 HOH A O     1 
HETATM 1483 O O     . HOH G 6 .   ? 6.616   -7.665  3.157   1.00 21.61 ? 519 HOH A O     1 
HETATM 1484 O O     . HOH G 6 .   ? -6.148  12.834  -17.657 1.00 23.44 ? 520 HOH A O     1 
HETATM 1485 O O     . HOH G 6 .   ? -8.737  2.281   -13.998 1.00 25.55 ? 521 HOH A O     1 
HETATM 1486 O O     . HOH G 6 .   ? -6.743  15.382  -5.313  1.00 23.59 ? 522 HOH A O     1 
HETATM 1487 O O     . HOH G 6 .   ? -18.524 0.529   -0.644  1.00 21.48 ? 523 HOH A O     1 
HETATM 1488 O O     . HOH G 6 .   ? -6.155  -7.811  -8.559  1.00 19.26 ? 524 HOH A O     1 
HETATM 1489 O O     . HOH G 6 .   ? -10.657 -6.819  -3.242  1.00 23.82 ? 525 HOH A O     1 
HETATM 1490 O O     . HOH G 6 .   ? 9.891   9.895   -9.667  1.00 31.79 ? 526 HOH A O     1 
HETATM 1491 O O     . HOH G 6 .   ? -0.590  1.102   16.617  1.00 27.63 ? 527 HOH A O     1 
HETATM 1492 O O     . HOH G 6 .   ? -18.799 3.964   -1.366  1.00 27.57 ? 528 HOH A O     1 
HETATM 1493 O O     . HOH G 6 .   ? -1.907  -16.160 12.185  1.00 35.58 ? 529 HOH A O     1 
HETATM 1494 O O     . HOH G 6 .   ? 2.619   2.493   -15.317 1.00 24.60 ? 530 HOH A O     1 
HETATM 1495 O O     . HOH G 6 .   ? 13.937  8.551   0.140   1.00 36.85 ? 531 HOH A O     1 
HETATM 1496 O O     . HOH G 6 .   ? -6.063  -19.072 -5.024  1.00 20.94 ? 532 HOH A O     1 
HETATM 1497 O O     . HOH G 6 .   ? 1.152   13.824  -7.302  1.00 37.35 ? 533 HOH A O     1 
HETATM 1498 O O     . HOH G 6 .   ? -6.303  -7.788  16.709  1.00 34.94 ? 534 HOH A O     1 
HETATM 1499 O O     . HOH G 6 .   ? 8.377   -5.982  -10.627 1.00 23.19 ? 535 HOH A O     1 
HETATM 1500 O O     . HOH G 6 .   ? -3.114  -7.039  -6.462  1.00 21.04 ? 536 HOH A O     1 
HETATM 1501 O O     . HOH G 6 .   ? -18.213 -1.853  -2.138  1.00 43.68 ? 537 HOH A O     1 
HETATM 1502 O O     . HOH G 6 .   ? -12.264 3.301   -11.438 1.00 30.45 ? 538 HOH A O     1 
HETATM 1503 O O     . HOH G 6 .   ? -2.724  -20.379 -7.243  1.00 34.93 ? 539 HOH A O     1 
HETATM 1504 O O     . HOH G 6 .   ? -16.048 9.632   -10.366 1.00 28.47 ? 540 HOH A O     1 
HETATM 1505 O O     . HOH G 6 .   ? -1.526  15.313  3.469   1.00 29.40 ? 541 HOH A O     1 
HETATM 1506 O O     . HOH G 6 .   ? -2.822  14.531  0.389   1.00 31.72 ? 542 HOH A O     1 
HETATM 1507 O O     . HOH G 6 .   ? -6.678  -12.294 -0.166  1.00 31.19 ? 543 HOH A O     1 
HETATM 1508 O O     . HOH G 6 .   ? -9.345  14.443  -11.206 1.00 28.74 ? 544 HOH A O     1 
HETATM 1509 O O     . HOH G 6 .   ? -1.334  -0.815  -15.619 1.00 25.86 ? 545 HOH A O     1 
HETATM 1510 O O     . HOH G 6 .   ? -9.297  -6.065  12.573  1.00 35.06 ? 546 HOH A O     1 
HETATM 1511 O O     . HOH G 6 .   ? -0.191  12.193  -13.582 1.00 33.08 ? 547 HOH A O     1 
HETATM 1512 O O     . HOH G 6 .   ? -3.896  12.063  13.121  1.00 28.58 ? 548 HOH A O     1 
HETATM 1513 O O     . HOH G 6 .   ? -6.645  -26.233 -1.121  1.00 17.63 ? 549 HOH A O     1 
HETATM 1514 O O     . HOH G 6 .   ? 2.288   -1.661  -15.225 1.00 28.27 ? 550 HOH A O     1 
HETATM 1515 O O     . HOH G 6 .   ? -1.305  -13.271 -8.463  1.00 41.26 ? 551 HOH A O     1 
HETATM 1516 O O     . HOH G 6 .   ? -0.018  -17.360 5.683   1.00 24.91 ? 552 HOH A O     1 
HETATM 1517 O O     . HOH G 6 .   ? -6.533  -5.970  -11.413 1.00 28.10 ? 553 HOH A O     1 
HETATM 1518 O O     . HOH G 6 .   ? -0.956  12.698  -8.432  1.00 30.83 ? 554 HOH A O     1 
HETATM 1519 O O     . HOH G 6 .   ? 4.931   -14.758 11.189  1.00 36.05 ? 555 HOH A O     1 
HETATM 1520 O O     . HOH G 6 .   ? -10.349 4.067   7.113   1.00 25.52 ? 556 HOH A O     1 
HETATM 1521 O O     . HOH G 6 .   ? -2.907  -2.047  15.007  1.00 29.47 ? 557 HOH A O     1 
HETATM 1522 O O     . HOH G 6 .   ? 2.718   15.729  -3.659  1.00 27.68 ? 558 HOH A O     1 
HETATM 1523 O O     . HOH G 6 .   ? -9.720  12.560  8.430   1.00 33.55 ? 559 HOH A O     1 
HETATM 1524 O O     . HOH G 6 .   ? -19.515 -2.506  -4.622  1.00 41.28 ? 560 HOH A O     1 
HETATM 1525 O O     . HOH G 6 .   ? -8.763  -23.692 1.676   1.00 34.17 ? 561 HOH A O     1 
HETATM 1526 O O     . HOH G 6 .   ? 0.786   -3.799  -14.210 1.00 39.12 ? 562 HOH A O     1 
HETATM 1527 O O     . HOH G 6 .   ? 5.739   -16.078 1.632   1.00 26.10 ? 563 HOH A O     1 
HETATM 1528 O O     . HOH G 6 .   ? 9.119   14.234  -1.490  1.00 31.01 ? 564 HOH A O     1 
HETATM 1529 O O     . HOH G 6 .   ? -1.940  13.500  -15.128 1.00 37.21 ? 565 HOH A O     1 
HETATM 1530 O O     . HOH G 6 .   ? -17.325 8.955   -12.862 1.00 32.38 ? 566 HOH A O     1 
HETATM 1531 O O     . HOH G 6 .   ? -14.988 -6.320  2.205   1.00 28.66 ? 567 HOH A O     1 
HETATM 1532 O O     . HOH G 6 .   ? -3.829  -15.647 13.798  1.00 32.02 ? 568 HOH A O     1 
HETATM 1533 O O     . HOH G 6 .   ? 17.229  -5.879  -1.618  1.00 36.56 ? 569 HOH A O     1 
HETATM 1534 O O     . HOH G 6 .   ? -8.676  1.078   13.378  1.00 37.03 ? 570 HOH A O     1 
HETATM 1535 O O     . HOH G 6 .   ? 12.085  -10.533 -6.497  1.00 27.33 ? 571 HOH A O     1 
HETATM 1536 O O     . HOH G 6 .   ? 7.616   -6.870  -13.132 1.00 41.40 ? 572 HOH A O     1 
HETATM 1537 O O     . HOH G 6 .   ? 6.241   5.744   14.419  1.00 37.10 ? 573 HOH A O     1 
HETATM 1538 O O     . HOH G 6 .   ? 7.748   -10.345 -13.203 1.00 41.76 ? 574 HOH A O     1 
HETATM 1539 O O     . HOH G 6 .   ? -10.527 -13.467 14.111  1.00 50.28 ? 575 HOH A O     1 
HETATM 1540 O O     . HOH G 6 .   ? 0.380   -18.668 7.938   1.00 29.34 ? 576 HOH A O     1 
HETATM 1541 O O     . HOH G 6 .   ? 3.421   14.810  -6.027  1.00 32.84 ? 577 HOH A O     1 
HETATM 1542 O O     . HOH G 6 .   ? 5.948   13.167  -9.230  1.00 35.29 ? 578 HOH A O     1 
HETATM 1543 O O     . HOH G 6 .   ? 4.595   -5.527  12.326  1.00 29.69 ? 579 HOH A O     1 
HETATM 1544 O O     . HOH G 6 .   ? 3.873   -4.277  15.127  1.00 31.22 ? 580 HOH A O     1 
HETATM 1545 O O     . HOH G 6 .   ? 5.664   -7.783  5.877   1.00 29.28 ? 581 HOH A O     1 
HETATM 1546 O O     . HOH G 6 .   ? 17.518  2.917   -2.687  1.00 40.42 ? 582 HOH A O     1 
HETATM 1547 O O     . HOH G 6 .   ? 2.373   -17.923 4.240   1.00 31.26 ? 583 HOH A O     1 
HETATM 1548 O O     . HOH G 6 .   ? -13.847 -7.048  -1.214  1.00 42.15 ? 584 HOH A O     1 
HETATM 1549 O O     . HOH G 6 .   ? -11.113 3.459   -14.271 1.00 35.81 ? 585 HOH A O     1 
HETATM 1550 O O     . HOH G 6 .   ? -1.124  -9.466  -5.742  1.00 30.00 ? 586 HOH A O     1 
HETATM 1551 O O     . HOH G 6 .   ? 14.692  -10.693 -11.150 1.00 38.00 ? 587 HOH A O     1 
HETATM 1552 O O     . HOH G 6 .   ? 19.378  7.771   -6.010  1.00 37.64 ? 588 HOH A O     1 
HETATM 1553 O O     . HOH G 6 .   ? 8.026   -13.359 3.188   1.00 39.84 ? 589 HOH A O     1 
HETATM 1554 O O     . HOH G 6 .   ? -8.309  -12.487 -4.671  1.00 60.32 ? 590 HOH A O     1 
HETATM 1555 O O     . HOH G 6 .   ? 16.063  0.009   2.627   1.00 52.54 ? 591 HOH A O     1 
HETATM 1556 O O     . HOH G 6 .   ? 12.528  13.914  -4.574  1.00 46.89 ? 592 HOH A O     1 
HETATM 1557 O O     . HOH G 6 .   ? -16.499 18.930  1.089   1.00 46.57 ? 593 HOH A O     1 
HETATM 1558 O O     . HOH G 6 .   ? -23.223 4.294   5.127   1.00 53.60 ? 594 HOH A O     1 
HETATM 1559 O O     . HOH G 6 .   ? -9.208  -16.340 13.441  1.00 45.55 ? 595 HOH A O     1 
HETATM 1560 O O     . HOH G 6 .   ? -9.788  -10.608 -1.944  1.00 44.59 ? 596 HOH A O     1 
HETATM 1561 O O     . HOH G 6 .   ? -11.488 18.192  2.243   1.00 24.88 ? 597 HOH A O     1 
HETATM 1562 O O     . HOH G 6 .   ? 8.354   0.800   10.826  1.00 27.45 ? 598 HOH A O     1 
HETATM 1563 O O     . HOH G 6 .   ? -13.925 5.068   6.065   1.00 28.66 ? 599 HOH A O     1 
HETATM 1564 O O     . HOH G 6 .   ? -1.015  16.493  -6.173  1.00 28.48 ? 600 HOH A O     1 
HETATM 1565 O O     . HOH G 6 .   ? -3.150  -9.122  14.256  1.00 28.28 ? 601 HOH A O     1 
HETATM 1566 O O     . HOH G 6 .   ? -2.882  14.694  -10.279 1.00 37.98 ? 602 HOH A O     1 
HETATM 1567 O O     . HOH G 6 .   ? -8.878  14.677  -8.321  1.00 34.07 ? 603 HOH A O     1 
HETATM 1568 O O     . HOH G 6 .   ? 7.326   13.276  0.519   1.00 39.05 ? 604 HOH A O     1 
HETATM 1569 O O     . HOH G 6 .   ? -18.555 7.336   -1.651  1.00 43.74 ? 605 HOH A O     1 
HETATM 1570 O O     . HOH G 6 .   ? -1.778  -7.777  -13.663 1.00 49.58 ? 606 HOH A O     1 
HETATM 1571 O O     . HOH G 6 .   ? 11.123  15.799  -2.668  1.00 52.87 ? 607 HOH A O     1 
HETATM 1572 O O     . HOH G 6 .   ? 9.452   3.636   -12.533 1.00 36.78 ? 608 HOH A O     1 
HETATM 1573 O O     . HOH G 6 .   ? 13.433  -3.050  9.247   1.00 40.21 ? 609 HOH A O     1 
HETATM 1574 O O     . HOH G 6 .   ? 8.004   6.957   -13.146 1.00 44.92 ? 610 HOH A O     1 
HETATM 1575 O O     . HOH G 6 .   ? 20.666  1.846   -5.596  1.00 35.42 ? 611 HOH A O     1 
HETATM 1576 O O     . HOH G 6 .   ? -0.833  10.045  14.255  1.00 49.10 ? 612 HOH A O     1 
HETATM 1577 O O     . HOH G 6 .   ? -17.715 5.672   4.593   1.00 58.13 ? 613 HOH A O     1 
HETATM 1578 O O     . HOH G 6 .   ? 14.321  -2.446  -8.993  1.00 34.87 ? 614 HOH A O     1 
HETATM 1579 O O     . HOH G 6 .   ? 4.548   11.589  9.612   1.00 56.26 ? 615 HOH A O     1 
HETATM 1580 O O     . HOH G 6 .   ? -17.774 4.301   -8.800  1.00 29.39 ? 616 HOH A O     1 
HETATM 1581 O O     . HOH G 6 .   ? -15.363 13.192  -2.624  1.00 31.22 ? 617 HOH A O     1 
HETATM 1582 O O     . HOH G 6 .   ? -1.467  -17.163 -6.378  1.00 23.94 ? 618 HOH A O     1 
HETATM 1583 O O     . HOH G 6 .   ? -6.636  -23.228 8.242   1.00 41.26 ? 619 HOH A O     1 
HETATM 1584 O O     . HOH G 6 .   ? -6.815  14.797  -9.722  1.00 33.59 ? 620 HOH A O     1 
HETATM 1585 O O     . HOH G 6 .   ? -5.691  -11.255 -6.551  1.00 39.11 ? 621 HOH A O     1 
HETATM 1586 O O     . HOH G 6 .   ? -16.178 3.254   5.267   1.00 29.28 ? 622 HOH A O     1 
HETATM 1587 O O     . HOH G 6 .   ? -4.057  15.342  -6.842  1.00 27.68 ? 623 HOH A O     1 
HETATM 1588 O O     . HOH G 6 .   ? 14.174  10.317  -3.165  1.00 27.79 ? 624 HOH A O     1 
HETATM 1589 O O     . HOH G 6 .   ? 13.935  -0.336  -7.455  1.00 40.09 ? 625 HOH A O     1 
HETATM 1590 O O     . HOH G 6 .   ? -8.650  -20.861 1.800   1.00 35.72 ? 626 HOH A O     1 
HETATM 1591 O O     . HOH G 6 .   ? 8.552   13.090  3.453   1.00 35.48 ? 627 HOH A O     1 
HETATM 1592 O O     . HOH G 6 .   ? 9.961   0.410   -12.828 1.00 34.23 ? 628 HOH A O     1 
HETATM 1593 O O     . HOH G 6 .   ? -10.928 1.443   14.790  1.00 47.23 ? 629 HOH A O     1 
HETATM 1594 O O     . HOH G 6 .   ? 9.914   12.940  -5.721  1.00 40.90 ? 630 HOH A O     1 
HETATM 1595 O O     . HOH G 6 .   ? -1.791  -4.835  -13.733 1.00 37.42 ? 631 HOH A O     1 
HETATM 1596 O O     . HOH G 6 .   ? -17.336 0.098   -8.426  1.00 33.64 ? 632 HOH A O     1 
HETATM 1597 O O     . HOH G 6 .   ? 9.018   -2.717  -13.889 1.00 32.98 ? 633 HOH A O     1 
HETATM 1598 O O     . HOH G 6 .   ? -1.711  12.476  -11.017 1.00 32.97 ? 634 HOH A O     1 
HETATM 1599 O O     . HOH G 6 .   ? 6.892   17.306  -3.362  1.00 41.77 ? 635 HOH A O     1 
HETATM 1600 O O     . HOH G 6 .   ? -15.334 17.424  7.580   1.00 45.22 ? 636 HOH A O     1 
HETATM 1601 O O     . HOH G 6 .   ? -7.177  3.553   13.189  1.00 42.48 ? 637 HOH A O     1 
HETATM 1602 O O     . HOH G 6 .   ? -15.228 13.245  2.968   1.00 44.93 ? 638 HOH A O     1 
HETATM 1603 O O     . HOH G 6 .   ? -9.983  -6.532  -10.604 1.00 48.65 ? 639 HOH A O     1 
HETATM 1604 O O     . HOH G 6 .   ? 0.867   0.398   -17.006 1.00 41.46 ? 640 HOH A O     1 
HETATM 1605 O O     . HOH G 6 .   ? -15.047 -1.015  12.406  1.00 43.62 ? 641 HOH A O     1 
HETATM 1606 O O     . HOH G 6 .   ? 5.130   -11.823 -13.525 1.00 36.74 ? 642 HOH A O     1 
HETATM 1607 O O     . HOH G 6 .   ? 15.585  -6.034  -12.622 1.00 44.10 ? 643 HOH A O     1 
HETATM 1608 O O     . HOH G 6 .   ? -20.091 5.794   5.407   1.00 51.51 ? 644 HOH A O     1 
HETATM 1609 O O     . HOH G 6 .   ? -16.297 5.740   8.897   1.00 52.57 ? 645 HOH A O     1 
HETATM 1610 O O     . HOH G 6 .   ? -14.352 -6.644  -7.746  1.00 44.82 ? 646 HOH A O     1 
HETATM 1611 O O     . HOH G 6 .   ? 6.493   -13.699 0.624   1.00 32.09 ? 647 HOH A O     1 
HETATM 1612 O O     . HOH G 6 .   ? 5.972   -11.706 10.034  1.00 50.58 ? 648 HOH A O     1 
HETATM 1613 O O     . HOH G 6 .   ? 3.312   -14.752 16.527  1.00 47.39 ? 649 HOH A O     1 
HETATM 1614 O O     . HOH G 6 .   ? -0.446  13.259  4.528   1.00 27.74 ? 650 HOH A O     1 
HETATM 1615 O O     . HOH G 6 .   ? -12.164 2.545   -4.009  1.00 32.08 ? 651 HOH A O     1 
HETATM 1616 O O     . HOH G 6 .   ? -13.571 -8.614  4.122   1.00 45.61 ? 652 HOH A O     1 
HETATM 1617 O O     . HOH G 6 .   ? 7.355   -11.429 5.587   1.00 45.78 ? 653 HOH A O     1 
HETATM 1618 O O     . HOH G 6 .   ? -9.673  -14.957 -4.581  1.00 38.18 ? 654 HOH A O     1 
HETATM 1619 O O     . HOH G 6 .   ? 7.690   12.867  7.914   1.00 45.24 ? 655 HOH A O     1 
HETATM 1620 O O     . HOH G 6 .   ? 10.149  8.410   -11.935 1.00 62.73 ? 656 HOH A O     1 
HETATM 1621 O O     . HOH G 6 .   ? 12.989  10.258  2.534   1.00 35.07 ? 657 HOH A O     1 
HETATM 1622 O O     . HOH G 6 .   ? 6.418   0.802   -14.604 1.00 44.02 ? 658 HOH A O     1 
HETATM 1623 O O     . HOH G 6 .   ? -16.027 6.506   -13.961 1.00 41.35 ? 659 HOH A O     1 
HETATM 1624 O O     . HOH G 6 .   ? -3.895  -7.035  -11.623 1.00 41.26 ? 660 HOH A O     1 
HETATM 1625 O O     . HOH G 6 .   ? -6.185  -23.370 -4.918  1.00 33.61 ? 661 HOH A O     1 
HETATM 1626 O O     . HOH G 6 .   ? -10.007 -7.133  7.717   1.00 43.40 ? 662 HOH A O     1 
HETATM 1627 O O     . HOH G 6 .   ? -14.716 16.285  2.915   1.00 39.89 ? 663 HOH A O     1 
HETATM 1628 O O     . HOH G 6 .   ? 5.033   13.719  2.778   1.00 42.22 ? 664 HOH A O     1 
# 
loop_
_pdbx_poly_seq_scheme.asym_id 
_pdbx_poly_seq_scheme.entity_id 
_pdbx_poly_seq_scheme.seq_id 
_pdbx_poly_seq_scheme.mon_id 
_pdbx_poly_seq_scheme.ndb_seq_num 
_pdbx_poly_seq_scheme.pdb_seq_num 
_pdbx_poly_seq_scheme.auth_seq_num 
_pdbx_poly_seq_scheme.pdb_mon_id 
_pdbx_poly_seq_scheme.auth_mon_id 
_pdbx_poly_seq_scheme.pdb_strand_id 
_pdbx_poly_seq_scheme.pdb_ins_code 
_pdbx_poly_seq_scheme.hetero 
A 1 1   GLY 1   2   2   GLY GLY A . n 
A 1 2   LEU 2   3   3   LEU LEU A . n 
A 1 3   LEU 3   4   4   LEU LEU A . n 
A 1 4   SER 4   5   5   SER SER A . n 
A 1 5   ILE 5   6   6   ILE ILE A . n 
A 1 6   LEU 6   7   7   LEU LEU A . n 
A 1 7   ARG 7   8   8   ARG ARG A . n 
A 1 8   LYS 8   9   9   LYS LYS A . n 
A 1 9   LEU 9   10  10  LEU LEU A . n 
A 1 10  LYS 10  11  11  LYS LYS A . n 
A 1 11  SER 11  12  12  SER SER A . n 
A 1 12  ALA 12  13  13  ALA ALA A . n 
A 1 13  PRO 13  14  14  PRO PRO A . n 
A 1 14  ASP 14  15  15  ASP ASP A . n 
A 1 15  GLN 15  16  16  GLN GLN A . n 
A 1 16  GLU 16  17  17  GLU GLU A . n 
A 1 17  VAL 17  18  18  VAL VAL A . n 
A 1 18  ARG 18  19  19  ARG ARG A . n 
A 1 19  ILE 19  20  20  ILE ILE A . n 
A 1 20  LEU 20  21  21  LEU LEU A . n 
A 1 21  LEU 21  22  22  LEU LEU A . n 
A 1 22  LEU 22  23  23  LEU LEU A . n 
A 1 23  GLY 23  24  24  GLY GLY A . n 
A 1 24  LEU 24  25  25  LEU LEU A . n 
A 1 25  ASP 25  26  26  ASP ASP A . n 
A 1 26  ASN 26  27  27  ASN ASN A . n 
A 1 27  ALA 27  28  28  ALA ALA A . n 
A 1 28  GLY 28  29  29  GLY GLY A . n 
A 1 29  LYS 29  30  30  LYS LYS A . n 
A 1 30  THR 30  31  31  THR THR A . n 
A 1 31  THR 31  32  32  THR THR A . n 
A 1 32  LEU 32  33  33  LEU LEU A . n 
A 1 33  LEU 33  34  34  LEU LEU A . n 
A 1 34  LYS 34  35  35  LYS LYS A . n 
A 1 35  GLN 35  36  36  GLN GLN A . n 
A 1 36  LEU 36  37  37  LEU LEU A . n 
A 1 37  ALA 37  38  38  ALA ALA A . n 
A 1 38  SER 38  39  39  SER SER A . n 
A 1 39  GLU 39  40  40  GLU GLU A . n 
A 1 40  ASP 40  41  41  ASP ASP A . n 
A 1 41  ILE 41  42  42  ILE ILE A . n 
A 1 42  SER 42  43  43  SER SER A . n 
A 1 43  HIS 43  44  44  HIS HIS A . n 
A 1 44  ILE 44  45  45  ILE ILE A . n 
A 1 45  THR 45  46  46  THR THR A . n 
A 1 46  PRO 46  47  47  PRO PRO A . n 
A 1 47  THR 47  48  48  THR THR A . n 
A 1 48  GLN 48  49  49  GLN GLN A . n 
A 1 49  GLY 49  50  50  GLY GLY A . n 
A 1 50  PHE 50  51  51  PHE PHE A . n 
A 1 51  ASN 51  52  52  ASN ASN A . n 
A 1 52  ILE 52  53  53  ILE ILE A . n 
A 1 53  LYS 53  54  54  LYS LYS A . n 
A 1 54  SER 54  55  55  SER SER A . n 
A 1 55  VAL 55  56  56  VAL VAL A . n 
A 1 56  GLN 56  57  57  GLN GLN A . n 
A 1 57  SER 57  58  58  SER SER A . n 
A 1 58  GLN 58  59  59  GLN GLN A . n 
A 1 59  GLY 59  60  60  GLY GLY A . n 
A 1 60  PHE 60  61  61  PHE PHE A . n 
A 1 61  LYS 61  62  62  LYS LYS A . n 
A 1 62  LEU 62  63  63  LEU LEU A . n 
A 1 63  ASN 63  64  64  ASN ASN A . n 
A 1 64  VAL 64  65  65  VAL VAL A . n 
A 1 65  TRP 65  66  66  TRP TRP A . n 
A 1 66  ASP 66  67  67  ASP ASP A . n 
A 1 67  ILE 67  68  68  ILE ILE A . n 
A 1 68  GLY 68  69  69  GLY GLY A . n 
A 1 69  GLY 69  70  70  GLY GLY A . n 
A 1 70  GLN 70  71  71  GLN GLN A . n 
A 1 71  ARG 71  72  72  ARG ARG A . n 
A 1 72  LYS 72  73  73  LYS LYS A . n 
A 1 73  ILE 73  74  74  ILE ILE A . n 
A 1 74  ARG 74  75  75  ARG ARG A . n 
A 1 75  PRO 75  76  76  PRO PRO A . n 
A 1 76  TYR 76  77  77  TYR TYR A . n 
A 1 77  TRP 77  78  78  TRP TRP A . n 
A 1 78  ARG 78  79  79  ARG ARG A . n 
A 1 79  SER 79  80  80  SER SER A . n 
A 1 80  TYR 80  81  81  TYR TYR A . n 
A 1 81  PHE 81  82  82  PHE PHE A . n 
A 1 82  GLU 82  83  83  GLU GLU A . n 
A 1 83  ASN 83  84  84  ASN ASN A . n 
A 1 84  THR 84  85  85  THR THR A . n 
A 1 85  ASP 85  86  86  ASP ASP A . n 
A 1 86  ILE 86  87  87  ILE ILE A . n 
A 1 87  LEU 87  88  88  LEU LEU A . n 
A 1 88  ILE 88  89  89  ILE ILE A . n 
A 1 89  TYR 89  90  90  TYR TYR A . n 
A 1 90  VAL 90  91  91  VAL VAL A . n 
A 1 91  ILE 91  92  92  ILE ILE A . n 
A 1 92  ASP 92  93  93  ASP ASP A . n 
A 1 93  SER 93  94  94  SER SER A . n 
A 1 94  ALA 94  95  95  ALA ALA A . n 
A 1 95  ASP 95  96  96  ASP ASP A . n 
A 1 96  ARG 96  97  97  ARG ARG A . n 
A 1 97  LYS 97  98  98  LYS LYS A . n 
A 1 98  ARG 98  99  99  ARG ARG A . n 
A 1 99  PHE 99  100 100 PHE PHE A . n 
A 1 100 GLU 100 101 101 GLU GLU A . n 
A 1 101 GLU 101 102 102 GLU GLU A . n 
A 1 102 THR 102 103 103 THR THR A . n 
A 1 103 GLY 103 104 104 GLY GLY A . n 
A 1 104 GLN 104 105 105 GLN GLN A . n 
A 1 105 GLU 105 106 106 GLU GLU A . n 
A 1 106 LEU 106 107 107 LEU LEU A . n 
A 1 107 THR 107 108 108 THR THR A . n 
A 1 108 GLU 108 109 109 GLU GLU A . n 
A 1 109 LEU 109 110 110 LEU LEU A . n 
A 1 110 LEU 110 111 111 LEU LEU A . n 
A 1 111 GLU 111 112 112 GLU GLU A . n 
A 1 112 GLU 112 113 113 GLU GLU A . n 
A 1 113 GLU 113 114 114 GLU GLU A . n 
A 1 114 LYS 114 115 115 LYS LYS A . n 
A 1 115 LEU 115 116 116 LEU LEU A . n 
A 1 116 SER 116 117 117 SER SER A . n 
A 1 117 CYS 117 118 118 CYS CYS A . n 
A 1 118 VAL 118 119 119 VAL VAL A . n 
A 1 119 PRO 119 120 120 PRO PRO A . n 
A 1 120 VAL 120 121 121 VAL VAL A . n 
A 1 121 LEU 121 122 122 LEU LEU A . n 
A 1 122 ILE 122 123 123 ILE ILE A . n 
A 1 123 PHE 123 124 124 PHE PHE A . n 
A 1 124 ALA 124 125 125 ALA ALA A . n 
A 1 125 ASN 125 126 126 ASN ASN A . n 
A 1 126 LYS 126 127 127 LYS LYS A . n 
A 1 127 GLN 127 128 128 GLN GLN A . n 
A 1 128 ASP 128 129 129 ASP ASP A . n 
A 1 129 LEU 129 130 130 LEU LEU A . n 
A 1 130 LEU 130 131 131 LEU LEU A . n 
A 1 131 THR 131 132 132 THR THR A . n 
A 1 132 ALA 132 133 133 ALA ALA A . n 
A 1 133 ALA 133 134 134 ALA ALA A . n 
A 1 134 PRO 134 135 135 PRO PRO A . n 
A 1 135 ALA 135 136 136 ALA ALA A . n 
A 1 136 SER 136 137 137 SER SER A . n 
A 1 137 GLU 137 138 138 GLU GLU A . n 
A 1 138 ILE 138 139 139 ILE ILE A . n 
A 1 139 ALA 139 140 140 ALA ALA A . n 
A 1 140 GLU 140 141 141 GLU GLU A . n 
A 1 141 GLY 141 142 142 GLY GLY A . n 
A 1 142 LEU 142 143 143 LEU LEU A . n 
A 1 143 ASN 143 144 144 ASN ASN A . n 
A 1 144 LEU 144 145 145 LEU LEU A . n 
A 1 145 HIS 145 146 146 HIS HIS A . n 
A 1 146 THR 146 147 147 THR THR A . n 
A 1 147 ILE 147 148 148 ILE ILE A . n 
A 1 148 ARG 148 149 149 ARG ARG A . n 
A 1 149 ASP 149 150 150 ASP ASP A . n 
A 1 150 ARG 150 151 151 ARG ARG A . n 
A 1 151 VAL 151 152 152 VAL VAL A . n 
A 1 152 TRP 152 153 153 TRP TRP A . n 
A 1 153 GLN 153 154 154 GLN GLN A . n 
A 1 154 ILE 154 155 155 ILE ILE A . n 
A 1 155 GLN 155 156 156 GLN GLN A . n 
A 1 156 SER 156 157 157 SER SER A . n 
A 1 157 CYS 157 158 158 CYS CYS A . n 
A 1 158 SER 158 159 159 SER SER A . n 
A 1 159 ALA 159 160 160 ALA ALA A . n 
A 1 160 LEU 160 161 161 LEU LEU A . n 
A 1 161 THR 161 162 162 THR THR A . n 
A 1 162 GLY 162 163 163 GLY GLY A . n 
A 1 163 GLU 163 164 164 GLU GLU A . n 
A 1 164 GLY 164 165 165 GLY GLY A . n 
A 1 165 VAL 165 166 166 VAL VAL A . n 
A 1 166 GLN 166 167 167 GLN GLN A . n 
A 1 167 ASP 167 168 168 ASP ASP A . n 
A 1 168 GLY 168 169 169 GLY GLY A . n 
A 1 169 MET 169 170 170 MET MET A . n 
A 1 170 ASN 170 171 171 ASN ASN A . n 
A 1 171 TRP 171 172 172 TRP TRP A . n 
A 1 172 VAL 172 173 173 VAL VAL A . n 
A 1 173 CYS 173 174 174 CYS CYS A . n 
A 1 174 LYS 174 175 175 LYS LYS A . n 
A 1 175 ASN 175 176 176 ASN ASN A . n 
A 1 176 VAL 176 177 177 VAL VAL A . n 
A 1 177 ASN 177 178 ?   ?   ?   A . n 
A 1 178 ALA 178 179 ?   ?   ?   A . n 
A 1 179 LYS 179 180 ?   ?   ?   A . n 
A 1 180 LYS 180 181 ?   ?   ?   A . n 
A 1 181 LYS 181 182 ?   ?   ?   A . n 
# 
loop_
_pdbx_nonpoly_scheme.asym_id 
_pdbx_nonpoly_scheme.entity_id 
_pdbx_nonpoly_scheme.mon_id 
_pdbx_nonpoly_scheme.ndb_seq_num 
_pdbx_nonpoly_scheme.pdb_seq_num 
_pdbx_nonpoly_scheme.auth_seq_num 
_pdbx_nonpoly_scheme.pdb_mon_id 
_pdbx_nonpoly_scheme.auth_mon_id 
_pdbx_nonpoly_scheme.pdb_strand_id 
_pdbx_nonpoly_scheme.pdb_ins_code 
B 2 SO4 1   401 1   SO4 SO4 A . 
C 2 SO4 1   402 2   SO4 SO4 A . 
D 3 NH4 1   501 1   NH4 NH4 A . 
E 4 MES 1   201 1   MES MES A . 
F 5 GDP 1   301 1   GDP GDP A . 
G 6 HOH 1   502 1   HOH WAT A . 
G 6 HOH 2   503 2   HOH WAT A . 
G 6 HOH 3   504 3   HOH WAT A . 
G 6 HOH 4   505 4   HOH WAT A . 
G 6 HOH 5   506 5   HOH WAT A . 
G 6 HOH 6   507 6   HOH WAT A . 
G 6 HOH 7   508 7   HOH WAT A . 
G 6 HOH 8   509 8   HOH WAT A . 
G 6 HOH 9   510 9   HOH WAT A . 
G 6 HOH 10  511 10  HOH WAT A . 
G 6 HOH 11  512 11  HOH WAT A . 
G 6 HOH 12  513 12  HOH WAT A . 
G 6 HOH 13  514 13  HOH WAT A . 
G 6 HOH 14  515 14  HOH WAT A . 
G 6 HOH 15  516 15  HOH WAT A . 
G 6 HOH 16  517 16  HOH WAT A . 
G 6 HOH 17  518 17  HOH WAT A . 
G 6 HOH 18  519 18  HOH WAT A . 
G 6 HOH 19  520 19  HOH WAT A . 
G 6 HOH 20  521 20  HOH WAT A . 
G 6 HOH 21  522 21  HOH WAT A . 
G 6 HOH 22  523 22  HOH WAT A . 
G 6 HOH 23  524 23  HOH WAT A . 
G 6 HOH 24  525 24  HOH WAT A . 
G 6 HOH 25  526 25  HOH WAT A . 
G 6 HOH 26  527 26  HOH WAT A . 
G 6 HOH 27  528 27  HOH WAT A . 
G 6 HOH 28  529 28  HOH WAT A . 
G 6 HOH 29  530 29  HOH WAT A . 
G 6 HOH 30  531 30  HOH WAT A . 
G 6 HOH 31  532 31  HOH WAT A . 
G 6 HOH 32  533 32  HOH WAT A . 
G 6 HOH 33  534 33  HOH WAT A . 
G 6 HOH 34  535 34  HOH WAT A . 
G 6 HOH 35  536 35  HOH WAT A . 
G 6 HOH 36  537 36  HOH WAT A . 
G 6 HOH 37  538 37  HOH WAT A . 
G 6 HOH 38  539 38  HOH WAT A . 
G 6 HOH 39  540 39  HOH WAT A . 
G 6 HOH 40  541 40  HOH WAT A . 
G 6 HOH 41  542 41  HOH WAT A . 
G 6 HOH 42  543 42  HOH WAT A . 
G 6 HOH 43  544 43  HOH WAT A . 
G 6 HOH 44  545 44  HOH WAT A . 
G 6 HOH 45  546 45  HOH WAT A . 
G 6 HOH 46  547 46  HOH WAT A . 
G 6 HOH 47  548 47  HOH WAT A . 
G 6 HOH 48  549 48  HOH WAT A . 
G 6 HOH 49  550 49  HOH WAT A . 
G 6 HOH 50  551 50  HOH WAT A . 
G 6 HOH 51  552 51  HOH WAT A . 
G 6 HOH 52  553 52  HOH WAT A . 
G 6 HOH 53  554 53  HOH WAT A . 
G 6 HOH 54  555 54  HOH WAT A . 
G 6 HOH 55  556 55  HOH WAT A . 
G 6 HOH 56  557 56  HOH WAT A . 
G 6 HOH 57  558 57  HOH WAT A . 
G 6 HOH 58  559 58  HOH WAT A . 
G 6 HOH 59  560 59  HOH WAT A . 
G 6 HOH 60  561 60  HOH WAT A . 
G 6 HOH 61  562 61  HOH WAT A . 
G 6 HOH 62  563 62  HOH WAT A . 
G 6 HOH 63  564 63  HOH WAT A . 
G 6 HOH 64  565 64  HOH WAT A . 
G 6 HOH 65  566 65  HOH WAT A . 
G 6 HOH 66  567 66  HOH WAT A . 
G 6 HOH 67  568 67  HOH WAT A . 
G 6 HOH 68  569 68  HOH WAT A . 
G 6 HOH 69  570 69  HOH WAT A . 
G 6 HOH 70  571 70  HOH WAT A . 
G 6 HOH 71  572 71  HOH WAT A . 
G 6 HOH 72  573 72  HOH WAT A . 
G 6 HOH 73  574 73  HOH WAT A . 
G 6 HOH 74  575 74  HOH WAT A . 
G 6 HOH 75  576 75  HOH WAT A . 
G 6 HOH 76  577 76  HOH WAT A . 
G 6 HOH 77  578 77  HOH WAT A . 
G 6 HOH 78  579 78  HOH WAT A . 
G 6 HOH 79  580 79  HOH WAT A . 
G 6 HOH 80  581 80  HOH WAT A . 
G 6 HOH 81  582 81  HOH WAT A . 
G 6 HOH 82  583 82  HOH WAT A . 
G 6 HOH 83  584 83  HOH WAT A . 
G 6 HOH 84  585 84  HOH WAT A . 
G 6 HOH 85  586 85  HOH WAT A . 
G 6 HOH 86  587 86  HOH WAT A . 
G 6 HOH 87  588 87  HOH WAT A . 
G 6 HOH 88  589 88  HOH WAT A . 
G 6 HOH 89  590 89  HOH WAT A . 
G 6 HOH 90  591 90  HOH WAT A . 
G 6 HOH 91  592 91  HOH WAT A . 
G 6 HOH 92  593 92  HOH WAT A . 
G 6 HOH 93  594 93  HOH WAT A . 
G 6 HOH 94  595 94  HOH WAT A . 
G 6 HOH 95  596 95  HOH WAT A . 
G 6 HOH 96  597 96  HOH WAT A . 
G 6 HOH 97  598 97  HOH WAT A . 
G 6 HOH 98  599 98  HOH WAT A . 
G 6 HOH 99  600 99  HOH WAT A . 
G 6 HOH 100 601 100 HOH WAT A . 
G 6 HOH 101 602 101 HOH WAT A . 
G 6 HOH 102 603 102 HOH WAT A . 
G 6 HOH 103 604 103 HOH WAT A . 
G 6 HOH 104 605 104 HOH WAT A . 
G 6 HOH 105 606 105 HOH WAT A . 
G 6 HOH 106 607 107 HOH WAT A . 
G 6 HOH 107 608 108 HOH WAT A . 
G 6 HOH 108 609 109 HOH WAT A . 
G 6 HOH 109 610 110 HOH WAT A . 
G 6 HOH 110 611 111 HOH WAT A . 
G 6 HOH 111 612 112 HOH WAT A . 
G 6 HOH 112 613 113 HOH WAT A . 
G 6 HOH 113 614 114 HOH WAT A . 
G 6 HOH 114 615 115 HOH WAT A . 
G 6 HOH 115 616 116 HOH WAT A . 
G 6 HOH 116 617 117 HOH WAT A . 
G 6 HOH 117 618 118 HOH WAT A . 
G 6 HOH 118 619 119 HOH WAT A . 
G 6 HOH 119 620 120 HOH WAT A . 
G 6 HOH 120 621 121 HOH WAT A . 
G 6 HOH 121 622 122 HOH WAT A . 
G 6 HOH 122 623 123 HOH WAT A . 
G 6 HOH 123 624 124 HOH WAT A . 
G 6 HOH 124 625 125 HOH WAT A . 
G 6 HOH 125 626 126 HOH WAT A . 
G 6 HOH 126 627 127 HOH WAT A . 
G 6 HOH 127 628 128 HOH WAT A . 
G 6 HOH 128 629 129 HOH WAT A . 
G 6 HOH 129 630 130 HOH WAT A . 
G 6 HOH 130 631 131 HOH WAT A . 
G 6 HOH 131 632 132 HOH WAT A . 
G 6 HOH 132 633 133 HOH WAT A . 
G 6 HOH 133 634 134 HOH WAT A . 
G 6 HOH 134 635 135 HOH WAT A . 
G 6 HOH 135 636 136 HOH WAT A . 
G 6 HOH 136 637 137 HOH WAT A . 
G 6 HOH 137 638 138 HOH WAT A . 
G 6 HOH 138 639 139 HOH WAT A . 
G 6 HOH 139 640 140 HOH WAT A . 
G 6 HOH 140 641 141 HOH WAT A . 
G 6 HOH 141 642 142 HOH WAT A . 
G 6 HOH 142 643 143 HOH WAT A . 
G 6 HOH 143 644 144 HOH WAT A . 
G 6 HOH 144 645 145 HOH WAT A . 
G 6 HOH 145 646 146 HOH WAT A . 
G 6 HOH 146 647 147 HOH WAT A . 
G 6 HOH 147 648 148 HOH WAT A . 
G 6 HOH 148 649 149 HOH WAT A . 
G 6 HOH 149 650 150 HOH WAT A . 
G 6 HOH 150 651 151 HOH WAT A . 
G 6 HOH 151 652 152 HOH WAT A . 
G 6 HOH 152 653 154 HOH WAT A . 
G 6 HOH 153 654 155 HOH WAT A . 
G 6 HOH 154 655 156 HOH WAT A . 
G 6 HOH 155 656 157 HOH WAT A . 
G 6 HOH 156 657 158 HOH WAT A . 
G 6 HOH 157 658 159 HOH WAT A . 
G 6 HOH 158 659 160 HOH WAT A . 
G 6 HOH 159 660 161 HOH WAT A . 
G 6 HOH 160 661 162 HOH WAT A . 
G 6 HOH 161 662 163 HOH WAT A . 
G 6 HOH 162 663 164 HOH WAT A . 
G 6 HOH 163 664 165 HOH WAT A . 
# 
_pdbx_struct_assembly.id                   1 
_pdbx_struct_assembly.details              author_defined_assembly 
_pdbx_struct_assembly.method_details       ? 
_pdbx_struct_assembly.oligomeric_details   monomeric 
_pdbx_struct_assembly.oligomeric_count     1 
# 
_pdbx_struct_assembly_gen.assembly_id       1 
_pdbx_struct_assembly_gen.oper_expression   1 
_pdbx_struct_assembly_gen.asym_id_list      A,B,C,D,E,F,G 
# 
_pdbx_struct_oper_list.id                   1 
_pdbx_struct_oper_list.type                 'identity operation' 
_pdbx_struct_oper_list.name                 1_555 
_pdbx_struct_oper_list.symmetry_operation   x,y,z 
_pdbx_struct_oper_list.matrix[1][1]         1.0000000000 
_pdbx_struct_oper_list.matrix[1][2]         0.0000000000 
_pdbx_struct_oper_list.matrix[1][3]         0.0000000000 
_pdbx_struct_oper_list.vector[1]            0.0000000000 
_pdbx_struct_oper_list.matrix[2][1]         0.0000000000 
_pdbx_struct_oper_list.matrix[2][2]         1.0000000000 
_pdbx_struct_oper_list.matrix[2][3]         0.0000000000 
_pdbx_struct_oper_list.vector[2]            0.0000000000 
_pdbx_struct_oper_list.matrix[3][1]         0.0000000000 
_pdbx_struct_oper_list.matrix[3][2]         0.0000000000 
_pdbx_struct_oper_list.matrix[3][3]         1.0000000000 
_pdbx_struct_oper_list.vector[3]            0.0000000000 
# 
loop_
_pdbx_audit_revision_history.ordinal 
_pdbx_audit_revision_history.data_content_type 
_pdbx_audit_revision_history.major_revision 
_pdbx_audit_revision_history.minor_revision 
_pdbx_audit_revision_history.revision_date 
1 'Structure model' 1 0 2000-12-06 
2 'Structure model' 1 1 2008-04-27 
3 'Structure model' 1 2 2011-07-13 
4 'Structure model' 1 3 2023-08-09 
# 
_pdbx_audit_revision_details.ordinal             1 
_pdbx_audit_revision_details.revision_ordinal    1 
_pdbx_audit_revision_details.data_content_type   'Structure model' 
_pdbx_audit_revision_details.provider            repository 
_pdbx_audit_revision_details.type                'Initial release' 
_pdbx_audit_revision_details.description         ? 
_pdbx_audit_revision_details.details             ? 
# 
loop_
_pdbx_audit_revision_group.ordinal 
_pdbx_audit_revision_group.revision_ordinal 
_pdbx_audit_revision_group.data_content_type 
_pdbx_audit_revision_group.group 
1 2 'Structure model' 'Version format compliance' 
2 3 'Structure model' 'Version format compliance' 
3 4 'Structure model' 'Data collection'           
4 4 'Structure model' 'Database references'       
5 4 'Structure model' 'Derived calculations'      
6 4 'Structure model' 'Refinement description'    
# 
loop_
_pdbx_audit_revision_category.ordinal 
_pdbx_audit_revision_category.revision_ordinal 
_pdbx_audit_revision_category.data_content_type 
_pdbx_audit_revision_category.category 
1 4 'Structure model' chem_comp_atom                
2 4 'Structure model' chem_comp_bond                
3 4 'Structure model' database_2                    
4 4 'Structure model' pdbx_initial_refinement_model 
5 4 'Structure model' struct_site                   
# 
loop_
_pdbx_audit_revision_item.ordinal 
_pdbx_audit_revision_item.revision_ordinal 
_pdbx_audit_revision_item.data_content_type 
_pdbx_audit_revision_item.item 
1 4 'Structure model' '_database_2.pdbx_DOI'                
2 4 'Structure model' '_database_2.pdbx_database_accession' 
3 4 'Structure model' '_struct_site.pdbx_auth_asym_id'      
4 4 'Structure model' '_struct_site.pdbx_auth_comp_id'      
5 4 'Structure model' '_struct_site.pdbx_auth_seq_id'       
# 
loop_
_software.name 
_software.classification 
_software.version 
_software.citation_id 
_software.pdbx_ordinal 
AMoRE     phasing          .   ? 1 
CNS       refinement       1.0 ? 2 
DENZO     'data reduction' .   ? 3 
SCALEPACK 'data scaling'   .   ? 4 
# 
_pdbx_validate_rmsd_angle.id                         1 
_pdbx_validate_rmsd_angle.PDB_model_num              1 
_pdbx_validate_rmsd_angle.auth_atom_id_1             N 
_pdbx_validate_rmsd_angle.auth_asym_id_1             A 
_pdbx_validate_rmsd_angle.auth_comp_id_1             LEU 
_pdbx_validate_rmsd_angle.auth_seq_id_1              4 
_pdbx_validate_rmsd_angle.PDB_ins_code_1             ? 
_pdbx_validate_rmsd_angle.label_alt_id_1             ? 
_pdbx_validate_rmsd_angle.auth_atom_id_2             CA 
_pdbx_validate_rmsd_angle.auth_asym_id_2             A 
_pdbx_validate_rmsd_angle.auth_comp_id_2             LEU 
_pdbx_validate_rmsd_angle.auth_seq_id_2              4 
_pdbx_validate_rmsd_angle.PDB_ins_code_2             ? 
_pdbx_validate_rmsd_angle.label_alt_id_2             ? 
_pdbx_validate_rmsd_angle.auth_atom_id_3             C 
_pdbx_validate_rmsd_angle.auth_asym_id_3             A 
_pdbx_validate_rmsd_angle.auth_comp_id_3             LEU 
_pdbx_validate_rmsd_angle.auth_seq_id_3              4 
_pdbx_validate_rmsd_angle.PDB_ins_code_3             ? 
_pdbx_validate_rmsd_angle.label_alt_id_3             ? 
_pdbx_validate_rmsd_angle.angle_value                128.67 
_pdbx_validate_rmsd_angle.angle_target_value         111.00 
_pdbx_validate_rmsd_angle.angle_deviation            17.67 
_pdbx_validate_rmsd_angle.angle_standard_deviation   2.70 
_pdbx_validate_rmsd_angle.linker_flag                N 
# 
loop_
_pdbx_validate_torsion.id 
_pdbx_validate_torsion.PDB_model_num 
_pdbx_validate_torsion.auth_comp_id 
_pdbx_validate_torsion.auth_asym_id 
_pdbx_validate_torsion.auth_seq_id 
_pdbx_validate_torsion.PDB_ins_code 
_pdbx_validate_torsion.label_alt_id 
_pdbx_validate_torsion.phi 
_pdbx_validate_torsion.psi 
1 1 LEU A 3   ? ? 167.44 65.34  
2 1 LEU A 4   ? ? -33.37 130.34 
3 1 PRO A 14  ? ? -43.25 172.80 
4 1 LYS A 73  ? ? -62.22 4.40   
5 1 ARG A 151 ? ? 179.92 163.00 
# 
loop_
_pdbx_unobs_or_zero_occ_residues.id 
_pdbx_unobs_or_zero_occ_residues.PDB_model_num 
_pdbx_unobs_or_zero_occ_residues.polymer_flag 
_pdbx_unobs_or_zero_occ_residues.occupancy_flag 
_pdbx_unobs_or_zero_occ_residues.auth_asym_id 
_pdbx_unobs_or_zero_occ_residues.auth_comp_id 
_pdbx_unobs_or_zero_occ_residues.auth_seq_id 
_pdbx_unobs_or_zero_occ_residues.PDB_ins_code 
_pdbx_unobs_or_zero_occ_residues.label_asym_id 
_pdbx_unobs_or_zero_occ_residues.label_comp_id 
_pdbx_unobs_or_zero_occ_residues.label_seq_id 
1 1 Y 1 A ASN 178 ? A ASN 177 
2 1 Y 1 A ALA 179 ? A ALA 178 
3 1 Y 1 A LYS 180 ? A LYS 179 
4 1 Y 1 A LYS 181 ? A LYS 180 
5 1 Y 1 A LYS 182 ? A LYS 181 
# 
loop_
_chem_comp_atom.comp_id 
_chem_comp_atom.atom_id 
_chem_comp_atom.type_symbol 
_chem_comp_atom.pdbx_aromatic_flag 
_chem_comp_atom.pdbx_stereo_config 
_chem_comp_atom.pdbx_ordinal 
ALA N      N N N 1   
ALA CA     C N S 2   
ALA C      C N N 3   
ALA O      O N N 4   
ALA CB     C N N 5   
ALA OXT    O N N 6   
ALA H      H N N 7   
ALA H2     H N N 8   
ALA HA     H N N 9   
ALA HB1    H N N 10  
ALA HB2    H N N 11  
ALA HB3    H N N 12  
ALA HXT    H N N 13  
ARG N      N N N 14  
ARG CA     C N S 15  
ARG C      C N N 16  
ARG O      O N N 17  
ARG CB     C N N 18  
ARG CG     C N N 19  
ARG CD     C N N 20  
ARG NE     N N N 21  
ARG CZ     C N N 22  
ARG NH1    N N N 23  
ARG NH2    N N N 24  
ARG OXT    O N N 25  
ARG H      H N N 26  
ARG H2     H N N 27  
ARG HA     H N N 28  
ARG HB2    H N N 29  
ARG HB3    H N N 30  
ARG HG2    H N N 31  
ARG HG3    H N N 32  
ARG HD2    H N N 33  
ARG HD3    H N N 34  
ARG HE     H N N 35  
ARG HH11   H N N 36  
ARG HH12   H N N 37  
ARG HH21   H N N 38  
ARG HH22   H N N 39  
ARG HXT    H N N 40  
ASN N      N N N 41  
ASN CA     C N S 42  
ASN C      C N N 43  
ASN O      O N N 44  
ASN CB     C N N 45  
ASN CG     C N N 46  
ASN OD1    O N N 47  
ASN ND2    N N N 48  
ASN OXT    O N N 49  
ASN H      H N N 50  
ASN H2     H N N 51  
ASN HA     H N N 52  
ASN HB2    H N N 53  
ASN HB3    H N N 54  
ASN HD21   H N N 55  
ASN HD22   H N N 56  
ASN HXT    H N N 57  
ASP N      N N N 58  
ASP CA     C N S 59  
ASP C      C N N 60  
ASP O      O N N 61  
ASP CB     C N N 62  
ASP CG     C N N 63  
ASP OD1    O N N 64  
ASP OD2    O N N 65  
ASP OXT    O N N 66  
ASP H      H N N 67  
ASP H2     H N N 68  
ASP HA     H N N 69  
ASP HB2    H N N 70  
ASP HB3    H N N 71  
ASP HD2    H N N 72  
ASP HXT    H N N 73  
CYS N      N N N 74  
CYS CA     C N R 75  
CYS C      C N N 76  
CYS O      O N N 77  
CYS CB     C N N 78  
CYS SG     S N N 79  
CYS OXT    O N N 80  
CYS H      H N N 81  
CYS H2     H N N 82  
CYS HA     H N N 83  
CYS HB2    H N N 84  
CYS HB3    H N N 85  
CYS HG     H N N 86  
CYS HXT    H N N 87  
GDP PB     P N N 88  
GDP O1B    O N N 89  
GDP O2B    O N N 90  
GDP O3B    O N N 91  
GDP O3A    O N N 92  
GDP PA     P N N 93  
GDP O1A    O N N 94  
GDP O2A    O N N 95  
GDP "O5'"  O N N 96  
GDP "C5'"  C N N 97  
GDP "C4'"  C N R 98  
GDP "O4'"  O N N 99  
GDP "C3'"  C N S 100 
GDP "O3'"  O N N 101 
GDP "C2'"  C N R 102 
GDP "O2'"  O N N 103 
GDP "C1'"  C N R 104 
GDP N9     N Y N 105 
GDP C8     C Y N 106 
GDP N7     N Y N 107 
GDP C5     C Y N 108 
GDP C6     C N N 109 
GDP O6     O N N 110 
GDP N1     N N N 111 
GDP C2     C N N 112 
GDP N2     N N N 113 
GDP N3     N N N 114 
GDP C4     C Y N 115 
GDP HOB2   H N N 116 
GDP HOB3   H N N 117 
GDP HOA2   H N N 118 
GDP "H5'"  H N N 119 
GDP "H5''" H N N 120 
GDP "H4'"  H N N 121 
GDP "H3'"  H N N 122 
GDP "HO3'" H N N 123 
GDP "H2'"  H N N 124 
GDP "HO2'" H N N 125 
GDP "H1'"  H N N 126 
GDP H8     H N N 127 
GDP HN1    H N N 128 
GDP HN21   H N N 129 
GDP HN22   H N N 130 
GLN N      N N N 131 
GLN CA     C N S 132 
GLN C      C N N 133 
GLN O      O N N 134 
GLN CB     C N N 135 
GLN CG     C N N 136 
GLN CD     C N N 137 
GLN OE1    O N N 138 
GLN NE2    N N N 139 
GLN OXT    O N N 140 
GLN H      H N N 141 
GLN H2     H N N 142 
GLN HA     H N N 143 
GLN HB2    H N N 144 
GLN HB3    H N N 145 
GLN HG2    H N N 146 
GLN HG3    H N N 147 
GLN HE21   H N N 148 
GLN HE22   H N N 149 
GLN HXT    H N N 150 
GLU N      N N N 151 
GLU CA     C N S 152 
GLU C      C N N 153 
GLU O      O N N 154 
GLU CB     C N N 155 
GLU CG     C N N 156 
GLU CD     C N N 157 
GLU OE1    O N N 158 
GLU OE2    O N N 159 
GLU OXT    O N N 160 
GLU H      H N N 161 
GLU H2     H N N 162 
GLU HA     H N N 163 
GLU HB2    H N N 164 
GLU HB3    H N N 165 
GLU HG2    H N N 166 
GLU HG3    H N N 167 
GLU HE2    H N N 168 
GLU HXT    H N N 169 
GLY N      N N N 170 
GLY CA     C N N 171 
GLY C      C N N 172 
GLY O      O N N 173 
GLY OXT    O N N 174 
GLY H      H N N 175 
GLY H2     H N N 176 
GLY HA2    H N N 177 
GLY HA3    H N N 178 
GLY HXT    H N N 179 
HIS N      N N N 180 
HIS CA     C N S 181 
HIS C      C N N 182 
HIS O      O N N 183 
HIS CB     C N N 184 
HIS CG     C Y N 185 
HIS ND1    N Y N 186 
HIS CD2    C Y N 187 
HIS CE1    C Y N 188 
HIS NE2    N Y N 189 
HIS OXT    O N N 190 
HIS H      H N N 191 
HIS H2     H N N 192 
HIS HA     H N N 193 
HIS HB2    H N N 194 
HIS HB3    H N N 195 
HIS HD1    H N N 196 
HIS HD2    H N N 197 
HIS HE1    H N N 198 
HIS HE2    H N N 199 
HIS HXT    H N N 200 
HOH O      O N N 201 
HOH H1     H N N 202 
HOH H2     H N N 203 
ILE N      N N N 204 
ILE CA     C N S 205 
ILE C      C N N 206 
ILE O      O N N 207 
ILE CB     C N S 208 
ILE CG1    C N N 209 
ILE CG2    C N N 210 
ILE CD1    C N N 211 
ILE OXT    O N N 212 
ILE H      H N N 213 
ILE H2     H N N 214 
ILE HA     H N N 215 
ILE HB     H N N 216 
ILE HG12   H N N 217 
ILE HG13   H N N 218 
ILE HG21   H N N 219 
ILE HG22   H N N 220 
ILE HG23   H N N 221 
ILE HD11   H N N 222 
ILE HD12   H N N 223 
ILE HD13   H N N 224 
ILE HXT    H N N 225 
LEU N      N N N 226 
LEU CA     C N S 227 
LEU C      C N N 228 
LEU O      O N N 229 
LEU CB     C N N 230 
LEU CG     C N N 231 
LEU CD1    C N N 232 
LEU CD2    C N N 233 
LEU OXT    O N N 234 
LEU H      H N N 235 
LEU H2     H N N 236 
LEU HA     H N N 237 
LEU HB2    H N N 238 
LEU HB3    H N N 239 
LEU HG     H N N 240 
LEU HD11   H N N 241 
LEU HD12   H N N 242 
LEU HD13   H N N 243 
LEU HD21   H N N 244 
LEU HD22   H N N 245 
LEU HD23   H N N 246 
LEU HXT    H N N 247 
LYS N      N N N 248 
LYS CA     C N S 249 
LYS C      C N N 250 
LYS O      O N N 251 
LYS CB     C N N 252 
LYS CG     C N N 253 
LYS CD     C N N 254 
LYS CE     C N N 255 
LYS NZ     N N N 256 
LYS OXT    O N N 257 
LYS H      H N N 258 
LYS H2     H N N 259 
LYS HA     H N N 260 
LYS HB2    H N N 261 
LYS HB3    H N N 262 
LYS HG2    H N N 263 
LYS HG3    H N N 264 
LYS HD2    H N N 265 
LYS HD3    H N N 266 
LYS HE2    H N N 267 
LYS HE3    H N N 268 
LYS HZ1    H N N 269 
LYS HZ2    H N N 270 
LYS HZ3    H N N 271 
LYS HXT    H N N 272 
MES O1     O N N 273 
MES C2     C N N 274 
MES C3     C N N 275 
MES N4     N N N 276 
MES C5     C N N 277 
MES C6     C N N 278 
MES C7     C N N 279 
MES C8     C N N 280 
MES S      S N N 281 
MES O1S    O N N 282 
MES O2S    O N N 283 
MES O3S    O N N 284 
MES H21    H N N 285 
MES H22    H N N 286 
MES H31    H N N 287 
MES H32    H N N 288 
MES HN4    H N N 289 
MES H51    H N N 290 
MES H52    H N N 291 
MES H61    H N N 292 
MES H62    H N N 293 
MES H71    H N N 294 
MES H72    H N N 295 
MES H81    H N N 296 
MES H82    H N N 297 
MET N      N N N 298 
MET CA     C N S 299 
MET C      C N N 300 
MET O      O N N 301 
MET CB     C N N 302 
MET CG     C N N 303 
MET SD     S N N 304 
MET CE     C N N 305 
MET OXT    O N N 306 
MET H      H N N 307 
MET H2     H N N 308 
MET HA     H N N 309 
MET HB2    H N N 310 
MET HB3    H N N 311 
MET HG2    H N N 312 
MET HG3    H N N 313 
MET HE1    H N N 314 
MET HE2    H N N 315 
MET HE3    H N N 316 
MET HXT    H N N 317 
NH4 N      N N N 318 
NH4 HN1    H N N 319 
NH4 HN2    H N N 320 
NH4 HN3    H N N 321 
NH4 HN4    H N N 322 
PHE N      N N N 323 
PHE CA     C N S 324 
PHE C      C N N 325 
PHE O      O N N 326 
PHE CB     C N N 327 
PHE CG     C Y N 328 
PHE CD1    C Y N 329 
PHE CD2    C Y N 330 
PHE CE1    C Y N 331 
PHE CE2    C Y N 332 
PHE CZ     C Y N 333 
PHE OXT    O N N 334 
PHE H      H N N 335 
PHE H2     H N N 336 
PHE HA     H N N 337 
PHE HB2    H N N 338 
PHE HB3    H N N 339 
PHE HD1    H N N 340 
PHE HD2    H N N 341 
PHE HE1    H N N 342 
PHE HE2    H N N 343 
PHE HZ     H N N 344 
PHE HXT    H N N 345 
PRO N      N N N 346 
PRO CA     C N S 347 
PRO C      C N N 348 
PRO O      O N N 349 
PRO CB     C N N 350 
PRO CG     C N N 351 
PRO CD     C N N 352 
PRO OXT    O N N 353 
PRO H      H N N 354 
PRO HA     H N N 355 
PRO HB2    H N N 356 
PRO HB3    H N N 357 
PRO HG2    H N N 358 
PRO HG3    H N N 359 
PRO HD2    H N N 360 
PRO HD3    H N N 361 
PRO HXT    H N N 362 
SER N      N N N 363 
SER CA     C N S 364 
SER C      C N N 365 
SER O      O N N 366 
SER CB     C N N 367 
SER OG     O N N 368 
SER OXT    O N N 369 
SER H      H N N 370 
SER H2     H N N 371 
SER HA     H N N 372 
SER HB2    H N N 373 
SER HB3    H N N 374 
SER HG     H N N 375 
SER HXT    H N N 376 
SO4 S      S N N 377 
SO4 O1     O N N 378 
SO4 O2     O N N 379 
SO4 O3     O N N 380 
SO4 O4     O N N 381 
THR N      N N N 382 
THR CA     C N S 383 
THR C      C N N 384 
THR O      O N N 385 
THR CB     C N R 386 
THR OG1    O N N 387 
THR CG2    C N N 388 
THR OXT    O N N 389 
THR H      H N N 390 
THR H2     H N N 391 
THR HA     H N N 392 
THR HB     H N N 393 
THR HG1    H N N 394 
THR HG21   H N N 395 
THR HG22   H N N 396 
THR HG23   H N N 397 
THR HXT    H N N 398 
TRP N      N N N 399 
TRP CA     C N S 400 
TRP C      C N N 401 
TRP O      O N N 402 
TRP CB     C N N 403 
TRP CG     C Y N 404 
TRP CD1    C Y N 405 
TRP CD2    C Y N 406 
TRP NE1    N Y N 407 
TRP CE2    C Y N 408 
TRP CE3    C Y N 409 
TRP CZ2    C Y N 410 
TRP CZ3    C Y N 411 
TRP CH2    C Y N 412 
TRP OXT    O N N 413 
TRP H      H N N 414 
TRP H2     H N N 415 
TRP HA     H N N 416 
TRP HB2    H N N 417 
TRP HB3    H N N 418 
TRP HD1    H N N 419 
TRP HE1    H N N 420 
TRP HE3    H N N 421 
TRP HZ2    H N N 422 
TRP HZ3    H N N 423 
TRP HH2    H N N 424 
TRP HXT    H N N 425 
TYR N      N N N 426 
TYR CA     C N S 427 
TYR C      C N N 428 
TYR O      O N N 429 
TYR CB     C N N 430 
TYR CG     C Y N 431 
TYR CD1    C Y N 432 
TYR CD2    C Y N 433 
TYR CE1    C Y N 434 
TYR CE2    C Y N 435 
TYR CZ     C Y N 436 
TYR OH     O N N 437 
TYR OXT    O N N 438 
TYR H      H N N 439 
TYR H2     H N N 440 
TYR HA     H N N 441 
TYR HB2    H N N 442 
TYR HB3    H N N 443 
TYR HD1    H N N 444 
TYR HD2    H N N 445 
TYR HE1    H N N 446 
TYR HE2    H N N 447 
TYR HH     H N N 448 
TYR HXT    H N N 449 
VAL N      N N N 450 
VAL CA     C N S 451 
VAL C      C N N 452 
VAL O      O N N 453 
VAL CB     C N N 454 
VAL CG1    C N N 455 
VAL CG2    C N N 456 
VAL OXT    O N N 457 
VAL H      H N N 458 
VAL H2     H N N 459 
VAL HA     H N N 460 
VAL HB     H N N 461 
VAL HG11   H N N 462 
VAL HG12   H N N 463 
VAL HG13   H N N 464 
VAL HG21   H N N 465 
VAL HG22   H N N 466 
VAL HG23   H N N 467 
VAL HXT    H N N 468 
# 
loop_
_chem_comp_bond.comp_id 
_chem_comp_bond.atom_id_1 
_chem_comp_bond.atom_id_2 
_chem_comp_bond.value_order 
_chem_comp_bond.pdbx_aromatic_flag 
_chem_comp_bond.pdbx_stereo_config 
_chem_comp_bond.pdbx_ordinal 
ALA N     CA     sing N N 1   
ALA N     H      sing N N 2   
ALA N     H2     sing N N 3   
ALA CA    C      sing N N 4   
ALA CA    CB     sing N N 5   
ALA CA    HA     sing N N 6   
ALA C     O      doub N N 7   
ALA C     OXT    sing N N 8   
ALA CB    HB1    sing N N 9   
ALA CB    HB2    sing N N 10  
ALA CB    HB3    sing N N 11  
ALA OXT   HXT    sing N N 12  
ARG N     CA     sing N N 13  
ARG N     H      sing N N 14  
ARG N     H2     sing N N 15  
ARG CA    C      sing N N 16  
ARG CA    CB     sing N N 17  
ARG CA    HA     sing N N 18  
ARG C     O      doub N N 19  
ARG C     OXT    sing N N 20  
ARG CB    CG     sing N N 21  
ARG CB    HB2    sing N N 22  
ARG CB    HB3    sing N N 23  
ARG CG    CD     sing N N 24  
ARG CG    HG2    sing N N 25  
ARG CG    HG3    sing N N 26  
ARG CD    NE     sing N N 27  
ARG CD    HD2    sing N N 28  
ARG CD    HD3    sing N N 29  
ARG NE    CZ     sing N N 30  
ARG NE    HE     sing N N 31  
ARG CZ    NH1    sing N N 32  
ARG CZ    NH2    doub N N 33  
ARG NH1   HH11   sing N N 34  
ARG NH1   HH12   sing N N 35  
ARG NH2   HH21   sing N N 36  
ARG NH2   HH22   sing N N 37  
ARG OXT   HXT    sing N N 38  
ASN N     CA     sing N N 39  
ASN N     H      sing N N 40  
ASN N     H2     sing N N 41  
ASN CA    C      sing N N 42  
ASN CA    CB     sing N N 43  
ASN CA    HA     sing N N 44  
ASN C     O      doub N N 45  
ASN C     OXT    sing N N 46  
ASN CB    CG     sing N N 47  
ASN CB    HB2    sing N N 48  
ASN CB    HB3    sing N N 49  
ASN CG    OD1    doub N N 50  
ASN CG    ND2    sing N N 51  
ASN ND2   HD21   sing N N 52  
ASN ND2   HD22   sing N N 53  
ASN OXT   HXT    sing N N 54  
ASP N     CA     sing N N 55  
ASP N     H      sing N N 56  
ASP N     H2     sing N N 57  
ASP CA    C      sing N N 58  
ASP CA    CB     sing N N 59  
ASP CA    HA     sing N N 60  
ASP C     O      doub N N 61  
ASP C     OXT    sing N N 62  
ASP CB    CG     sing N N 63  
ASP CB    HB2    sing N N 64  
ASP CB    HB3    sing N N 65  
ASP CG    OD1    doub N N 66  
ASP CG    OD2    sing N N 67  
ASP OD2   HD2    sing N N 68  
ASP OXT   HXT    sing N N 69  
CYS N     CA     sing N N 70  
CYS N     H      sing N N 71  
CYS N     H2     sing N N 72  
CYS CA    C      sing N N 73  
CYS CA    CB     sing N N 74  
CYS CA    HA     sing N N 75  
CYS C     O      doub N N 76  
CYS C     OXT    sing N N 77  
CYS CB    SG     sing N N 78  
CYS CB    HB2    sing N N 79  
CYS CB    HB3    sing N N 80  
CYS SG    HG     sing N N 81  
CYS OXT   HXT    sing N N 82  
GDP PB    O1B    doub N N 83  
GDP PB    O2B    sing N N 84  
GDP PB    O3B    sing N N 85  
GDP PB    O3A    sing N N 86  
GDP O2B   HOB2   sing N N 87  
GDP O3B   HOB3   sing N N 88  
GDP O3A   PA     sing N N 89  
GDP PA    O1A    doub N N 90  
GDP PA    O2A    sing N N 91  
GDP PA    "O5'"  sing N N 92  
GDP O2A   HOA2   sing N N 93  
GDP "O5'" "C5'"  sing N N 94  
GDP "C5'" "C4'"  sing N N 95  
GDP "C5'" "H5'"  sing N N 96  
GDP "C5'" "H5''" sing N N 97  
GDP "C4'" "O4'"  sing N N 98  
GDP "C4'" "C3'"  sing N N 99  
GDP "C4'" "H4'"  sing N N 100 
GDP "O4'" "C1'"  sing N N 101 
GDP "C3'" "O3'"  sing N N 102 
GDP "C3'" "C2'"  sing N N 103 
GDP "C3'" "H3'"  sing N N 104 
GDP "O3'" "HO3'" sing N N 105 
GDP "C2'" "O2'"  sing N N 106 
GDP "C2'" "C1'"  sing N N 107 
GDP "C2'" "H2'"  sing N N 108 
GDP "O2'" "HO2'" sing N N 109 
GDP "C1'" N9     sing N N 110 
GDP "C1'" "H1'"  sing N N 111 
GDP N9    C8     sing Y N 112 
GDP N9    C4     sing Y N 113 
GDP C8    N7     doub Y N 114 
GDP C8    H8     sing N N 115 
GDP N7    C5     sing Y N 116 
GDP C5    C6     sing N N 117 
GDP C5    C4     doub Y N 118 
GDP C6    O6     doub N N 119 
GDP C6    N1     sing N N 120 
GDP N1    C2     sing N N 121 
GDP N1    HN1    sing N N 122 
GDP C2    N2     sing N N 123 
GDP C2    N3     doub N N 124 
GDP N2    HN21   sing N N 125 
GDP N2    HN22   sing N N 126 
GDP N3    C4     sing N N 127 
GLN N     CA     sing N N 128 
GLN N     H      sing N N 129 
GLN N     H2     sing N N 130 
GLN CA    C      sing N N 131 
GLN CA    CB     sing N N 132 
GLN CA    HA     sing N N 133 
GLN C     O      doub N N 134 
GLN C     OXT    sing N N 135 
GLN CB    CG     sing N N 136 
GLN CB    HB2    sing N N 137 
GLN CB    HB3    sing N N 138 
GLN CG    CD     sing N N 139 
GLN CG    HG2    sing N N 140 
GLN CG    HG3    sing N N 141 
GLN CD    OE1    doub N N 142 
GLN CD    NE2    sing N N 143 
GLN NE2   HE21   sing N N 144 
GLN NE2   HE22   sing N N 145 
GLN OXT   HXT    sing N N 146 
GLU N     CA     sing N N 147 
GLU N     H      sing N N 148 
GLU N     H2     sing N N 149 
GLU CA    C      sing N N 150 
GLU CA    CB     sing N N 151 
GLU CA    HA     sing N N 152 
GLU C     O      doub N N 153 
GLU C     OXT    sing N N 154 
GLU CB    CG     sing N N 155 
GLU CB    HB2    sing N N 156 
GLU CB    HB3    sing N N 157 
GLU CG    CD     sing N N 158 
GLU CG    HG2    sing N N 159 
GLU CG    HG3    sing N N 160 
GLU CD    OE1    doub N N 161 
GLU CD    OE2    sing N N 162 
GLU OE2   HE2    sing N N 163 
GLU OXT   HXT    sing N N 164 
GLY N     CA     sing N N 165 
GLY N     H      sing N N 166 
GLY N     H2     sing N N 167 
GLY CA    C      sing N N 168 
GLY CA    HA2    sing N N 169 
GLY CA    HA3    sing N N 170 
GLY C     O      doub N N 171 
GLY C     OXT    sing N N 172 
GLY OXT   HXT    sing N N 173 
HIS N     CA     sing N N 174 
HIS N     H      sing N N 175 
HIS N     H2     sing N N 176 
HIS CA    C      sing N N 177 
HIS CA    CB     sing N N 178 
HIS CA    HA     sing N N 179 
HIS C     O      doub N N 180 
HIS C     OXT    sing N N 181 
HIS CB    CG     sing N N 182 
HIS CB    HB2    sing N N 183 
HIS CB    HB3    sing N N 184 
HIS CG    ND1    sing Y N 185 
HIS CG    CD2    doub Y N 186 
HIS ND1   CE1    doub Y N 187 
HIS ND1   HD1    sing N N 188 
HIS CD2   NE2    sing Y N 189 
HIS CD2   HD2    sing N N 190 
HIS CE1   NE2    sing Y N 191 
HIS CE1   HE1    sing N N 192 
HIS NE2   HE2    sing N N 193 
HIS OXT   HXT    sing N N 194 
HOH O     H1     sing N N 195 
HOH O     H2     sing N N 196 
ILE N     CA     sing N N 197 
ILE N     H      sing N N 198 
ILE N     H2     sing N N 199 
ILE CA    C      sing N N 200 
ILE CA    CB     sing N N 201 
ILE CA    HA     sing N N 202 
ILE C     O      doub N N 203 
ILE C     OXT    sing N N 204 
ILE CB    CG1    sing N N 205 
ILE CB    CG2    sing N N 206 
ILE CB    HB     sing N N 207 
ILE CG1   CD1    sing N N 208 
ILE CG1   HG12   sing N N 209 
ILE CG1   HG13   sing N N 210 
ILE CG2   HG21   sing N N 211 
ILE CG2   HG22   sing N N 212 
ILE CG2   HG23   sing N N 213 
ILE CD1   HD11   sing N N 214 
ILE CD1   HD12   sing N N 215 
ILE CD1   HD13   sing N N 216 
ILE OXT   HXT    sing N N 217 
LEU N     CA     sing N N 218 
LEU N     H      sing N N 219 
LEU N     H2     sing N N 220 
LEU CA    C      sing N N 221 
LEU CA    CB     sing N N 222 
LEU CA    HA     sing N N 223 
LEU C     O      doub N N 224 
LEU C     OXT    sing N N 225 
LEU CB    CG     sing N N 226 
LEU CB    HB2    sing N N 227 
LEU CB    HB3    sing N N 228 
LEU CG    CD1    sing N N 229 
LEU CG    CD2    sing N N 230 
LEU CG    HG     sing N N 231 
LEU CD1   HD11   sing N N 232 
LEU CD1   HD12   sing N N 233 
LEU CD1   HD13   sing N N 234 
LEU CD2   HD21   sing N N 235 
LEU CD2   HD22   sing N N 236 
LEU CD2   HD23   sing N N 237 
LEU OXT   HXT    sing N N 238 
LYS N     CA     sing N N 239 
LYS N     H      sing N N 240 
LYS N     H2     sing N N 241 
LYS CA    C      sing N N 242 
LYS CA    CB     sing N N 243 
LYS CA    HA     sing N N 244 
LYS C     O      doub N N 245 
LYS C     OXT    sing N N 246 
LYS CB    CG     sing N N 247 
LYS CB    HB2    sing N N 248 
LYS CB    HB3    sing N N 249 
LYS CG    CD     sing N N 250 
LYS CG    HG2    sing N N 251 
LYS CG    HG3    sing N N 252 
LYS CD    CE     sing N N 253 
LYS CD    HD2    sing N N 254 
LYS CD    HD3    sing N N 255 
LYS CE    NZ     sing N N 256 
LYS CE    HE2    sing N N 257 
LYS CE    HE3    sing N N 258 
LYS NZ    HZ1    sing N N 259 
LYS NZ    HZ2    sing N N 260 
LYS NZ    HZ3    sing N N 261 
LYS OXT   HXT    sing N N 262 
MES O1    C2     sing N N 263 
MES O1    C6     sing N N 264 
MES C2    C3     sing N N 265 
MES C2    H21    sing N N 266 
MES C2    H22    sing N N 267 
MES C3    N4     sing N N 268 
MES C3    H31    sing N N 269 
MES C3    H32    sing N N 270 
MES N4    C5     sing N N 271 
MES N4    C7     sing N N 272 
MES N4    HN4    sing N N 273 
MES C5    C6     sing N N 274 
MES C5    H51    sing N N 275 
MES C5    H52    sing N N 276 
MES C6    H61    sing N N 277 
MES C6    H62    sing N N 278 
MES C7    C8     sing N N 279 
MES C7    H71    sing N N 280 
MES C7    H72    sing N N 281 
MES C8    S      sing N N 282 
MES C8    H81    sing N N 283 
MES C8    H82    sing N N 284 
MES S     O1S    doub N N 285 
MES S     O2S    doub N N 286 
MES S     O3S    sing N N 287 
MET N     CA     sing N N 288 
MET N     H      sing N N 289 
MET N     H2     sing N N 290 
MET CA    C      sing N N 291 
MET CA    CB     sing N N 292 
MET CA    HA     sing N N 293 
MET C     O      doub N N 294 
MET C     OXT    sing N N 295 
MET CB    CG     sing N N 296 
MET CB    HB2    sing N N 297 
MET CB    HB3    sing N N 298 
MET CG    SD     sing N N 299 
MET CG    HG2    sing N N 300 
MET CG    HG3    sing N N 301 
MET SD    CE     sing N N 302 
MET CE    HE1    sing N N 303 
MET CE    HE2    sing N N 304 
MET CE    HE3    sing N N 305 
MET OXT   HXT    sing N N 306 
NH4 N     HN1    sing N N 307 
NH4 N     HN2    sing N N 308 
NH4 N     HN3    sing N N 309 
NH4 N     HN4    sing N N 310 
PHE N     CA     sing N N 311 
PHE N     H      sing N N 312 
PHE N     H2     sing N N 313 
PHE CA    C      sing N N 314 
PHE CA    CB     sing N N 315 
PHE CA    HA     sing N N 316 
PHE C     O      doub N N 317 
PHE C     OXT    sing N N 318 
PHE CB    CG     sing N N 319 
PHE CB    HB2    sing N N 320 
PHE CB    HB3    sing N N 321 
PHE CG    CD1    doub Y N 322 
PHE CG    CD2    sing Y N 323 
PHE CD1   CE1    sing Y N 324 
PHE CD1   HD1    sing N N 325 
PHE CD2   CE2    doub Y N 326 
PHE CD2   HD2    sing N N 327 
PHE CE1   CZ     doub Y N 328 
PHE CE1   HE1    sing N N 329 
PHE CE2   CZ     sing Y N 330 
PHE CE2   HE2    sing N N 331 
PHE CZ    HZ     sing N N 332 
PHE OXT   HXT    sing N N 333 
PRO N     CA     sing N N 334 
PRO N     CD     sing N N 335 
PRO N     H      sing N N 336 
PRO CA    C      sing N N 337 
PRO CA    CB     sing N N 338 
PRO CA    HA     sing N N 339 
PRO C     O      doub N N 340 
PRO C     OXT    sing N N 341 
PRO CB    CG     sing N N 342 
PRO CB    HB2    sing N N 343 
PRO CB    HB3    sing N N 344 
PRO CG    CD     sing N N 345 
PRO CG    HG2    sing N N 346 
PRO CG    HG3    sing N N 347 
PRO CD    HD2    sing N N 348 
PRO CD    HD3    sing N N 349 
PRO OXT   HXT    sing N N 350 
SER N     CA     sing N N 351 
SER N     H      sing N N 352 
SER N     H2     sing N N 353 
SER CA    C      sing N N 354 
SER CA    CB     sing N N 355 
SER CA    HA     sing N N 356 
SER C     O      doub N N 357 
SER C     OXT    sing N N 358 
SER CB    OG     sing N N 359 
SER CB    HB2    sing N N 360 
SER CB    HB3    sing N N 361 
SER OG    HG     sing N N 362 
SER OXT   HXT    sing N N 363 
SO4 S     O1     doub N N 364 
SO4 S     O2     doub N N 365 
SO4 S     O3     sing N N 366 
SO4 S     O4     sing N N 367 
THR N     CA     sing N N 368 
THR N     H      sing N N 369 
THR N     H2     sing N N 370 
THR CA    C      sing N N 371 
THR CA    CB     sing N N 372 
THR CA    HA     sing N N 373 
THR C     O      doub N N 374 
THR C     OXT    sing N N 375 
THR CB    OG1    sing N N 376 
THR CB    CG2    sing N N 377 
THR CB    HB     sing N N 378 
THR OG1   HG1    sing N N 379 
THR CG2   HG21   sing N N 380 
THR CG2   HG22   sing N N 381 
THR CG2   HG23   sing N N 382 
THR OXT   HXT    sing N N 383 
TRP N     CA     sing N N 384 
TRP N     H      sing N N 385 
TRP N     H2     sing N N 386 
TRP CA    C      sing N N 387 
TRP CA    CB     sing N N 388 
TRP CA    HA     sing N N 389 
TRP C     O      doub N N 390 
TRP C     OXT    sing N N 391 
TRP CB    CG     sing N N 392 
TRP CB    HB2    sing N N 393 
TRP CB    HB3    sing N N 394 
TRP CG    CD1    doub Y N 395 
TRP CG    CD2    sing Y N 396 
TRP CD1   NE1    sing Y N 397 
TRP CD1   HD1    sing N N 398 
TRP CD2   CE2    doub Y N 399 
TRP CD2   CE3    sing Y N 400 
TRP NE1   CE2    sing Y N 401 
TRP NE1   HE1    sing N N 402 
TRP CE2   CZ2    sing Y N 403 
TRP CE3   CZ3    doub Y N 404 
TRP CE3   HE3    sing N N 405 
TRP CZ2   CH2    doub Y N 406 
TRP CZ2   HZ2    sing N N 407 
TRP CZ3   CH2    sing Y N 408 
TRP CZ3   HZ3    sing N N 409 
TRP CH2   HH2    sing N N 410 
TRP OXT   HXT    sing N N 411 
TYR N     CA     sing N N 412 
TYR N     H      sing N N 413 
TYR N     H2     sing N N 414 
TYR CA    C      sing N N 415 
TYR CA    CB     sing N N 416 
TYR CA    HA     sing N N 417 
TYR C     O      doub N N 418 
TYR C     OXT    sing N N 419 
TYR CB    CG     sing N N 420 
TYR CB    HB2    sing N N 421 
TYR CB    HB3    sing N N 422 
TYR CG    CD1    doub Y N 423 
TYR CG    CD2    sing Y N 424 
TYR CD1   CE1    sing Y N 425 
TYR CD1   HD1    sing N N 426 
TYR CD2   CE2    doub Y N 427 
TYR CD2   HD2    sing N N 428 
TYR CE1   CZ     doub Y N 429 
TYR CE1   HE1    sing N N 430 
TYR CE2   CZ     sing Y N 431 
TYR CE2   HE2    sing N N 432 
TYR CZ    OH     sing N N 433 
TYR OH    HH     sing N N 434 
TYR OXT   HXT    sing N N 435 
VAL N     CA     sing N N 436 
VAL N     H      sing N N 437 
VAL N     H2     sing N N 438 
VAL CA    C      sing N N 439 
VAL CA    CB     sing N N 440 
VAL CA    HA     sing N N 441 
VAL C     O      doub N N 442 
VAL C     OXT    sing N N 443 
VAL CB    CG1    sing N N 444 
VAL CB    CG2    sing N N 445 
VAL CB    HB     sing N N 446 
VAL CG1   HG11   sing N N 447 
VAL CG1   HG12   sing N N 448 
VAL CG1   HG13   sing N N 449 
VAL CG2   HG21   sing N N 450 
VAL CG2   HG22   sing N N 451 
VAL CG2   HG23   sing N N 452 
VAL OXT   HXT    sing N N 453 
# 
loop_
_pdbx_entity_nonpoly.entity_id 
_pdbx_entity_nonpoly.name 
_pdbx_entity_nonpoly.comp_id 
2 'SULFATE ION'                          SO4 
3 'AMMONIUM ION'                         NH4 
4 '2-(N-MORPHOLINO)-ETHANESULFONIC ACID' MES 
5 "GUANOSINE-5'-DIPHOSPHATE"             GDP 
6 water                                  HOH 
# 
_pdbx_initial_refinement_model.id               1 
_pdbx_initial_refinement_model.entity_id_list   ? 
_pdbx_initial_refinement_model.type             'experimental model' 
_pdbx_initial_refinement_model.source_name      PDB 
_pdbx_initial_refinement_model.accession_code   1HUR 
_pdbx_initial_refinement_model.details          'human ARF1-GDP, PDB ENTRY 1HUR' 
# 
